data_9OMV
#
_entry.id   9OMV
#
_cell.length_a   1.00
_cell.length_b   1.00
_cell.length_c   1.00
_cell.angle_alpha   90.00
_cell.angle_beta   90.00
_cell.angle_gamma   90.00
#
_symmetry.space_group_name_H-M   'P 1'
#
loop_
_entity.id
_entity.type
_entity.pdbx_description
1 polymer 'Transcription regulator'
2 polymer 'Phospholipid-transporting ATPase'
3 branched 2-acetamido-2-deoxy-beta-D-glucopyranose-(1-4)-2-acetamido-2-deoxy-beta-D-glucopyranose
4 branched alpha-D-mannopyranose-(1-4)-alpha-D-mannopyranose-(1-6)-[alpha-D-mannopyranose-(1-3)]beta-D-mannopyranose-(1-4)-2-acetamido-2-deoxy-beta-D-glucopyranose-(1-4)-2-acetamido-2-deoxy-beta-D-glucopyranose
5 non-polymer 2-acetamido-2-deoxy-beta-D-glucopyranose
6 non-polymer 'BERYLLIUM TRIFLUORIDE ION'
7 non-polymer 'MAGNESIUM ION'
8 non-polymer (3R,4R,5S)-3,4-dihydroxy-5-[(1R,2R,3S,4S,5R,6R,8E,10E,14E,16Z)-1,2,3,4,5-pentahydroxy-6,20,20-trimethylhenicosa-8,10,14,16-tetraen-1-yl]oxolan-2-one
#
loop_
_entity_poly.entity_id
_entity_poly.type
_entity_poly.pdbx_seq_one_letter_code
_entity_poly.pdbx_strand_id
1 'polypeptide(L)'
;MAIFNRKPKARLDGEPAPTEKEKVKWSKRPANTAFKQQRLKAWQPILTPKSVLPTLLIIGIIFAPIGALIVWGSGKVTTI
TLDYTECDVDAPTDGSYQAMPNSAYQYDLATSSSVSESSIASPTWTFSNDSSREVGETARCEIEFEVPYDLGPGLFLYYK
LTNYYQNHRRYSSSFDATQLIGDSRSLSQINGGNCKPITSRDGKPYYPCGLIANSLFNDTFPSVVLLNPTNGAQNQTYNF
SESGIAWGGIKKNYASTLTYISPSDVLPPPNWALKYPNGYVDGFPNLREDEHFQVWMRVAALPTFRKLWARNDGEIMSQG
RYRIVANMNYPVKQFSGTKSIVISTVSWIGGKQPFLGWAYIAAAILCVVLAVAGLIRHLVKPRKLGDMSLLSWNQPNANG
LHHHHHHHHHH
;
B
2 'polypeptide(L)'
;MGASKPPLVPRSKKHNPSWLDRNIVKPLESLAPSKLFARRRSPPVPRSVFINEPLPSEYYDKKGKILRAHHFATNQNVTS
KYTVITFIPKNLFEQFRRVANCFFLAISILQFFPKFSTISPGLVILPLIIVLAITALKDGYEDIKRHQADHRTNHAIVHV
LGGQDYTNQNPMASKDKTFIPAIPLPKRRSKKAKKAEEEAALNMQGRSSSTENFAAEPVPGAEPRGQDELQRMRSQVSNW
DEDPEAGDSPGELGWHRTIWEDVKVGDFVKIYENEQFPADIVICATSEEEDVAYIETKNLDGETNLKSRNGVPGLSHLNT
AEACAKAHLCIDLDAPESNMFRLNGAVINLEEYDEDEQHPIHPITLETTMLRGCVLKNTAWVIGIIVYTGEDTKIIRNAG
ATPSKRSKVEKQMNPQVIINLVILAAIAVVCAIVDHVNEVEWDRQQAYWMLFADTSGDNPNINGLVTFANAFITFQNIVP
ISLYISIEAVRTIQAAFIYWDRDIKYKKDGVTTRTTARSWNLSDDLGQIEYIFSDKTGTLTQNAMIFRQCSVGGKIYTGD
GLPPSHPTITHQHQPPPVHQHDDQDDPIAKSASESDDSDPKKISTEDPDEIKVTLPKEVLATFHDAELDKDLEAHDSEQS
RILHGFFAVLGLCHTVLAAETEPGVIEYKAQSPDEAALVQSAADVGFVFRGRDHNILRMSTPFSDVSDEYELLHVLEFNS
ARKRMSVILRKLDEDGRIFLLCKGADNVIFERLTKDSNQREMREKTDQDLQYFASEGLRTLCLAYRILDPQVYEQWAKEY
HNATVALQDREERIESVSSSIERDLILLGATAIEDKLQDGVPDTISDLKRAGIKVWVATGDKLETAVAIGYTTNLLTKDT
NLIVVREGRHSIGDQLREALEEFFGEDAGLRTTLSRIDSRRNSMDPPRLTRVNTGVRSLVGRDNGTRPGGFSLVIEGHAL
AHCFDDEETEALLLALSTRCNTVICCRVSPLQKAQIVHLIKDNLGVMCLAIGDGANDVSMIQAADVGVGISGEEGLQAVN
SSDYAIAQFRYLKRLLLVHGHWSYFRNSSMILNFFYKNIIGIGVLFWFMIYCGWSTTYVFAYVYLLFWNVFWTLVPVIAI
GLFDRNIDDETLMALPELYRASREGKYFGLMRFAYYIFEGVYQSAVIYFFLNYTYVTTTARGDGYDVYMYEMSTTQAIGA
VMVANLFSGLNIDAWTGWVWFAIWFGPFLIWVFTAVYSVIPPSSFYTGVYGNDVFLFRSAAYWFGWPFVTIIALLPRYLI
KTFRQNIFPNDVDTMRLVRKYHPEVDLYNHPMLGGKLAPKKDEDESDYGEEPFDGPEGRRSSIKMANLRHSHGAFGRGDQ
AGDMELGMGRKSLGNRPGLRSSMDSSRFGIHSGARGSTVDMSTGLEQPPSRGFGFTMEEGGVAIQRMQSRLSQTSSHASR
SRWPRFNNNSSSSHPFETKPPSSMSKLRSRAGSILTRKRADTTDTRNSDDKSLSSPVKTGFFGRHMPGQNHGQHEGRSMG
TPLKSETGRGDNWEEEELEDESLGRGFGVGQNMAPPEIPRMDYKDDDDKI
;
A
#
loop_
_chem_comp.id
_chem_comp.type
_chem_comp.name
_chem_comp.formula
A1BD6 non-polymer (3R,4R,5S)-3,4-dihydroxy-5-[(1R,2R,3S,4S,5R,6R,8E,10E,14E,16Z)-1,2,3,4,5-pentahydroxy-6,20,20-trimethylhenicosa-8,10,14,16-tetraen-1-yl]oxolan-2-one 'C28 H46 O9'
BEF non-polymer 'BERYLLIUM TRIFLUORIDE ION' 'Be F3 -1'
BMA D-saccharide, beta linking beta-D-mannopyranose 'C6 H12 O6'
MAN D-saccharide, alpha linking alpha-D-mannopyranose 'C6 H12 O6'
MG non-polymer 'MAGNESIUM ION' 'Mg 2'
NAG D-saccharide, beta linking 2-acetamido-2-deoxy-beta-D-glucopyranose 'C8 H15 N O6'
#
# COMPACT_ATOMS: atom_id res chain seq x y z
N THR A 48 4.42 -28.33 15.69
CA THR A 48 4.12 -28.38 14.27
C THR A 48 4.79 -29.57 13.55
N PRO A 49 6.08 -29.84 13.80
CA PRO A 49 6.69 -31.03 13.19
C PRO A 49 6.01 -32.32 13.61
N LYS A 50 5.35 -32.33 14.77
CA LYS A 50 4.54 -33.47 15.16
C LYS A 50 3.42 -33.73 14.16
N SER A 51 2.99 -32.71 13.42
CA SER A 51 2.03 -32.86 12.35
C SER A 51 2.68 -32.83 10.97
N VAL A 52 4.01 -32.86 10.89
CA VAL A 52 4.73 -32.81 9.63
C VAL A 52 5.41 -34.14 9.32
N LEU A 53 6.08 -34.72 10.31
CA LEU A 53 6.72 -36.02 10.10
C LEU A 53 5.71 -37.12 9.74
N PRO A 54 4.58 -37.27 10.43
CA PRO A 54 3.59 -38.26 9.96
C PRO A 54 3.07 -37.97 8.57
N THR A 55 3.00 -36.69 8.17
CA THR A 55 2.60 -36.38 6.80
C THR A 55 3.61 -36.93 5.80
N LEU A 56 4.90 -36.76 6.06
CA LEU A 56 5.91 -37.32 5.18
C LEU A 56 5.84 -38.84 5.15
N LEU A 57 5.64 -39.48 6.31
CA LEU A 57 5.53 -40.94 6.32
C LEU A 57 4.34 -41.41 5.53
N ILE A 58 3.19 -40.75 5.67
CA ILE A 58 1.99 -41.13 4.93
C ILE A 58 2.19 -40.92 3.44
N ILE A 59 2.83 -39.81 3.07
CA ILE A 59 3.10 -39.54 1.66
C ILE A 59 3.97 -40.63 1.06
N GLY A 60 5.02 -41.04 1.77
CA GLY A 60 5.88 -42.10 1.27
C GLY A 60 5.18 -43.43 1.18
N ILE A 61 4.43 -43.80 2.23
CA ILE A 61 3.75 -45.09 2.28
C ILE A 61 2.62 -45.17 1.26
N ILE A 62 2.06 -44.04 0.86
CA ILE A 62 1.06 -44.06 -0.22
C ILE A 62 1.72 -44.01 -1.59
N PHE A 63 2.82 -43.25 -1.74
CA PHE A 63 3.46 -43.10 -3.04
C PHE A 63 4.11 -44.40 -3.49
N ALA A 64 4.73 -45.14 -2.57
CA ALA A 64 5.46 -46.35 -2.97
C ALA A 64 4.58 -47.38 -3.67
N PRO A 65 3.40 -47.76 -3.15
CA PRO A 65 2.55 -48.70 -3.91
C PRO A 65 2.11 -48.17 -5.26
N ILE A 66 1.80 -46.87 -5.35
CA ILE A 66 1.36 -46.30 -6.62
C ILE A 66 2.48 -46.37 -7.65
N GLY A 67 3.71 -46.02 -7.23
CA GLY A 67 4.83 -46.12 -8.15
C GLY A 67 5.13 -47.54 -8.55
N ALA A 68 5.06 -48.47 -7.61
CA ALA A 68 5.27 -49.88 -7.94
C ALA A 68 4.23 -50.37 -8.93
N LEU A 69 2.97 -49.96 -8.74
CA LEU A 69 1.91 -50.37 -9.64
C LEU A 69 2.11 -49.78 -11.03
N ILE A 70 2.53 -48.52 -11.13
CA ILE A 70 2.78 -47.91 -12.43
C ILE A 70 3.95 -48.61 -13.12
N VAL A 71 5.02 -48.91 -12.39
CA VAL A 71 6.15 -49.61 -12.98
C VAL A 71 5.75 -50.99 -13.46
N TRP A 72 4.94 -51.70 -12.67
CA TRP A 72 4.46 -53.01 -13.07
C TRP A 72 3.62 -52.96 -14.33
N GLY A 73 2.70 -51.98 -14.39
CA GLY A 73 1.87 -51.83 -15.58
C GLY A 73 2.68 -51.49 -16.81
N SER A 74 3.68 -50.60 -16.67
CA SER A 74 4.54 -50.28 -17.80
C SER A 74 5.35 -51.49 -18.24
N GLY A 75 5.82 -52.28 -17.28
CA GLY A 75 6.59 -53.48 -17.61
C GLY A 75 5.76 -54.60 -18.19
N LYS A 76 4.45 -54.52 -18.07
CA LYS A 76 3.57 -55.50 -18.71
C LYS A 76 3.34 -55.20 -20.20
N VAL A 77 4.08 -54.27 -20.79
CA VAL A 77 3.87 -53.82 -22.16
C VAL A 77 5.09 -54.19 -23.00
N THR A 78 4.86 -54.53 -24.26
CA THR A 78 5.91 -54.86 -25.21
C THR A 78 5.89 -53.88 -26.37
N THR A 79 7.06 -53.34 -26.71
CA THR A 79 7.20 -52.35 -27.77
C THR A 79 8.30 -52.78 -28.73
N ILE A 80 8.00 -52.75 -30.02
CA ILE A 80 8.97 -53.04 -31.08
C ILE A 80 9.08 -51.80 -31.95
N THR A 81 10.30 -51.30 -32.10
CA THR A 81 10.57 -50.11 -32.90
C THR A 81 11.46 -50.47 -34.07
N LEU A 82 11.09 -50.03 -35.27
CA LEU A 82 11.84 -50.29 -36.49
C LEU A 82 12.04 -48.99 -37.24
N ASP A 83 13.28 -48.54 -37.34
CA ASP A 83 13.62 -47.28 -38.01
C ASP A 83 13.95 -47.59 -39.47
N TYR A 84 13.03 -47.23 -40.37
CA TYR A 84 13.19 -47.52 -41.79
C TYR A 84 13.50 -46.26 -42.60
N THR A 85 13.99 -45.21 -41.93
CA THR A 85 14.31 -43.97 -42.63
C THR A 85 15.43 -44.17 -43.65
N GLU A 86 16.47 -44.92 -43.28
CA GLU A 86 17.62 -45.14 -44.13
C GLU A 86 17.47 -46.38 -45.01
N CYS A 87 16.24 -46.86 -45.21
CA CYS A 87 16.02 -48.02 -46.06
C CYS A 87 16.23 -47.70 -47.54
N ASP A 88 16.21 -46.42 -47.90
CA ASP A 88 16.39 -46.04 -49.30
C ASP A 88 17.78 -46.39 -49.81
N VAL A 89 18.81 -46.15 -49.00
CA VAL A 89 20.19 -46.29 -49.44
C VAL A 89 20.95 -47.41 -48.75
N ASP A 90 20.60 -47.77 -47.51
CA ASP A 90 21.36 -48.76 -46.77
C ASP A 90 20.78 -50.17 -46.88
N ALA A 91 19.70 -50.34 -47.64
CA ALA A 91 19.11 -51.67 -47.76
C ALA A 91 19.37 -52.25 -49.14
N PRO A 92 19.55 -53.57 -49.23
CA PRO A 92 19.81 -54.17 -50.55
C PRO A 92 18.63 -54.03 -51.49
N THR A 93 18.95 -53.89 -52.78
CA THR A 93 17.95 -53.69 -53.81
C THR A 93 17.80 -54.89 -54.73
N ASP A 94 18.50 -55.99 -54.46
CA ASP A 94 18.49 -57.16 -55.31
C ASP A 94 17.48 -58.22 -54.87
N GLY A 95 16.67 -57.93 -53.85
CA GLY A 95 15.73 -58.89 -53.32
C GLY A 95 16.20 -59.63 -52.09
N SER A 96 17.50 -59.64 -51.82
CA SER A 96 18.01 -60.28 -50.63
C SER A 96 17.72 -59.43 -49.40
N TYR A 97 17.93 -60.03 -48.23
CA TYR A 97 17.70 -59.36 -46.95
C TYR A 97 19.01 -59.23 -46.20
N GLN A 98 19.31 -58.01 -45.74
CA GLN A 98 20.50 -57.73 -44.96
C GLN A 98 20.10 -57.27 -43.58
N ALA A 99 20.88 -57.67 -42.58
CA ALA A 99 20.56 -57.34 -41.19
C ALA A 99 20.58 -55.83 -40.99
N MET A 100 19.57 -55.33 -40.29
CA MET A 100 19.48 -53.91 -40.01
C MET A 100 20.55 -53.51 -38.99
N PRO A 101 21.00 -52.26 -39.03
CA PRO A 101 21.97 -51.80 -38.02
C PRO A 101 21.36 -51.84 -36.63
N ASN A 102 22.23 -52.03 -35.63
CA ASN A 102 21.79 -52.14 -34.26
C ASN A 102 21.07 -50.89 -33.76
N SER A 103 21.33 -49.74 -34.40
CA SER A 103 20.69 -48.49 -34.00
C SER A 103 19.36 -48.25 -34.71
N ALA A 104 18.98 -49.13 -35.64
CA ALA A 104 17.74 -48.97 -36.38
C ALA A 104 16.56 -49.73 -35.80
N TYR A 105 16.76 -50.49 -34.72
CA TYR A 105 15.67 -51.20 -34.07
C TYR A 105 15.90 -51.22 -32.56
N GLN A 106 14.80 -51.38 -31.83
CA GLN A 106 14.87 -51.41 -30.37
C GLN A 106 13.68 -52.20 -29.85
N TYR A 107 13.96 -53.31 -29.17
CA TYR A 107 12.93 -54.11 -28.53
C TYR A 107 12.80 -53.69 -27.06
N ASP A 108 11.57 -53.44 -26.64
CA ASP A 108 11.25 -53.16 -25.24
C ASP A 108 10.37 -54.29 -24.75
N LEU A 109 10.99 -55.34 -24.24
CA LEU A 109 10.28 -56.55 -23.86
C LEU A 109 9.61 -56.39 -22.50
N ALA A 110 8.65 -57.27 -22.23
CA ALA A 110 7.96 -57.25 -20.96
C ALA A 110 8.85 -57.81 -19.85
N THR A 111 8.49 -57.48 -18.61
CA THR A 111 9.25 -57.97 -17.47
C THR A 111 9.11 -59.48 -17.31
N SER A 112 7.99 -60.04 -17.77
CA SER A 112 7.74 -61.47 -17.66
C SER A 112 8.37 -62.27 -18.79
N SER A 113 9.02 -61.61 -19.75
CA SER A 113 9.66 -62.33 -20.85
C SER A 113 10.81 -63.18 -20.36
N SER A 114 10.93 -64.38 -20.94
CA SER A 114 12.01 -65.29 -20.60
C SER A 114 13.22 -65.13 -21.49
N VAL A 115 13.17 -64.27 -22.49
CA VAL A 115 14.26 -64.06 -23.42
C VAL A 115 14.93 -62.73 -23.11
N SER A 116 16.09 -62.51 -23.72
CA SER A 116 16.86 -61.28 -23.54
C SER A 116 16.84 -60.48 -24.83
N GLU A 117 17.21 -59.19 -24.71
CA GLU A 117 17.22 -58.32 -25.87
C GLU A 117 18.21 -58.79 -26.92
N SER A 118 19.39 -59.26 -26.49
CA SER A 118 20.39 -59.70 -27.44
C SER A 118 20.06 -61.06 -28.04
N SER A 119 19.16 -61.82 -27.41
CA SER A 119 18.84 -63.16 -27.90
C SER A 119 17.98 -63.12 -29.17
N ILE A 120 17.19 -62.08 -29.37
CA ILE A 120 16.31 -61.99 -30.52
C ILE A 120 17.14 -61.75 -31.78
N ALA A 121 16.79 -62.46 -32.85
CA ALA A 121 17.51 -62.29 -34.11
C ALA A 121 17.30 -60.89 -34.67
N SER A 122 18.34 -60.35 -35.28
CA SER A 122 18.28 -58.99 -35.79
C SER A 122 17.35 -58.91 -36.98
N PRO A 123 16.51 -57.88 -37.06
CA PRO A 123 15.61 -57.73 -38.21
C PRO A 123 16.39 -57.47 -39.49
N THR A 124 15.82 -57.90 -40.61
CA THR A 124 16.40 -57.71 -41.93
C THR A 124 15.43 -56.95 -42.82
N TRP A 125 15.97 -56.16 -43.75
CA TRP A 125 15.17 -55.32 -44.61
C TRP A 125 15.66 -55.41 -46.04
N THR A 126 14.75 -55.09 -46.96
CA THR A 126 15.06 -54.99 -48.38
C THR A 126 14.30 -53.80 -48.97
N PHE A 127 14.81 -53.29 -50.08
CA PHE A 127 14.24 -52.11 -50.72
C PHE A 127 13.97 -52.40 -52.19
N SER A 128 12.89 -51.82 -52.71
CA SER A 128 12.51 -51.99 -54.11
C SER A 128 11.81 -50.73 -54.58
N ASN A 129 12.42 -50.03 -55.53
CA ASN A 129 11.90 -48.79 -56.09
C ASN A 129 11.59 -49.06 -57.56
N ASP A 130 10.32 -49.36 -57.85
CA ASP A 130 9.86 -49.66 -59.19
C ASP A 130 8.81 -48.64 -59.60
N SER A 131 8.96 -48.08 -60.80
CA SER A 131 8.07 -47.03 -61.27
C SER A 131 6.84 -47.56 -61.99
N SER A 132 6.71 -48.88 -62.14
CA SER A 132 5.54 -49.43 -62.81
C SER A 132 4.38 -49.68 -61.85
N ARG A 133 4.57 -49.48 -60.56
CA ARG A 133 3.50 -49.62 -59.59
C ARG A 133 2.72 -48.32 -59.45
N GLU A 134 1.56 -48.41 -58.80
CA GLU A 134 0.70 -47.25 -58.67
C GLU A 134 1.31 -46.21 -57.74
N VAL A 135 0.77 -44.99 -57.82
CA VAL A 135 1.26 -43.89 -57.01
C VAL A 135 1.06 -44.19 -55.53
N GLY A 136 2.08 -43.91 -54.72
CA GLY A 136 2.04 -44.20 -53.31
C GLY A 136 2.58 -45.56 -52.92
N GLU A 137 2.97 -46.40 -53.89
CA GLU A 137 3.54 -47.71 -53.61
C GLU A 137 4.72 -48.02 -54.50
N THR A 138 5.36 -47.02 -55.10
CA THR A 138 6.52 -47.27 -55.94
C THR A 138 7.71 -47.75 -55.12
N ALA A 139 7.98 -47.10 -53.99
CA ALA A 139 9.10 -47.45 -53.12
C ALA A 139 8.55 -48.25 -51.95
N ARG A 140 9.05 -49.47 -51.77
CA ARG A 140 8.61 -50.37 -50.71
C ARG A 140 9.80 -50.84 -49.90
N CYS A 141 9.69 -50.76 -48.58
CA CYS A 141 10.71 -51.30 -47.67
C CYS A 141 10.06 -52.43 -46.88
N GLU A 142 10.53 -53.65 -47.11
CA GLU A 142 9.99 -54.83 -46.45
C GLU A 142 10.93 -55.20 -45.30
N ILE A 143 10.40 -55.17 -44.08
CA ILE A 143 11.18 -55.45 -42.88
C ILE A 143 10.68 -56.74 -42.25
N GLU A 144 11.59 -57.69 -42.06
CA GLU A 144 11.29 -58.94 -41.39
C GLU A 144 11.80 -58.87 -39.96
N PHE A 145 10.89 -59.00 -39.00
CA PHE A 145 11.23 -58.91 -37.59
C PHE A 145 10.59 -60.07 -36.84
N GLU A 146 11.22 -60.45 -35.73
CA GLU A 146 10.77 -61.57 -34.92
C GLU A 146 10.07 -61.04 -33.67
N VAL A 147 8.92 -61.64 -33.35
CA VAL A 147 8.20 -61.35 -32.12
C VAL A 147 8.54 -62.45 -31.12
N PRO A 148 9.31 -62.16 -30.06
CA PRO A 148 9.83 -63.24 -29.21
C PRO A 148 8.76 -64.05 -28.51
N TYR A 149 7.65 -63.43 -28.12
CA TYR A 149 6.60 -64.13 -27.39
C TYR A 149 5.25 -63.61 -27.85
N ASP A 150 4.21 -64.41 -27.61
CA ASP A 150 2.87 -64.05 -28.05
C ASP A 150 2.44 -62.74 -27.39
N LEU A 151 1.98 -61.80 -28.22
CA LEU A 151 1.53 -60.50 -27.75
C LEU A 151 0.01 -60.49 -27.71
N GLY A 152 -0.54 -60.27 -26.52
CA GLY A 152 -1.95 -60.42 -26.29
C GLY A 152 -2.78 -59.42 -27.08
N PRO A 153 -4.09 -59.61 -27.09
CA PRO A 153 -4.96 -58.73 -27.87
C PRO A 153 -4.83 -57.28 -27.42
N GLY A 154 -4.91 -56.38 -28.40
CA GLY A 154 -4.67 -54.97 -28.14
C GLY A 154 -3.37 -54.49 -28.73
N LEU A 155 -3.03 -54.98 -29.92
CA LEU A 155 -1.81 -54.60 -30.60
C LEU A 155 -2.07 -53.39 -31.49
N PHE A 156 -1.23 -52.36 -31.35
CA PHE A 156 -1.38 -51.11 -32.06
C PHE A 156 -0.14 -50.83 -32.88
N LEU A 157 -0.33 -50.23 -34.05
CA LEU A 157 0.75 -49.89 -34.97
C LEU A 157 0.86 -48.37 -35.06
N TYR A 158 2.05 -47.86 -34.78
CA TYR A 158 2.32 -46.43 -34.79
C TYR A 158 3.45 -46.13 -35.77
N TYR A 159 3.54 -44.87 -36.17
CA TYR A 159 4.73 -44.35 -36.84
C TYR A 159 5.28 -43.20 -36.01
N LYS A 160 6.58 -43.24 -35.75
CA LYS A 160 7.25 -42.25 -34.92
C LYS A 160 8.08 -41.32 -35.80
N LEU A 161 7.91 -40.02 -35.60
CA LEU A 161 8.66 -39.02 -36.35
C LEU A 161 9.54 -38.24 -35.38
N THR A 162 10.83 -38.19 -35.67
CA THR A 162 11.80 -37.48 -34.85
C THR A 162 12.24 -36.21 -35.57
N ASN A 163 12.56 -35.19 -34.77
CA ASN A 163 12.93 -33.87 -35.29
C ASN A 163 11.85 -33.30 -36.21
N TYR A 164 10.60 -33.56 -35.86
CA TYR A 164 9.44 -33.04 -36.60
C TYR A 164 8.70 -32.09 -35.66
N TYR A 165 8.92 -30.79 -35.85
CA TYR A 165 8.35 -29.78 -34.96
C TYR A 165 6.95 -29.42 -35.42
N GLN A 166 5.98 -30.19 -34.96
CA GLN A 166 4.58 -29.82 -35.13
C GLN A 166 4.16 -28.74 -34.17
N ASN A 167 4.93 -28.50 -33.11
CA ASN A 167 4.60 -27.52 -32.09
C ASN A 167 5.13 -26.14 -32.42
N HIS A 168 5.74 -25.95 -33.58
CA HIS A 168 6.18 -24.63 -33.99
C HIS A 168 4.98 -23.71 -34.18
N ARG A 169 5.19 -22.42 -33.90
CA ARG A 169 4.07 -21.48 -33.89
C ARG A 169 3.44 -21.35 -35.28
N ARG A 170 4.26 -21.35 -36.32
CA ARG A 170 3.73 -21.28 -37.68
C ARG A 170 2.87 -22.50 -38.00
N TYR A 171 3.32 -23.68 -37.58
CA TYR A 171 2.64 -24.92 -37.94
C TYR A 171 1.46 -25.21 -37.04
N SER A 172 1.58 -24.93 -35.74
CA SER A 172 0.58 -25.39 -34.77
C SER A 172 -0.78 -24.74 -35.02
N SER A 173 -0.81 -23.54 -35.58
CA SER A 173 -2.06 -22.82 -35.80
C SER A 173 -2.39 -22.64 -37.28
N SER A 174 -1.71 -23.36 -38.17
CA SER A 174 -1.90 -23.19 -39.61
C SER A 174 -3.01 -24.12 -40.09
N PHE A 175 -4.24 -23.77 -39.71
CA PHE A 175 -5.42 -24.47 -40.19
C PHE A 175 -6.63 -23.56 -39.98
N ASP A 176 -7.67 -23.81 -40.75
CA ASP A 176 -8.91 -23.04 -40.66
C ASP A 176 -10.02 -24.00 -40.22
N ALA A 177 -10.40 -23.93 -38.95
CA ALA A 177 -11.43 -24.81 -38.42
C ALA A 177 -12.78 -24.54 -39.09
N THR A 178 -13.05 -23.27 -39.41
CA THR A 178 -14.33 -22.92 -40.01
C THR A 178 -14.47 -23.54 -41.40
N GLN A 179 -13.40 -23.54 -42.19
CA GLN A 179 -13.46 -24.19 -43.50
C GLN A 179 -13.53 -25.70 -43.37
N LEU A 180 -12.78 -26.27 -42.42
CA LEU A 180 -12.77 -27.71 -42.25
C LEU A 180 -14.14 -28.23 -41.84
N ILE A 181 -14.84 -27.51 -40.97
CA ILE A 181 -16.16 -27.95 -40.52
C ILE A 181 -17.23 -27.83 -41.59
N GLY A 182 -16.92 -27.15 -42.70
CA GLY A 182 -17.86 -27.04 -43.80
C GLY A 182 -18.64 -25.76 -43.87
N ASP A 183 -18.33 -24.77 -43.03
CA ASP A 183 -19.06 -23.51 -43.05
C ASP A 183 -18.66 -22.68 -44.27
N SER A 184 -19.44 -21.64 -44.52
CA SER A 184 -19.22 -20.77 -45.68
C SER A 184 -18.11 -19.78 -45.37
N ARG A 185 -16.97 -19.96 -46.03
CA ARG A 185 -15.82 -19.07 -45.90
C ARG A 185 -15.51 -18.45 -47.25
N SER A 186 -15.38 -17.13 -47.29
CA SER A 186 -15.07 -16.44 -48.52
C SER A 186 -13.56 -16.42 -48.76
N LEU A 187 -13.16 -15.93 -49.94
CA LEU A 187 -11.75 -15.87 -50.28
C LEU A 187 -11.00 -14.93 -49.36
N SER A 188 -11.58 -13.77 -49.07
CA SER A 188 -10.93 -12.82 -48.18
C SER A 188 -10.78 -13.39 -46.78
N GLN A 189 -11.80 -14.09 -46.29
CA GLN A 189 -11.74 -14.65 -44.94
C GLN A 189 -10.67 -15.72 -44.83
N ILE A 190 -10.56 -16.61 -45.83
CA ILE A 190 -9.54 -17.64 -45.78
C ILE A 190 -8.16 -17.05 -45.99
N ASN A 191 -8.07 -15.98 -46.79
CA ASN A 191 -6.77 -15.31 -46.97
C ASN A 191 -6.30 -14.67 -45.68
N GLY A 192 -7.21 -14.04 -44.94
CA GLY A 192 -6.86 -13.40 -43.69
C GLY A 192 -6.92 -14.26 -42.46
N GLY A 193 -7.19 -15.55 -42.62
CA GLY A 193 -7.31 -16.45 -41.49
C GLY A 193 -5.98 -16.96 -40.98
N ASN A 194 -6.04 -17.99 -40.15
CA ASN A 194 -4.85 -18.58 -39.57
C ASN A 194 -4.19 -19.59 -40.49
N CYS A 195 -4.75 -19.83 -41.66
CA CYS A 195 -4.23 -20.81 -42.61
C CYS A 195 -2.98 -20.33 -43.33
N LYS A 196 -2.40 -19.21 -42.95
CA LYS A 196 -1.18 -18.73 -43.61
C LYS A 196 -0.03 -19.71 -43.35
N PRO A 197 0.90 -19.82 -44.31
CA PRO A 197 1.00 -19.11 -45.58
C PRO A 197 0.30 -19.81 -46.75
N ILE A 198 -0.34 -20.94 -46.53
CA ILE A 198 -1.01 -21.69 -47.61
C ILE A 198 -2.49 -21.35 -47.51
N THR A 199 -2.90 -20.30 -48.23
CA THR A 199 -4.27 -19.82 -48.19
C THR A 199 -4.98 -19.98 -49.52
N SER A 200 -4.45 -19.41 -50.60
CA SER A 200 -5.12 -19.47 -51.90
C SER A 200 -4.11 -19.12 -52.99
N ARG A 201 -4.48 -19.48 -54.23
CA ARG A 201 -3.68 -19.11 -55.39
C ARG A 201 -4.61 -18.86 -56.57
N ASP A 202 -4.41 -17.72 -57.24
CA ASP A 202 -5.17 -17.35 -58.44
C ASP A 202 -6.67 -17.30 -58.18
N GLY A 203 -7.06 -16.89 -56.96
CA GLY A 203 -8.46 -16.76 -56.62
C GLY A 203 -9.15 -18.05 -56.21
N LYS A 204 -8.43 -19.18 -56.22
CA LYS A 204 -9.01 -20.46 -55.83
C LYS A 204 -8.46 -20.87 -54.48
N PRO A 205 -9.29 -20.94 -53.44
CA PRO A 205 -8.77 -21.26 -52.11
C PRO A 205 -8.32 -22.71 -52.00
N TYR A 206 -7.40 -22.96 -51.08
CA TYR A 206 -6.93 -24.30 -50.79
C TYR A 206 -7.88 -24.99 -49.80
N TYR A 207 -8.30 -26.20 -50.13
CA TYR A 207 -9.09 -27.01 -49.20
C TYR A 207 -8.54 -28.42 -49.14
N PRO A 208 -8.05 -28.87 -47.98
CA PRO A 208 -7.89 -28.12 -46.74
C PRO A 208 -6.65 -27.24 -46.79
N CYS A 209 -6.67 -26.06 -46.18
CA CYS A 209 -5.53 -25.16 -46.24
C CYS A 209 -4.63 -25.36 -45.03
N GLY A 210 -3.53 -24.62 -45.00
CA GLY A 210 -2.63 -24.61 -43.86
C GLY A 210 -1.46 -25.57 -44.03
N LEU A 211 -0.50 -25.41 -43.11
CA LEU A 211 0.69 -26.25 -43.14
C LEU A 211 0.42 -27.65 -42.62
N ILE A 212 -0.50 -27.81 -41.67
CA ILE A 212 -0.75 -29.14 -41.11
C ILE A 212 -1.33 -30.07 -42.16
N ALA A 213 -2.33 -29.59 -42.89
CA ALA A 213 -2.95 -30.42 -43.92
C ALA A 213 -2.00 -30.67 -45.08
N ASN A 214 -1.17 -29.68 -45.43
CA ASN A 214 -0.25 -29.83 -46.56
C ASN A 214 0.78 -30.92 -46.30
N SER A 215 1.16 -31.10 -45.03
CA SER A 215 2.23 -32.01 -44.67
C SER A 215 1.71 -33.36 -44.19
N LEU A 216 0.62 -33.83 -44.79
CA LEU A 216 0.03 -35.11 -44.39
C LEU A 216 1.02 -36.25 -44.62
N PHE A 217 1.15 -37.11 -43.62
CA PHE A 217 2.07 -38.25 -43.67
C PHE A 217 1.51 -39.28 -44.63
N ASN A 218 2.09 -39.39 -45.82
CA ASN A 218 1.59 -40.26 -46.88
C ASN A 218 2.41 -41.54 -47.02
N ASP A 219 2.91 -42.05 -45.91
CA ASP A 219 3.63 -43.32 -45.86
C ASP A 219 2.72 -44.36 -45.23
N THR A 220 2.50 -45.46 -45.95
CA THR A 220 1.56 -46.49 -45.56
C THR A 220 2.28 -47.80 -45.23
N PHE A 221 1.63 -48.60 -44.39
CA PHE A 221 2.13 -49.93 -44.00
C PHE A 221 1.02 -50.94 -44.28
N PRO A 222 0.79 -51.27 -45.56
CA PRO A 222 -0.41 -52.02 -45.91
C PRO A 222 -0.51 -53.41 -45.29
N SER A 223 0.60 -54.12 -45.12
CA SER A 223 0.53 -55.53 -44.75
C SER A 223 1.55 -55.86 -43.67
N VAL A 224 1.12 -56.63 -42.69
CA VAL A 224 1.99 -57.29 -41.72
C VAL A 224 1.62 -58.76 -41.75
N VAL A 225 2.56 -59.61 -42.19
CA VAL A 225 2.29 -61.01 -42.49
C VAL A 225 3.24 -61.88 -41.69
N LEU A 226 2.69 -62.90 -41.05
CA LEU A 226 3.51 -63.90 -40.37
C LEU A 226 4.10 -64.87 -41.39
N LEU A 227 5.39 -65.15 -41.25
CA LEU A 227 6.11 -65.96 -42.23
C LEU A 227 6.17 -67.44 -41.87
N ASN A 228 6.07 -67.79 -40.60
CA ASN A 228 6.14 -69.18 -40.14
C ASN A 228 4.94 -69.47 -39.26
N PRO A 229 3.74 -69.56 -39.84
CA PRO A 229 2.56 -69.84 -39.02
C PRO A 229 2.55 -71.28 -38.52
N THR A 230 2.24 -71.46 -37.24
CA THR A 230 2.17 -72.80 -36.67
C THR A 230 0.90 -73.54 -37.09
N ASN A 231 -0.17 -72.81 -37.40
CA ASN A 231 -1.44 -73.42 -37.75
C ASN A 231 -1.54 -73.67 -39.25
N GLY A 232 -0.55 -74.34 -39.82
CA GLY A 232 -0.58 -74.64 -41.23
C GLY A 232 -0.40 -73.40 -42.10
N ALA A 233 -0.65 -73.60 -43.40
CA ALA A 233 -0.57 -72.55 -44.41
C ALA A 233 0.84 -72.02 -44.59
N GLN A 234 1.10 -71.39 -45.74
CA GLN A 234 2.41 -70.82 -45.99
C GLN A 234 2.64 -69.54 -45.20
N ASN A 235 1.60 -68.71 -45.04
CA ASN A 235 1.71 -67.47 -44.31
C ASN A 235 0.34 -67.09 -43.78
N GLN A 236 0.35 -66.23 -42.75
CA GLN A 236 -0.88 -65.71 -42.16
C GLN A 236 -0.75 -64.20 -42.03
N THR A 237 -1.75 -63.48 -42.52
CA THR A 237 -1.74 -62.02 -42.49
C THR A 237 -2.34 -61.53 -41.19
N TYR A 238 -1.59 -60.71 -40.46
CA TYR A 238 -2.10 -60.11 -39.23
C TYR A 238 -2.98 -58.92 -39.60
N ASN A 239 -4.24 -58.95 -39.19
CA ASN A 239 -5.25 -58.05 -39.70
C ASN A 239 -5.27 -56.76 -38.88
N PHE A 240 -4.34 -55.87 -39.21
CA PHE A 240 -4.41 -54.50 -38.71
C PHE A 240 -5.53 -53.76 -39.43
N SER A 241 -6.35 -53.07 -38.65
CA SER A 241 -7.49 -52.31 -39.18
C SER A 241 -7.23 -50.83 -39.02
N GLU A 242 -7.38 -50.08 -40.11
CA GLU A 242 -7.18 -48.64 -40.08
C GLU A 242 -8.40 -47.88 -39.56
N SER A 243 -9.48 -48.58 -39.24
CA SER A 243 -10.66 -47.95 -38.69
C SER A 243 -10.56 -47.88 -37.17
N GLY A 244 -11.04 -46.78 -36.61
CA GLY A 244 -10.99 -46.59 -35.17
C GLY A 244 -9.69 -46.06 -34.63
N ILE A 245 -8.72 -45.73 -35.49
CA ILE A 245 -7.45 -45.21 -35.03
C ILE A 245 -7.55 -43.78 -34.49
N ALA A 246 -8.69 -43.13 -34.69
CA ALA A 246 -8.95 -41.82 -34.13
C ALA A 246 -10.24 -41.86 -33.34
N TRP A 247 -10.33 -41.00 -32.32
CA TRP A 247 -11.52 -40.96 -31.48
C TRP A 247 -12.72 -40.54 -32.31
N GLY A 248 -13.89 -41.09 -31.97
CA GLY A 248 -15.08 -40.91 -32.79
C GLY A 248 -15.57 -39.47 -32.88
N GLY A 249 -15.12 -38.60 -31.98
CA GLY A 249 -15.52 -37.21 -32.03
C GLY A 249 -14.68 -36.32 -32.91
N ILE A 250 -13.50 -36.79 -33.34
CA ILE A 250 -12.67 -36.00 -34.23
C ILE A 250 -13.30 -35.84 -35.60
N LYS A 251 -14.24 -36.71 -35.95
CA LYS A 251 -14.92 -36.61 -37.25
C LYS A 251 -15.68 -35.30 -37.37
N LYS A 252 -16.34 -34.88 -36.29
CA LYS A 252 -17.23 -33.73 -36.35
C LYS A 252 -16.49 -32.43 -36.65
N ASN A 253 -15.17 -32.39 -36.44
CA ASN A 253 -14.39 -31.21 -36.79
C ASN A 253 -14.29 -31.02 -38.30
N TYR A 254 -14.63 -32.03 -39.09
CA TYR A 254 -14.43 -32.00 -40.53
C TYR A 254 -15.74 -32.35 -41.24
N ALA A 255 -15.85 -31.91 -42.48
CA ALA A 255 -17.05 -32.08 -43.27
C ALA A 255 -16.81 -33.04 -44.42
N SER A 256 -17.83 -33.83 -44.75
CA SER A 256 -17.72 -34.78 -45.85
C SER A 256 -17.64 -34.06 -47.19
N THR A 257 -18.39 -32.97 -47.34
CA THR A 257 -18.41 -32.23 -48.60
C THR A 257 -18.72 -30.78 -48.32
N LEU A 258 -18.39 -29.92 -49.29
CA LEU A 258 -18.63 -28.49 -49.21
C LEU A 258 -19.78 -28.12 -50.12
N THR A 259 -20.75 -27.38 -49.59
CA THR A 259 -21.97 -27.05 -50.31
C THR A 259 -21.99 -25.62 -50.83
N TYR A 260 -20.86 -24.91 -50.79
CA TYR A 260 -20.81 -23.52 -51.22
C TYR A 260 -19.80 -23.23 -52.31
N ILE A 261 -18.85 -24.13 -52.56
CA ILE A 261 -17.88 -23.97 -53.63
C ILE A 261 -17.82 -25.26 -54.43
N SER A 262 -17.84 -25.13 -55.76
CA SER A 262 -17.70 -26.29 -56.63
C SER A 262 -16.31 -26.89 -56.50
N PRO A 263 -16.17 -28.20 -56.68
CA PRO A 263 -14.83 -28.82 -56.55
C PRO A 263 -13.80 -28.25 -57.50
N SER A 264 -14.20 -27.81 -58.70
CA SER A 264 -13.26 -27.25 -59.65
C SER A 264 -12.74 -25.88 -59.25
N ASP A 265 -13.35 -25.23 -58.26
CA ASP A 265 -12.92 -23.93 -57.78
C ASP A 265 -12.06 -24.02 -56.53
N VAL A 266 -11.61 -25.22 -56.17
CA VAL A 266 -10.79 -25.45 -54.99
C VAL A 266 -9.48 -26.09 -55.44
N LEU A 267 -8.36 -25.55 -54.96
CA LEU A 267 -7.07 -26.13 -55.27
C LEU A 267 -6.66 -27.11 -54.17
N PRO A 268 -6.17 -28.29 -54.54
CA PRO A 268 -5.62 -29.20 -53.53
C PRO A 268 -4.36 -28.61 -52.92
N PRO A 269 -4.00 -29.03 -51.70
CA PRO A 269 -2.80 -28.51 -51.09
C PRO A 269 -1.58 -28.79 -51.95
N PRO A 270 -0.57 -27.91 -51.90
CA PRO A 270 0.54 -28.03 -52.87
C PRO A 270 1.26 -29.36 -52.82
N ASN A 271 1.39 -29.97 -51.65
CA ASN A 271 2.08 -31.24 -51.51
C ASN A 271 1.18 -32.44 -51.77
N TRP A 272 -0.11 -32.21 -52.07
CA TRP A 272 -1.01 -33.26 -52.48
C TRP A 272 -1.12 -33.38 -53.99
N ALA A 273 -0.21 -32.72 -54.72
CA ALA A 273 -0.29 -32.73 -56.19
C ALA A 273 -0.11 -34.12 -56.76
N LEU A 274 0.82 -34.90 -56.19
CA LEU A 274 1.07 -36.24 -56.68
C LEU A 274 -0.09 -37.19 -56.41
N LYS A 275 -0.93 -36.87 -55.43
CA LYS A 275 -2.11 -37.68 -55.13
C LYS A 275 -3.34 -37.23 -55.91
N TYR A 276 -3.49 -35.92 -56.13
CA TYR A 276 -4.57 -35.36 -56.94
C TYR A 276 -3.93 -34.57 -58.07
N PRO A 277 -3.58 -35.22 -59.17
CA PRO A 277 -2.83 -34.51 -60.22
C PRO A 277 -3.61 -33.39 -60.89
N ASN A 278 -4.83 -33.67 -61.33
CA ASN A 278 -5.66 -32.70 -62.02
C ASN A 278 -6.59 -31.95 -61.07
N GLY A 279 -6.47 -32.17 -59.77
CA GLY A 279 -7.32 -31.54 -58.80
C GLY A 279 -8.45 -32.44 -58.34
N TYR A 280 -9.38 -31.85 -57.62
CA TYR A 280 -10.55 -32.57 -57.09
C TYR A 280 -11.54 -32.78 -58.23
N VAL A 281 -11.20 -33.72 -59.11
CA VAL A 281 -12.05 -34.03 -60.26
C VAL A 281 -13.06 -35.12 -59.96
N ASP A 282 -12.96 -35.77 -58.80
CA ASP A 282 -13.91 -36.81 -58.39
C ASP A 282 -14.64 -36.41 -57.11
N GLY A 283 -14.89 -35.12 -56.93
CA GLY A 283 -15.51 -34.60 -55.74
C GLY A 283 -14.49 -34.22 -54.68
N PHE A 284 -14.99 -33.54 -53.66
CA PHE A 284 -14.13 -33.12 -52.56
C PHE A 284 -13.59 -34.34 -51.81
N PRO A 285 -12.39 -34.23 -51.26
CA PRO A 285 -11.89 -35.30 -50.39
C PRO A 285 -12.75 -35.41 -49.14
N ASN A 286 -13.07 -36.65 -48.77
CA ASN A 286 -13.93 -36.90 -47.61
C ASN A 286 -13.06 -36.85 -46.37
N LEU A 287 -12.84 -35.64 -45.85
CA LEU A 287 -12.00 -35.46 -44.68
C LEU A 287 -12.62 -36.04 -43.41
N ARG A 288 -13.89 -36.42 -43.45
CA ARG A 288 -14.56 -37.02 -42.30
C ARG A 288 -14.40 -38.53 -42.27
N GLU A 289 -14.41 -39.18 -43.43
CA GLU A 289 -14.36 -40.64 -43.49
C GLU A 289 -12.95 -41.21 -43.46
N ASP A 290 -11.92 -40.37 -43.54
CA ASP A 290 -10.54 -40.83 -43.43
C ASP A 290 -9.97 -40.41 -42.08
N GLU A 291 -9.34 -41.37 -41.39
CA GLU A 291 -8.87 -41.14 -40.03
C GLU A 291 -7.39 -40.81 -39.94
N HIS A 292 -6.60 -41.11 -40.97
CA HIS A 292 -5.20 -40.72 -40.95
C HIS A 292 -5.05 -39.20 -40.95
N PHE A 293 -5.87 -38.51 -41.75
CA PHE A 293 -5.86 -37.06 -41.75
C PHE A 293 -6.24 -36.50 -40.38
N GLN A 294 -7.25 -37.08 -39.75
CA GLN A 294 -7.68 -36.60 -38.44
C GLN A 294 -6.61 -36.84 -37.39
N VAL A 295 -5.92 -37.98 -37.46
CA VAL A 295 -4.83 -38.26 -36.54
C VAL A 295 -3.70 -37.26 -36.74
N TRP A 296 -3.37 -36.97 -38.01
CA TRP A 296 -2.26 -36.06 -38.28
C TRP A 296 -2.58 -34.64 -37.83
N MET A 297 -3.83 -34.19 -38.02
CA MET A 297 -4.17 -32.80 -37.71
C MET A 297 -4.00 -32.48 -36.24
N ARG A 298 -4.12 -33.48 -35.37
CA ARG A 298 -3.90 -33.27 -33.94
C ARG A 298 -2.43 -32.98 -33.69
N VAL A 299 -2.12 -31.75 -33.30
CA VAL A 299 -0.74 -31.31 -33.16
C VAL A 299 -0.08 -32.03 -31.99
N ALA A 300 1.11 -32.56 -32.21
CA ALA A 300 1.85 -33.28 -31.19
C ALA A 300 2.60 -32.30 -30.28
N ALA A 301 2.82 -32.74 -29.04
CA ALA A 301 3.45 -31.87 -28.05
C ALA A 301 4.95 -31.72 -28.29
N LEU A 302 5.64 -32.79 -28.64
CA LEU A 302 7.09 -32.81 -28.75
C LEU A 302 7.51 -33.15 -30.17
N PRO A 303 8.73 -32.75 -30.56
CA PRO A 303 9.20 -33.11 -31.91
C PRO A 303 9.26 -34.61 -32.16
N THR A 304 9.57 -35.41 -31.14
CA THR A 304 9.52 -36.87 -31.25
C THR A 304 8.15 -37.33 -30.80
N PHE A 305 7.33 -37.77 -31.76
CA PHE A 305 5.96 -38.14 -31.46
C PHE A 305 5.56 -39.36 -32.25
N ARG A 306 4.54 -40.06 -31.75
CA ARG A 306 4.01 -41.26 -32.37
C ARG A 306 2.54 -41.04 -32.68
N LYS A 307 2.13 -41.41 -33.89
CA LYS A 307 0.74 -41.28 -34.31
C LYS A 307 0.22 -42.63 -34.77
N LEU A 308 -1.01 -42.94 -34.36
CA LEU A 308 -1.57 -44.26 -34.57
C LEU A 308 -1.89 -44.49 -36.05
N TRP A 309 -1.51 -45.66 -36.55
CA TRP A 309 -1.76 -46.05 -37.94
C TRP A 309 -2.11 -47.53 -37.92
N ALA A 310 -3.40 -47.83 -38.04
CA ALA A 310 -3.95 -49.19 -37.99
C ALA A 310 -3.84 -49.79 -36.59
N ARG A 311 -4.79 -50.65 -36.25
CA ARG A 311 -4.88 -51.25 -34.93
C ARG A 311 -5.54 -52.62 -35.04
N ASN A 312 -5.31 -53.44 -34.02
CA ASN A 312 -6.00 -54.73 -33.92
C ASN A 312 -6.36 -54.96 -32.46
N ASP A 313 -7.58 -55.45 -32.22
CA ASP A 313 -8.11 -55.56 -30.88
C ASP A 313 -8.62 -56.96 -30.53
N GLY A 314 -8.54 -57.92 -31.42
CA GLY A 314 -9.08 -59.24 -31.13
C GLY A 314 -8.25 -60.40 -31.65
N GLU A 315 -6.95 -60.17 -31.84
CA GLU A 315 -6.06 -61.20 -32.35
C GLU A 315 -4.75 -61.15 -31.58
N ILE A 316 -4.02 -62.27 -31.64
CA ILE A 316 -2.76 -62.44 -30.92
C ILE A 316 -1.66 -62.62 -31.96
N MET A 317 -0.60 -61.83 -31.85
CA MET A 317 0.58 -62.01 -32.70
C MET A 317 1.39 -63.16 -32.14
N SER A 318 1.26 -64.32 -32.75
CA SER A 318 1.98 -65.50 -32.29
C SER A 318 3.48 -65.33 -32.51
N GLN A 319 4.26 -66.13 -31.78
CA GLN A 319 5.70 -66.09 -31.91
C GLN A 319 6.11 -66.52 -33.31
N GLY A 320 7.03 -65.77 -33.90
CA GLY A 320 7.49 -66.08 -35.25
C GLY A 320 8.16 -64.87 -35.86
N ARG A 321 8.31 -64.92 -37.18
CA ARG A 321 8.90 -63.83 -37.94
C ARG A 321 7.85 -63.19 -38.82
N TYR A 322 7.72 -61.87 -38.70
CA TYR A 322 6.71 -61.11 -39.43
C TYR A 322 7.38 -60.19 -40.43
N ARG A 323 6.78 -60.07 -41.61
CA ARG A 323 7.27 -59.18 -42.67
C ARG A 323 6.30 -58.01 -42.80
N ILE A 324 6.81 -56.80 -42.66
CA ILE A 324 6.01 -55.58 -42.75
C ILE A 324 6.52 -54.74 -43.91
N VAL A 325 5.61 -54.29 -44.75
CA VAL A 325 5.93 -53.51 -45.94
C VAL A 325 5.61 -52.05 -45.67
N ALA A 326 6.57 -51.17 -45.90
CA ALA A 326 6.39 -49.73 -45.74
C ALA A 326 6.58 -49.05 -47.09
N ASN A 327 5.61 -48.24 -47.49
CA ASN A 327 5.65 -47.52 -48.76
C ASN A 327 6.28 -46.15 -48.50
N MET A 328 7.59 -46.07 -48.71
CA MET A 328 8.34 -44.86 -48.37
C MET A 328 7.99 -43.73 -49.34
N ASN A 329 7.19 -42.76 -48.85
CA ASN A 329 6.79 -41.63 -49.65
C ASN A 329 6.98 -40.29 -48.94
N TYR A 330 7.30 -40.29 -47.66
CA TYR A 330 7.39 -39.05 -46.86
C TYR A 330 8.83 -38.81 -46.46
N PRO A 331 9.58 -37.99 -47.20
CA PRO A 331 10.99 -37.78 -46.86
C PRO A 331 11.14 -36.96 -45.60
N VAL A 332 12.04 -37.41 -44.72
CA VAL A 332 12.31 -36.73 -43.45
C VAL A 332 13.81 -36.55 -43.28
N LYS A 333 14.59 -37.14 -44.18
CA LYS A 333 16.04 -37.04 -44.10
C LYS A 333 16.54 -35.63 -44.36
N GLN A 334 15.77 -34.79 -45.05
CA GLN A 334 16.24 -33.46 -45.41
C GLN A 334 16.51 -32.61 -44.19
N PHE A 335 15.64 -32.68 -43.18
CA PHE A 335 15.77 -31.89 -41.96
C PHE A 335 16.26 -32.72 -40.78
N SER A 336 17.12 -33.71 -41.04
CA SER A 336 17.71 -34.55 -39.99
C SER A 336 16.63 -35.24 -39.15
N GLY A 337 15.58 -35.71 -39.82
CA GLY A 337 14.51 -36.40 -39.15
C GLY A 337 14.46 -37.87 -39.51
N THR A 338 13.88 -38.68 -38.63
CA THR A 338 13.76 -40.12 -38.86
C THR A 338 12.32 -40.55 -38.67
N LYS A 339 11.89 -41.54 -39.47
CA LYS A 339 10.57 -42.12 -39.36
C LYS A 339 10.71 -43.59 -38.98
N SER A 340 9.92 -44.03 -38.02
CA SER A 340 10.03 -45.37 -37.46
C SER A 340 8.67 -46.05 -37.43
N ILE A 341 8.71 -47.36 -37.20
CA ILE A 341 7.50 -48.18 -37.04
C ILE A 341 7.49 -48.70 -35.61
N VAL A 342 6.41 -48.42 -34.89
CA VAL A 342 6.28 -48.82 -33.50
C VAL A 342 5.08 -49.74 -33.37
N ILE A 343 5.33 -50.95 -32.86
CA ILE A 343 4.28 -51.92 -32.57
C ILE A 343 4.28 -52.14 -31.07
N SER A 344 3.17 -51.85 -30.42
CA SER A 344 3.10 -51.88 -28.97
C SER A 344 1.75 -52.40 -28.50
N THR A 345 1.74 -52.97 -27.30
CA THR A 345 0.52 -53.34 -26.61
C THR A 345 0.12 -52.22 -25.66
N VAL A 346 -0.93 -52.46 -24.89
CA VAL A 346 -1.46 -51.47 -23.96
C VAL A 346 -1.74 -52.13 -22.62
N SER A 347 -1.47 -51.40 -21.54
CA SER A 347 -1.82 -51.78 -20.18
C SER A 347 -2.78 -50.75 -19.63
N TRP A 348 -3.02 -50.81 -18.32
CA TRP A 348 -3.93 -49.86 -17.69
C TRP A 348 -3.38 -48.44 -17.69
N ILE A 349 -2.06 -48.27 -17.88
CA ILE A 349 -1.47 -46.94 -17.99
C ILE A 349 -1.22 -46.52 -19.43
N GLY A 350 -1.47 -47.40 -20.40
CA GLY A 350 -1.24 -47.07 -21.80
C GLY A 350 -0.01 -47.71 -22.38
N GLY A 351 0.94 -46.88 -22.83
CA GLY A 351 2.17 -47.36 -23.40
C GLY A 351 3.20 -47.68 -22.34
N LYS A 352 4.39 -48.04 -22.82
CA LYS A 352 5.49 -48.41 -21.94
C LYS A 352 6.24 -47.15 -21.54
N GLN A 353 5.97 -46.67 -20.33
CA GLN A 353 6.66 -45.49 -19.79
C GLN A 353 6.62 -45.60 -18.27
N PRO A 354 7.67 -46.16 -17.65
CA PRO A 354 7.68 -46.31 -16.20
C PRO A 354 8.21 -45.10 -15.46
N PHE A 355 8.26 -43.95 -16.14
CA PHE A 355 8.87 -42.77 -15.53
C PHE A 355 8.09 -42.32 -14.30
N LEU A 356 6.76 -42.30 -14.38
CA LEU A 356 5.96 -41.84 -13.27
C LEU A 356 6.10 -42.76 -12.06
N GLY A 357 6.16 -44.07 -12.30
CA GLY A 357 6.33 -45.00 -11.19
C GLY A 357 7.65 -44.82 -10.47
N TRP A 358 8.74 -44.65 -11.23
CA TRP A 358 10.03 -44.42 -10.61
C TRP A 358 10.09 -43.07 -9.93
N ALA A 359 9.41 -42.06 -10.47
CA ALA A 359 9.32 -40.78 -9.78
C ALA A 359 8.61 -40.94 -8.44
N TYR A 360 7.52 -41.70 -8.42
CA TYR A 360 6.82 -41.96 -7.16
C TYR A 360 7.70 -42.69 -6.16
N ILE A 361 8.44 -43.70 -6.63
CA ILE A 361 9.30 -44.46 -5.73
C ILE A 361 10.41 -43.57 -5.17
N ALA A 362 11.01 -42.74 -6.02
CA ALA A 362 12.05 -41.82 -5.55
C ALA A 362 11.49 -40.82 -4.55
N ALA A 363 10.28 -40.31 -4.81
CA ALA A 363 9.65 -39.39 -3.88
C ALA A 363 9.39 -40.08 -2.54
N ALA A 364 8.94 -41.33 -2.58
CA ALA A 364 8.71 -42.07 -1.34
C ALA A 364 10.01 -42.28 -0.56
N ILE A 365 11.09 -42.62 -1.26
CA ILE A 365 12.37 -42.80 -0.58
C ILE A 365 12.85 -41.51 0.05
N LEU A 366 12.74 -40.40 -0.69
CA LEU A 366 13.13 -39.10 -0.17
C LEU A 366 12.30 -38.72 1.05
N CYS A 367 10.98 -38.96 0.98
CA CYS A 367 10.12 -38.64 2.11
C CYS A 367 10.46 -39.48 3.34
N VAL A 368 10.75 -40.77 3.14
CA VAL A 368 11.12 -41.61 4.27
C VAL A 368 12.43 -41.14 4.88
N VAL A 369 13.41 -40.78 4.05
CA VAL A 369 14.69 -40.30 4.56
C VAL A 369 14.49 -39.01 5.36
N LEU A 370 13.69 -38.09 4.82
CA LEU A 370 13.43 -36.84 5.52
C LEU A 370 12.70 -37.08 6.84
N ALA A 371 11.74 -38.00 6.85
CA ALA A 371 11.02 -38.30 8.08
C ALA A 371 11.95 -38.92 9.13
N VAL A 372 12.84 -39.81 8.70
CA VAL A 372 13.80 -40.40 9.64
C VAL A 372 14.71 -39.33 10.21
N ALA A 373 15.22 -38.44 9.36
CA ALA A 373 16.10 -37.38 9.84
C ALA A 373 15.35 -36.44 10.80
N GLY A 374 14.11 -36.10 10.47
CA GLY A 374 13.34 -35.24 11.35
C GLY A 374 13.04 -35.89 12.70
N LEU A 375 12.74 -37.20 12.68
CA LEU A 375 12.51 -37.92 13.93
C LEU A 375 13.77 -37.93 14.78
N ILE A 376 14.93 -38.17 14.15
CA ILE A 376 16.19 -38.16 14.89
C ILE A 376 16.43 -36.78 15.51
N ARG A 377 16.22 -35.73 14.72
CA ARG A 377 16.46 -34.37 15.22
C ARG A 377 15.49 -34.04 16.35
N HIS A 378 14.23 -34.43 16.22
CA HIS A 378 13.25 -34.15 17.26
C HIS A 378 13.58 -34.88 18.56
N LEU A 379 14.01 -36.14 18.45
CA LEU A 379 14.40 -36.88 19.66
C LEU A 379 15.65 -36.30 20.28
N VAL A 380 16.61 -35.84 19.47
CA VAL A 380 17.84 -35.29 20.01
C VAL A 380 17.57 -34.02 20.81
N LYS A 381 16.85 -33.07 20.21
CA LYS A 381 16.57 -31.77 20.84
C LYS A 381 15.10 -31.44 20.66
N PRO A 382 14.20 -32.01 21.47
CA PRO A 382 12.79 -31.65 21.40
C PRO A 382 12.57 -30.25 21.95
N ARG A 383 11.84 -29.42 21.21
CA ARG A 383 11.59 -28.04 21.58
C ARG A 383 10.12 -27.86 21.97
N LYS A 384 9.90 -26.98 22.95
CA LYS A 384 8.56 -26.73 23.46
C LYS A 384 7.85 -25.73 22.56
N LEU A 385 6.64 -26.07 22.15
CA LEU A 385 5.85 -25.19 21.31
C LEU A 385 5.27 -24.05 22.14
N GLY A 386 5.26 -22.86 21.56
CA GLY A 386 4.71 -21.71 22.25
C GLY A 386 5.48 -21.29 23.49
N ASP A 387 6.80 -21.29 23.40
CA ASP A 387 7.61 -20.82 24.51
C ASP A 387 7.67 -19.29 24.49
N MET A 388 8.38 -18.72 25.47
CA MET A 388 8.50 -17.28 25.58
C MET A 388 9.91 -16.81 25.88
N SER A 389 10.88 -17.71 25.90
CA SER A 389 12.27 -17.36 26.18
C SER A 389 13.04 -16.94 24.94
N LEU A 390 12.48 -17.14 23.75
CA LEU A 390 13.13 -16.76 22.50
C LEU A 390 12.54 -15.50 21.88
N LEU A 391 11.68 -14.79 22.60
CA LEU A 391 11.19 -13.51 22.12
C LEU A 391 12.30 -12.47 22.15
N SER A 392 12.09 -11.39 21.39
CA SER A 392 13.13 -10.37 21.27
C SER A 392 13.44 -9.71 22.60
N TRP A 393 12.40 -9.37 23.37
CA TRP A 393 12.63 -8.68 24.63
C TRP A 393 13.10 -9.63 25.73
N ASN A 394 12.76 -10.91 25.66
CA ASN A 394 13.17 -11.88 26.67
C ASN A 394 14.47 -12.58 26.29
N GLN A 395 15.49 -11.78 25.96
CA GLN A 395 16.82 -12.30 25.63
C GLN A 395 17.85 -11.31 26.15
N PRO A 396 19.06 -11.78 26.45
CA PRO A 396 20.11 -10.86 26.90
C PRO A 396 20.46 -9.84 25.83
N PRO B 46 2.41 44.85 -4.29
CA PRO B 46 1.42 45.79 -3.67
C PRO B 46 0.07 45.71 -4.37
N ARG B 47 -0.96 46.34 -3.80
CA ARG B 47 -2.30 46.24 -4.35
C ARG B 47 -2.90 47.60 -4.69
N SER B 48 -3.00 48.49 -3.71
CA SER B 48 -3.63 49.80 -3.87
C SER B 48 -5.08 49.66 -4.33
N VAL B 49 -5.90 49.09 -3.44
CA VAL B 49 -7.31 48.84 -3.69
C VAL B 49 -8.11 50.11 -3.39
N PHE B 50 -9.19 50.32 -4.14
CA PHE B 50 -10.04 51.49 -3.99
C PHE B 50 -11.49 51.06 -3.76
N ILE B 51 -12.19 51.77 -2.86
CA ILE B 51 -13.58 51.50 -2.53
C ILE B 51 -14.40 52.74 -2.91
N PHE B 72 -7.85 40.56 -8.23
CA PHE B 72 -6.73 40.49 -7.30
C PHE B 72 -6.32 39.04 -7.05
N ALA B 73 -7.22 38.22 -6.51
CA ALA B 73 -6.89 36.82 -6.25
C ALA B 73 -8.09 35.89 -6.29
N THR B 74 -9.24 36.33 -6.80
CA THR B 74 -10.49 35.56 -6.83
C THR B 74 -10.82 35.14 -5.39
N ASN B 75 -11.17 33.89 -5.15
CA ASN B 75 -11.62 33.43 -3.84
C ASN B 75 -11.51 31.91 -3.82
N GLN B 76 -12.15 31.28 -2.84
CA GLN B 76 -12.23 29.82 -2.70
C GLN B 76 -10.90 29.23 -2.26
N ASN B 77 -10.95 28.23 -1.38
CA ASN B 77 -9.72 27.56 -0.97
C ASN B 77 -9.14 26.73 -2.11
N VAL B 78 -10.00 26.10 -2.91
CA VAL B 78 -9.61 25.27 -4.04
C VAL B 78 -8.64 24.19 -3.58
N THR B 79 -9.12 23.28 -2.73
CA THR B 79 -8.34 22.14 -2.28
C THR B 79 -8.55 20.92 -3.17
N SER B 80 -9.34 21.04 -4.24
CA SER B 80 -9.58 19.93 -5.13
C SER B 80 -8.36 19.68 -6.00
N LYS B 81 -7.97 18.40 -6.12
CA LYS B 81 -6.81 18.06 -6.92
C LYS B 81 -7.09 18.19 -8.41
N TYR B 82 -8.26 17.75 -8.85
CA TYR B 82 -8.65 17.76 -10.25
C TYR B 82 -9.64 18.88 -10.53
N THR B 83 -9.92 19.07 -11.81
CA THR B 83 -10.93 20.02 -12.27
C THR B 83 -11.76 19.34 -13.35
N VAL B 84 -13.00 19.80 -13.51
CA VAL B 84 -13.88 19.22 -14.51
C VAL B 84 -13.29 19.37 -15.91
N ILE B 85 -12.63 20.50 -16.17
CA ILE B 85 -12.02 20.73 -17.48
C ILE B 85 -10.84 19.78 -17.67
N THR B 86 -9.97 19.69 -16.67
CA THR B 86 -8.74 18.89 -16.76
C THR B 86 -8.73 17.86 -15.64
N PHE B 87 -9.39 16.74 -15.88
CA PHE B 87 -9.33 15.59 -14.99
C PHE B 87 -8.76 14.37 -15.69
N ILE B 88 -9.23 14.07 -16.89
CA ILE B 88 -8.71 12.92 -17.64
C ILE B 88 -7.20 13.03 -17.88
N PRO B 89 -6.65 14.15 -18.35
CA PRO B 89 -5.20 14.17 -18.61
C PRO B 89 -4.34 13.95 -17.37
N LYS B 90 -4.61 14.67 -16.29
CA LYS B 90 -3.77 14.52 -15.10
C LYS B 90 -3.98 13.16 -14.44
N ASN B 91 -5.22 12.65 -14.45
CA ASN B 91 -5.45 11.32 -13.90
C ASN B 91 -4.71 10.27 -14.72
N LEU B 92 -4.74 10.38 -16.05
CA LEU B 92 -4.03 9.44 -16.89
C LEU B 92 -2.52 9.52 -16.67
N PHE B 93 -1.99 10.73 -16.49
CA PHE B 93 -0.57 10.87 -16.20
C PHE B 93 -0.20 10.20 -14.88
N GLU B 94 -0.97 10.46 -13.83
CA GLU B 94 -0.65 9.87 -12.54
C GLU B 94 -0.86 8.36 -12.54
N GLN B 95 -1.71 7.85 -13.43
CA GLN B 95 -1.84 6.40 -13.57
C GLN B 95 -0.69 5.81 -14.37
N PHE B 96 -0.19 6.54 -15.37
CA PHE B 96 0.92 6.07 -16.19
C PHE B 96 2.26 6.31 -15.54
N ARG B 97 2.28 6.91 -14.34
CA ARG B 97 3.49 6.93 -13.53
C ARG B 97 3.81 5.57 -12.89
N ARG B 98 3.15 4.49 -13.32
CA ARG B 98 3.32 3.18 -12.72
C ARG B 98 4.10 2.20 -13.60
N VAL B 99 4.64 2.64 -14.74
CA VAL B 99 5.48 1.83 -15.62
C VAL B 99 4.70 0.64 -16.20
N ALA B 100 4.07 -0.14 -15.33
CA ALA B 100 3.30 -1.28 -15.78
C ALA B 100 2.17 -0.85 -16.71
N ASN B 101 1.58 0.32 -16.46
CA ASN B 101 0.56 0.84 -17.35
C ASN B 101 1.14 1.14 -18.74
N CYS B 102 2.36 1.68 -18.77
CA CYS B 102 3.03 1.90 -20.05
C CYS B 102 3.27 0.59 -20.79
N PHE B 103 3.68 -0.44 -20.06
CA PHE B 103 3.89 -1.75 -20.69
C PHE B 103 2.58 -2.31 -21.23
N PHE B 104 1.50 -2.18 -20.47
CA PHE B 104 0.20 -2.66 -20.92
C PHE B 104 -0.26 -1.92 -22.18
N LEU B 105 -0.07 -0.60 -22.19
CA LEU B 105 -0.43 0.18 -23.37
C LEU B 105 0.39 -0.25 -24.59
N ALA B 106 1.69 -0.48 -24.38
CA ALA B 106 2.54 -0.92 -25.49
C ALA B 106 2.09 -2.27 -26.02
N ILE B 107 1.76 -3.21 -25.12
CA ILE B 107 1.30 -4.52 -25.54
C ILE B 107 -0.01 -4.41 -26.31
N SER B 108 -0.95 -3.59 -25.82
CA SER B 108 -2.23 -3.44 -26.50
C SER B 108 -2.06 -2.82 -27.88
N ILE B 109 -1.22 -1.79 -27.99
CA ILE B 109 -0.97 -1.16 -29.27
C ILE B 109 -0.33 -2.17 -30.23
N LEU B 110 0.59 -3.00 -29.73
CA LEU B 110 1.19 -4.03 -30.56
C LEU B 110 0.14 -5.02 -31.05
N GLN B 111 -0.77 -5.42 -30.17
CA GLN B 111 -1.80 -6.38 -30.55
C GLN B 111 -2.87 -5.78 -31.45
N PHE B 112 -2.95 -4.45 -31.55
CA PHE B 112 -3.86 -3.86 -32.52
C PHE B 112 -3.52 -4.26 -33.95
N PHE B 113 -2.23 -4.50 -34.21
CA PHE B 113 -1.81 -4.89 -35.56
C PHE B 113 -2.40 -6.25 -35.93
N PRO B 114 -2.75 -6.45 -37.21
CA PRO B 114 -3.38 -7.71 -37.61
C PRO B 114 -2.52 -8.94 -37.38
N LYS B 115 -1.19 -8.80 -37.47
CA LYS B 115 -0.33 -9.97 -37.37
C LYS B 115 -0.33 -10.56 -35.96
N PHE B 116 -0.40 -9.72 -34.93
CA PHE B 116 -0.29 -10.16 -33.56
C PHE B 116 -1.63 -10.29 -32.85
N SER B 117 -2.73 -10.13 -33.56
CA SER B 117 -4.05 -10.21 -32.93
C SER B 117 -4.36 -11.64 -32.52
N THR B 118 -4.87 -11.82 -31.30
CA THR B 118 -5.22 -13.14 -30.78
C THR B 118 -6.72 -13.32 -30.61
N ILE B 119 -7.42 -12.36 -30.01
CA ILE B 119 -8.86 -12.46 -29.85
C ILE B 119 -9.55 -11.36 -30.64
N SER B 120 -9.31 -10.11 -30.24
CA SER B 120 -9.90 -8.94 -30.87
C SER B 120 -9.29 -7.69 -30.24
N PRO B 121 -9.16 -6.59 -30.98
CA PRO B 121 -8.59 -5.37 -30.39
C PRO B 121 -9.41 -4.86 -29.22
N GLY B 122 -10.74 -4.96 -29.30
CA GLY B 122 -11.58 -4.45 -28.22
C GLY B 122 -11.38 -5.20 -26.92
N LEU B 123 -11.33 -6.54 -27.00
CA LEU B 123 -11.16 -7.32 -25.80
C LEU B 123 -9.74 -7.23 -25.25
N VAL B 124 -8.77 -6.93 -26.12
CA VAL B 124 -7.41 -6.69 -25.65
C VAL B 124 -7.33 -5.36 -24.91
N ILE B 125 -8.01 -4.34 -25.42
CA ILE B 125 -7.97 -3.03 -24.76
C ILE B 125 -8.89 -2.97 -23.55
N LEU B 126 -9.85 -3.88 -23.44
CA LEU B 126 -10.80 -3.83 -22.33
C LEU B 126 -10.15 -3.89 -20.95
N PRO B 127 -9.19 -4.78 -20.67
CA PRO B 127 -8.61 -4.79 -19.31
C PRO B 127 -7.94 -3.48 -18.94
N LEU B 128 -7.18 -2.89 -19.87
CA LEU B 128 -6.52 -1.62 -19.59
C LEU B 128 -7.54 -0.51 -19.37
N ILE B 129 -8.60 -0.49 -20.18
CA ILE B 129 -9.65 0.51 -19.99
C ILE B 129 -10.32 0.33 -18.63
N ILE B 130 -10.53 -0.92 -18.21
CA ILE B 130 -11.14 -1.18 -16.91
C ILE B 130 -10.24 -0.69 -15.78
N VAL B 131 -8.94 -0.96 -15.87
CA VAL B 131 -8.01 -0.49 -14.84
C VAL B 131 -8.04 1.04 -14.77
N LEU B 132 -7.93 1.69 -15.93
CA LEU B 132 -7.91 3.15 -15.96
C LEU B 132 -9.22 3.71 -15.41
N ALA B 133 -10.35 3.12 -15.79
CA ALA B 133 -11.64 3.63 -15.35
C ALA B 133 -11.83 3.45 -13.85
N ILE B 134 -11.37 2.31 -13.31
CA ILE B 134 -11.53 2.08 -11.88
C ILE B 134 -10.67 3.05 -11.07
N THR B 135 -9.41 3.23 -11.49
CA THR B 135 -8.56 4.18 -10.78
C THR B 135 -9.10 5.61 -10.92
N ALA B 136 -9.61 5.95 -12.11
CA ALA B 136 -10.19 7.27 -12.31
C ALA B 136 -11.42 7.48 -11.45
N LEU B 137 -12.27 6.46 -11.31
CA LEU B 137 -13.44 6.59 -10.46
C LEU B 137 -13.05 6.72 -9.00
N LYS B 138 -12.02 5.99 -8.57
CA LYS B 138 -11.51 6.14 -7.21
C LYS B 138 -11.05 7.58 -6.96
N ASP B 139 -10.19 8.09 -7.84
CA ASP B 139 -9.69 9.45 -7.67
C ASP B 139 -10.81 10.47 -7.77
N GLY B 140 -11.80 10.21 -8.63
CA GLY B 140 -12.93 11.12 -8.75
C GLY B 140 -13.79 11.16 -7.51
N TYR B 141 -14.01 10.00 -6.88
CA TYR B 141 -14.75 9.99 -5.62
C TYR B 141 -13.98 10.71 -4.53
N GLU B 142 -12.67 10.50 -4.47
CA GLU B 142 -11.85 11.22 -3.50
C GLU B 142 -11.94 12.72 -3.71
N ASP B 143 -11.84 13.17 -4.96
CA ASP B 143 -11.90 14.60 -5.24
C ASP B 143 -13.30 15.16 -5.10
N ILE B 144 -14.34 14.35 -5.25
CA ILE B 144 -15.69 14.82 -4.97
C ILE B 144 -15.89 15.02 -3.48
N LYS B 145 -15.34 14.12 -2.66
CA LYS B 145 -15.33 14.35 -1.22
C LYS B 145 -14.57 15.62 -0.88
N ARG B 146 -13.43 15.85 -1.55
CA ARG B 146 -12.68 17.08 -1.34
C ARG B 146 -13.49 18.31 -1.75
N HIS B 147 -14.21 18.22 -2.87
CA HIS B 147 -15.07 19.31 -3.31
C HIS B 147 -16.16 19.61 -2.30
N GLN B 148 -16.78 18.56 -1.74
CA GLN B 148 -17.81 18.77 -0.72
C GLN B 148 -17.22 19.43 0.51
N ALA B 149 -16.04 18.97 0.95
CA ALA B 149 -15.41 19.58 2.12
C ALA B 149 -15.06 21.04 1.87
N ASP B 150 -14.56 21.35 0.67
CA ASP B 150 -14.22 22.73 0.34
C ASP B 150 -15.48 23.59 0.25
N HIS B 151 -16.56 23.05 -0.31
CA HIS B 151 -17.80 23.81 -0.43
C HIS B 151 -18.43 24.07 0.92
N ARG B 152 -18.22 23.18 1.89
CA ARG B 152 -18.66 23.46 3.25
C ARG B 152 -17.93 24.67 3.82
N THR B 153 -16.77 25.01 3.26
CA THR B 153 -16.00 26.17 3.69
C THR B 153 -16.34 27.43 2.90
N ASN B 154 -16.43 27.32 1.58
CA ASN B 154 -16.70 28.46 0.71
C ASN B 154 -18.18 28.71 0.49
N HIS B 155 -19.03 28.32 1.44
CA HIS B 155 -20.44 28.68 1.38
C HIS B 155 -20.98 29.05 2.75
N ALA B 156 -20.14 29.62 3.60
CA ALA B 156 -20.56 30.07 4.92
C ALA B 156 -21.26 31.43 4.79
N ILE B 157 -21.62 32.02 5.92
CA ILE B 157 -22.36 33.28 5.96
C ILE B 157 -21.42 34.39 6.42
N VAL B 158 -21.26 35.41 5.57
CA VAL B 158 -20.55 36.62 5.94
C VAL B 158 -21.36 37.81 5.43
N HIS B 159 -21.58 38.79 6.28
CA HIS B 159 -22.38 39.96 5.94
C HIS B 159 -21.49 41.00 5.29
N VAL B 160 -21.79 41.35 4.04
CA VAL B 160 -21.02 42.33 3.27
C VAL B 160 -21.95 43.44 2.81
N LEU B 161 -21.44 44.67 2.85
CA LEU B 161 -22.22 45.82 2.44
C LEU B 161 -22.58 45.72 0.96
N GLY B 162 -23.81 46.09 0.63
CA GLY B 162 -24.29 46.03 -0.73
C GLY B 162 -24.97 47.33 -1.14
N LEU B 253 -28.10 50.42 1.21
CA LEU B 253 -27.55 50.86 2.49
C LEU B 253 -27.76 49.82 3.59
N GLY B 254 -27.55 48.55 3.25
CA GLY B 254 -27.74 47.48 4.20
C GLY B 254 -26.67 46.41 4.05
N TRP B 255 -26.53 45.60 5.10
CA TRP B 255 -25.57 44.50 5.12
C TRP B 255 -26.28 43.23 4.67
N HIS B 256 -26.00 42.80 3.44
CA HIS B 256 -26.62 41.63 2.85
C HIS B 256 -25.73 40.41 3.03
N ARG B 257 -26.36 39.24 3.07
CA ARG B 257 -25.62 38.00 3.24
C ARG B 257 -24.80 37.69 2.00
N THR B 258 -23.62 37.10 2.21
CA THR B 258 -22.80 36.64 1.10
C THR B 258 -22.41 35.18 1.31
N ILE B 259 -21.49 34.68 0.48
CA ILE B 259 -21.24 33.25 0.41
C ILE B 259 -19.73 32.97 0.46
N TRP B 260 -18.96 33.95 0.94
CA TRP B 260 -17.50 33.91 1.05
C TRP B 260 -16.79 34.01 -0.28
N GLU B 261 -17.51 34.15 -1.39
CA GLU B 261 -16.90 34.20 -2.72
C GLU B 261 -17.04 35.55 -3.40
N ASP B 262 -18.18 36.22 -3.24
CA ASP B 262 -18.34 37.55 -3.81
C ASP B 262 -17.71 38.60 -2.90
N VAL B 263 -16.46 38.37 -2.51
CA VAL B 263 -15.74 39.25 -1.58
C VAL B 263 -14.37 39.52 -2.19
N LYS B 264 -14.26 40.60 -2.94
CA LYS B 264 -12.97 41.02 -3.49
C LYS B 264 -12.22 41.87 -2.46
N VAL B 265 -11.02 42.30 -2.82
CA VAL B 265 -10.28 43.21 -1.96
C VAL B 265 -11.07 44.50 -1.85
N GLY B 266 -11.25 44.99 -0.62
CA GLY B 266 -12.12 46.11 -0.35
C GLY B 266 -13.33 45.68 0.46
N ASP B 267 -14.50 46.11 0.02
CA ASP B 267 -15.77 45.75 0.65
C ASP B 267 -15.83 46.15 2.12
N PHE B 268 -16.90 45.77 2.79
CA PHE B 268 -17.06 46.01 4.22
C PHE B 268 -17.78 44.82 4.82
N VAL B 269 -17.15 44.16 5.78
CA VAL B 269 -17.64 42.91 6.35
C VAL B 269 -17.91 43.12 7.83
N LYS B 270 -19.10 42.73 8.26
CA LYS B 270 -19.49 42.69 9.67
C LYS B 270 -19.51 41.23 10.10
N ILE B 271 -18.71 40.88 11.10
CA ILE B 271 -18.46 39.48 11.42
C ILE B 271 -19.10 39.04 12.72
N TYR B 272 -19.68 39.96 13.49
CA TYR B 272 -20.42 39.60 14.70
C TYR B 272 -19.47 38.85 15.66
N GLU B 273 -19.98 37.82 16.33
CA GLU B 273 -19.26 37.13 17.40
C GLU B 273 -19.24 35.64 17.15
N ASN B 274 -18.10 35.01 17.44
CA ASN B 274 -17.95 33.55 17.43
C ASN B 274 -18.20 32.96 16.05
N GLU B 275 -17.52 33.51 15.05
CA GLU B 275 -17.52 32.92 13.72
C GLU B 275 -16.28 33.37 12.97
N GLN B 276 -15.85 32.52 12.03
CA GLN B 276 -14.58 32.70 11.36
C GLN B 276 -14.63 33.87 10.39
N PHE B 277 -13.47 34.24 9.87
CA PHE B 277 -13.26 35.33 8.93
C PHE B 277 -13.23 34.81 7.50
N PRO B 278 -13.74 35.61 6.55
CA PRO B 278 -13.70 35.19 5.14
C PRO B 278 -12.33 35.41 4.52
N ALA B 279 -11.65 36.47 4.95
CA ALA B 279 -10.31 36.81 4.47
C ALA B 279 -9.69 37.77 5.49
N ASP B 280 -8.51 38.28 5.15
CA ASP B 280 -7.86 39.25 6.02
C ASP B 280 -8.61 40.58 5.96
N ILE B 281 -8.86 41.16 7.12
CA ILE B 281 -9.60 42.42 7.22
C ILE B 281 -8.76 43.42 8.01
N VAL B 282 -9.08 44.69 7.84
CA VAL B 282 -8.48 45.77 8.61
C VAL B 282 -9.56 46.32 9.54
N ILE B 283 -9.27 46.35 10.84
CA ILE B 283 -10.26 46.75 11.83
C ILE B 283 -10.73 48.17 11.53
N CYS B 284 -12.03 48.38 11.63
CA CYS B 284 -12.62 49.70 11.44
C CYS B 284 -13.41 50.17 12.65
N ALA B 285 -14.20 49.30 13.29
CA ALA B 285 -14.97 49.69 14.45
C ALA B 285 -15.37 48.45 15.23
N THR B 286 -15.55 48.63 16.53
CA THR B 286 -16.02 47.57 17.42
C THR B 286 -16.88 48.20 18.50
N SER B 287 -17.72 47.38 19.14
CA SER B 287 -18.77 47.88 20.00
C SER B 287 -18.38 47.99 21.47
N GLU B 288 -17.15 47.64 21.85
CA GLU B 288 -16.82 47.61 23.29
C GLU B 288 -16.17 48.92 23.75
N GLU B 289 -14.97 49.22 23.24
CA GLU B 289 -14.27 50.45 23.56
C GLU B 289 -12.97 50.51 22.76
N GLU B 290 -12.58 51.71 22.33
CA GLU B 290 -11.35 51.91 21.56
C GLU B 290 -11.27 51.00 20.34
N ASP B 291 -12.41 50.45 19.92
CA ASP B 291 -12.49 49.55 18.76
C ASP B 291 -11.57 48.34 18.90
N VAL B 292 -11.44 47.83 20.12
CA VAL B 292 -10.60 46.65 20.35
C VAL B 292 -11.39 45.39 20.07
N ALA B 293 -10.69 44.33 19.66
CA ALA B 293 -11.31 43.05 19.34
C ALA B 293 -10.43 41.94 19.87
N TYR B 294 -10.85 40.69 19.65
CA TYR B 294 -10.14 39.54 20.19
C TYR B 294 -10.14 38.41 19.17
N ILE B 295 -9.11 37.57 19.24
CA ILE B 295 -8.86 36.48 18.31
C ILE B 295 -8.67 35.19 19.10
N GLU B 296 -8.62 34.06 18.40
CA GLU B 296 -8.44 32.75 19.03
C GLU B 296 -7.30 32.02 18.33
N THR B 297 -7.19 30.72 18.64
CA THR B 297 -6.09 29.88 18.19
C THR B 297 -6.29 29.46 16.73
N LYS B 298 -5.75 28.30 16.37
CA LYS B 298 -5.70 27.70 15.04
C LYS B 298 -4.64 28.36 14.17
N ASN B 299 -4.00 29.42 14.66
CA ASN B 299 -2.86 30.09 14.02
C ASN B 299 -1.72 30.19 15.02
N LEU B 300 -1.39 29.06 15.65
CA LEU B 300 -0.37 28.97 16.70
C LEU B 300 -0.88 29.63 17.98
N ASP B 301 -0.12 29.48 19.07
CA ASP B 301 -0.48 30.00 20.38
C ASP B 301 -1.76 29.36 20.90
N GLY B 302 -2.15 29.69 22.13
CA GLY B 302 -3.33 29.09 22.72
C GLY B 302 -4.15 30.04 23.58
N GLU B 303 -3.91 31.34 23.44
CA GLU B 303 -4.58 32.37 24.22
C GLU B 303 -5.29 33.33 23.28
N THR B 304 -6.20 34.12 23.85
CA THR B 304 -6.98 35.09 23.09
C THR B 304 -6.14 36.35 22.92
N ASN B 305 -5.82 36.68 21.67
CA ASN B 305 -5.04 37.87 21.38
C ASN B 305 -5.95 39.09 21.31
N LEU B 306 -5.35 40.25 21.02
CA LEU B 306 -6.08 41.50 20.94
C LEU B 306 -5.65 42.28 19.72
N LYS B 307 -6.61 42.98 19.11
CA LYS B 307 -6.33 43.86 17.99
C LYS B 307 -6.90 45.24 18.32
N SER B 308 -6.06 46.26 18.23
CA SER B 308 -6.35 47.52 18.91
C SER B 308 -7.37 48.39 18.15
N ARG B 309 -6.99 48.84 16.96
CA ARG B 309 -7.77 49.82 16.21
C ARG B 309 -7.04 50.10 14.91
N ASN B 310 -7.66 50.90 14.06
CA ASN B 310 -6.99 51.42 12.87
C ASN B 310 -6.44 52.83 13.06
N GLY B 311 -6.58 53.40 14.24
CA GLY B 311 -6.13 54.75 14.50
C GLY B 311 -7.21 55.77 14.18
N VAL B 312 -6.90 56.73 13.31
CA VAL B 312 -7.90 57.70 12.89
C VAL B 312 -9.11 57.07 12.22
N PRO B 313 -8.96 56.09 11.30
CA PRO B 313 -10.15 55.47 10.72
C PRO B 313 -11.04 54.77 11.73
N GLY B 314 -10.51 54.45 12.91
CA GLY B 314 -11.35 53.93 13.96
C GLY B 314 -12.46 54.91 14.31
N LEU B 315 -13.60 54.35 14.74
CA LEU B 315 -14.83 55.11 14.91
C LEU B 315 -15.22 55.73 13.58
N SER B 316 -16.18 56.66 13.60
CA SER B 316 -16.70 57.34 12.42
C SER B 316 -17.38 56.38 11.45
N HIS B 317 -17.54 55.11 11.81
CA HIS B 317 -18.15 54.11 10.95
C HIS B 317 -19.04 53.16 11.74
N LEU B 318 -19.69 53.66 12.79
CA LEU B 318 -20.49 52.80 13.66
C LEU B 318 -21.64 52.16 12.90
N ASN B 319 -22.29 52.92 12.04
CA ASN B 319 -23.44 52.44 11.29
C ASN B 319 -23.05 52.17 9.83
N THR B 320 -23.98 51.57 9.10
CA THR B 320 -23.74 51.25 7.69
C THR B 320 -23.67 52.48 6.82
N ALA B 321 -24.42 53.54 7.14
CA ALA B 321 -24.45 54.72 6.28
C ALA B 321 -23.09 55.37 6.18
N GLU B 322 -22.34 55.40 7.30
CA GLU B 322 -20.99 55.96 7.26
C GLU B 322 -20.07 55.15 6.36
N ALA B 323 -20.22 53.83 6.35
CA ALA B 323 -19.41 53.00 5.46
C ALA B 323 -19.71 53.29 4.00
N CYS B 324 -20.99 53.48 3.66
CA CYS B 324 -21.37 53.77 2.29
C CYS B 324 -20.88 55.15 1.86
N ALA B 325 -21.14 56.17 2.68
CA ALA B 325 -20.85 57.55 2.31
C ALA B 325 -19.37 57.88 2.33
N LYS B 326 -18.52 57.00 2.87
CA LYS B 326 -17.09 57.24 2.95
C LYS B 326 -16.36 56.32 1.98
N ALA B 327 -15.41 56.88 1.24
CA ALA B 327 -14.59 56.14 0.30
C ALA B 327 -13.12 56.15 0.74
N HIS B 328 -12.88 55.90 2.02
CA HIS B 328 -11.54 55.89 2.58
C HIS B 328 -10.82 54.61 2.17
N LEU B 329 -10.02 54.69 1.12
CA LEU B 329 -9.24 53.56 0.63
C LEU B 329 -8.04 54.13 -0.15
N CYS B 330 -7.49 53.31 -1.06
CA CYS B 330 -6.13 53.48 -1.62
C CYS B 330 -5.09 53.07 -0.57
N ILE B 331 -5.33 51.93 0.06
CA ILE B 331 -4.39 51.36 1.01
C ILE B 331 -3.06 51.06 0.33
N ASP B 332 -2.00 51.04 1.13
CA ASP B 332 -0.62 50.80 0.66
C ASP B 332 -0.15 49.39 1.01
N LEU B 333 -1.04 48.40 0.91
CA LEU B 333 -0.72 47.05 1.33
C LEU B 333 0.51 46.52 0.60
N ASP B 334 1.41 45.89 1.35
CA ASP B 334 2.64 45.33 0.79
C ASP B 334 2.33 44.01 0.08
N ALA B 335 3.40 43.34 -0.34
CA ALA B 335 3.23 42.06 -1.03
C ALA B 335 2.72 41.00 -0.06
N PRO B 336 1.87 40.08 -0.51
CA PRO B 336 1.44 38.98 0.36
C PRO B 336 2.61 38.10 0.75
N GLU B 337 2.81 37.95 2.05
CA GLU B 337 3.90 37.16 2.60
C GLU B 337 3.36 36.03 3.46
N SER B 338 4.15 34.97 3.58
CA SER B 338 3.79 33.84 4.42
C SER B 338 3.96 34.12 5.90
N ASN B 339 4.82 35.07 6.26
CA ASN B 339 5.05 35.38 7.66
C ASN B 339 3.79 35.94 8.31
N MET B 340 3.51 35.50 9.54
CA MET B 340 2.33 35.93 10.28
C MET B 340 2.66 37.01 11.31
N PHE B 341 3.60 37.90 10.99
CA PHE B 341 3.94 38.97 11.93
C PHE B 341 4.17 40.31 11.24
N ARG B 342 3.83 40.47 9.97
CA ARG B 342 4.10 41.71 9.24
C ARG B 342 2.95 42.02 8.29
N LEU B 343 2.34 43.18 8.48
CA LEU B 343 1.45 43.78 7.50
C LEU B 343 1.64 45.29 7.52
N ASN B 344 1.42 45.93 6.37
CA ASN B 344 1.62 47.37 6.26
C ASN B 344 0.59 47.96 5.32
N GLY B 345 0.33 49.25 5.48
CA GLY B 345 -0.65 49.93 4.65
C GLY B 345 -0.92 51.32 5.19
N ALA B 346 -1.88 51.99 4.53
CA ALA B 346 -2.28 53.33 4.94
C ALA B 346 -3.64 53.64 4.31
N VAL B 347 -4.62 53.98 5.15
CA VAL B 347 -5.97 54.24 4.64
C VAL B 347 -6.04 55.52 3.82
N ILE B 348 -5.31 56.56 4.25
CA ILE B 348 -5.20 57.83 3.53
C ILE B 348 -6.50 58.61 3.56
N ASN B 349 -7.61 57.97 3.17
CA ASN B 349 -8.96 58.55 3.17
C ASN B 349 -9.10 59.58 2.06
N LEU B 350 -10.27 59.60 1.41
CA LEU B 350 -10.50 60.53 0.31
C LEU B 350 -10.79 61.95 0.80
N GLU B 351 -11.36 62.11 1.99
CA GLU B 351 -11.74 63.41 2.53
C GLU B 351 -11.16 63.54 3.94
N GLU B 352 -9.91 64.00 4.02
CA GLU B 352 -9.28 64.26 5.30
C GLU B 352 -8.05 65.12 5.04
N TYR B 353 -7.94 66.25 5.74
CA TYR B 353 -6.86 67.19 5.52
C TYR B 353 -6.26 67.62 6.85
N ASP B 354 -4.94 67.69 6.90
CA ASP B 354 -4.22 68.16 8.08
C ASP B 354 -3.99 69.67 7.96
N GLU B 355 -3.13 70.20 8.82
CA GLU B 355 -2.80 71.63 8.76
C GLU B 355 -2.07 71.99 7.47
N ASP B 356 -1.50 71.01 6.78
CA ASP B 356 -0.81 71.23 5.51
C ASP B 356 -1.67 70.84 4.32
N GLU B 357 -2.97 70.65 4.50
CA GLU B 357 -3.91 70.27 3.45
C GLU B 357 -3.55 68.93 2.81
N GLN B 358 -2.86 68.07 3.56
CA GLN B 358 -2.47 66.75 3.07
C GLN B 358 -3.27 65.67 3.80
N HIS B 359 -3.53 64.58 3.10
CA HIS B 359 -4.23 63.46 3.70
C HIS B 359 -3.33 62.74 4.69
N PRO B 360 -3.70 62.63 5.96
CA PRO B 360 -2.83 61.96 6.93
C PRO B 360 -2.66 60.48 6.59
N ILE B 361 -1.48 59.97 6.93
CA ILE B 361 -1.19 58.55 6.74
C ILE B 361 -1.56 57.80 8.02
N HIS B 362 -2.32 56.72 7.86
CA HIS B 362 -2.76 55.93 9.00
C HIS B 362 -2.17 54.54 8.89
N PRO B 363 -1.09 54.23 9.63
CA PRO B 363 -0.42 52.94 9.46
C PRO B 363 -1.31 51.77 9.81
N ILE B 364 -1.14 50.67 9.07
CA ILE B 364 -1.84 49.42 9.31
C ILE B 364 -0.79 48.39 9.68
N THR B 365 -0.95 47.77 10.84
CA THR B 365 -0.01 46.76 11.33
C THR B 365 -0.77 45.50 11.69
N LEU B 366 -0.04 44.53 12.24
CA LEU B 366 -0.68 43.29 12.69
C LEU B 366 -1.65 43.56 13.84
N GLU B 367 -1.37 44.57 14.65
CA GLU B 367 -2.28 44.94 15.73
C GLU B 367 -3.60 45.50 15.24
N THR B 368 -3.71 45.81 13.95
CA THR B 368 -4.93 46.31 13.35
C THR B 368 -5.64 45.26 12.51
N THR B 369 -4.88 44.47 11.74
CA THR B 369 -5.47 43.46 10.89
C THR B 369 -5.77 42.18 11.67
N MET B 370 -6.57 41.32 11.06
CA MET B 370 -6.93 40.05 11.66
C MET B 370 -7.08 39.03 10.54
N LEU B 371 -6.37 37.91 10.65
CA LEU B 371 -6.13 37.04 9.51
C LEU B 371 -7.34 36.14 9.25
N ARG B 372 -7.26 35.39 8.15
CA ARG B 372 -8.35 34.52 7.72
C ARG B 372 -8.28 33.16 8.38
N GLY B 373 -9.45 32.58 8.66
CA GLY B 373 -9.56 31.23 9.15
C GLY B 373 -9.28 31.08 10.62
N CYS B 374 -8.84 32.14 11.29
CA CYS B 374 -8.54 32.15 12.72
C CYS B 374 -9.02 33.48 13.27
N VAL B 375 -10.24 33.50 13.80
CA VAL B 375 -10.66 34.59 14.66
C VAL B 375 -11.40 34.04 15.87
N LEU B 376 -12.49 33.32 15.63
CA LEU B 376 -13.41 32.90 16.68
C LEU B 376 -13.61 34.04 17.68
N LYS B 377 -14.08 35.17 17.14
CA LYS B 377 -14.08 36.43 17.87
C LYS B 377 -14.82 36.31 19.18
N ASN B 378 -14.22 36.84 20.25
CA ASN B 378 -14.76 36.75 21.60
C ASN B 378 -15.25 38.10 22.12
N THR B 379 -15.64 38.99 21.22
CA THR B 379 -16.19 40.30 21.56
C THR B 379 -17.42 40.53 20.70
N ALA B 380 -17.86 41.78 20.64
CA ALA B 380 -19.06 42.13 19.90
C ALA B 380 -18.76 42.16 18.40
N TRP B 381 -19.66 42.78 17.63
CA TRP B 381 -19.49 42.86 16.19
C TRP B 381 -18.25 43.67 15.82
N VAL B 382 -17.68 43.32 14.67
CA VAL B 382 -16.50 44.00 14.13
C VAL B 382 -16.75 44.26 12.65
N ILE B 383 -16.50 45.48 12.20
CA ILE B 383 -16.55 45.81 10.79
C ILE B 383 -15.13 46.01 10.28
N GLY B 384 -14.92 45.72 9.01
CA GLY B 384 -13.58 45.79 8.46
C GLY B 384 -13.61 45.81 6.95
N ILE B 385 -12.42 45.95 6.37
CA ILE B 385 -12.22 46.01 4.93
C ILE B 385 -11.43 44.79 4.51
N ILE B 386 -12.00 44.01 3.59
CA ILE B 386 -11.35 42.77 3.14
C ILE B 386 -10.13 43.14 2.30
N VAL B 387 -8.96 42.70 2.74
CA VAL B 387 -7.72 42.87 2.01
C VAL B 387 -7.01 41.53 1.96
N TYR B 388 -6.11 41.38 0.98
CA TYR B 388 -5.31 40.16 0.81
C TYR B 388 -6.20 38.93 0.69
N THR B 389 -7.34 39.11 0.02
CA THR B 389 -8.32 38.04 -0.08
C THR B 389 -7.85 36.94 -1.01
N GLY B 390 -8.49 35.77 -0.93
CA GLY B 390 -8.19 34.69 -1.85
C GLY B 390 -6.98 33.89 -1.42
N GLU B 391 -6.16 33.51 -2.41
CA GLU B 391 -4.99 32.68 -2.15
C GLU B 391 -3.81 33.48 -1.61
N ASP B 392 -3.94 34.80 -1.51
CA ASP B 392 -2.92 35.65 -0.93
C ASP B 392 -3.05 35.79 0.59
N THR B 393 -4.04 35.14 1.19
CA THR B 393 -4.18 35.14 2.63
C THR B 393 -2.98 34.46 3.28
N LYS B 394 -2.75 34.78 4.55
CA LYS B 394 -1.66 34.15 5.29
C LYS B 394 -1.88 32.65 5.41
N ILE B 395 -3.11 32.24 5.68
CA ILE B 395 -3.40 30.85 5.98
C ILE B 395 -3.22 29.97 4.73
N ILE B 396 -3.80 30.40 3.61
CA ILE B 396 -3.69 29.62 2.38
C ILE B 396 -2.26 29.61 1.88
N ARG B 397 -1.57 30.75 1.95
CA ARG B 397 -0.17 30.80 1.51
C ARG B 397 0.71 29.90 2.37
N ASN B 398 0.47 29.87 3.69
CA ASN B 398 1.21 28.96 4.55
C ASN B 398 0.82 27.51 4.29
N ALA B 399 -0.37 27.28 3.76
CA ALA B 399 -0.72 25.95 3.28
C ALA B 399 -0.04 25.68 1.93
N GLY B 400 -0.35 24.54 1.35
CA GLY B 400 0.28 24.16 0.09
C GLY B 400 -0.69 23.41 -0.80
N ALA B 401 -0.24 23.12 -2.02
CA ALA B 401 -1.04 22.36 -2.96
C ALA B 401 -1.19 20.92 -2.51
N THR B 402 -2.33 20.33 -2.82
CA THR B 402 -2.61 18.96 -2.40
C THR B 402 -1.73 17.99 -3.17
N PRO B 403 -0.91 17.18 -2.50
CA PRO B 403 -0.02 16.26 -3.22
C PRO B 403 -0.75 15.00 -3.65
N SER B 404 -0.08 14.23 -4.49
CA SER B 404 -0.57 12.93 -4.93
C SER B 404 0.31 11.87 -4.28
N LYS B 405 -0.07 11.47 -3.07
CA LYS B 405 0.73 10.55 -2.28
C LYS B 405 0.53 9.11 -2.76
N ARG B 406 1.62 8.34 -2.71
CA ARG B 406 1.60 6.92 -3.03
C ARG B 406 2.27 6.15 -1.92
N SER B 407 1.81 4.92 -1.68
CA SER B 407 2.36 4.10 -0.61
C SER B 407 3.76 3.65 -0.96
N LYS B 408 4.53 3.33 0.08
CA LYS B 408 5.89 2.81 -0.12
C LYS B 408 5.86 1.45 -0.81
N VAL B 409 4.77 0.70 -0.65
CA VAL B 409 4.67 -0.61 -1.27
C VAL B 409 4.62 -0.47 -2.79
N GLU B 410 3.93 0.54 -3.31
CA GLU B 410 3.92 0.77 -4.75
C GLU B 410 5.30 1.20 -5.26
N LYS B 411 5.96 2.09 -4.51
CA LYS B 411 7.29 2.54 -4.90
C LYS B 411 8.30 1.39 -4.89
N GLN B 412 8.09 0.40 -4.03
CA GLN B 412 8.91 -0.80 -4.05
C GLN B 412 8.46 -1.79 -5.11
N MET B 413 7.18 -1.73 -5.51
CA MET B 413 6.69 -2.60 -6.57
C MET B 413 7.25 -2.21 -7.92
N ASN B 414 7.50 -0.91 -8.12
CA ASN B 414 8.05 -0.47 -9.41
C ASN B 414 9.36 -1.18 -9.78
N PRO B 415 10.37 -1.27 -8.91
CA PRO B 415 11.57 -2.05 -9.28
C PRO B 415 11.28 -3.51 -9.57
N GLN B 416 10.31 -4.11 -8.86
CA GLN B 416 9.97 -5.50 -9.13
C GLN B 416 9.38 -5.66 -10.54
N VAL B 417 8.51 -4.73 -10.93
CA VAL B 417 7.97 -4.73 -12.29
C VAL B 417 9.08 -4.55 -13.31
N ILE B 418 10.05 -3.69 -13.00
CA ILE B 418 11.17 -3.48 -13.92
C ILE B 418 11.99 -4.76 -14.06
N ILE B 419 12.21 -5.47 -12.95
CA ILE B 419 12.95 -6.73 -12.99
C ILE B 419 12.20 -7.75 -13.83
N ASN B 420 10.88 -7.84 -13.65
CA ASN B 420 10.09 -8.77 -14.44
C ASN B 420 10.14 -8.41 -15.93
N LEU B 421 10.09 -7.11 -16.25
CA LEU B 421 10.18 -6.70 -17.64
C LEU B 421 11.54 -7.02 -18.24
N VAL B 422 12.61 -6.90 -17.45
CA VAL B 422 13.94 -7.27 -17.92
C VAL B 422 14.01 -8.77 -18.19
N ILE B 423 13.44 -9.57 -17.29
CA ILE B 423 13.40 -11.02 -17.51
C ILE B 423 12.63 -11.34 -18.78
N LEU B 424 11.50 -10.68 -18.99
CA LEU B 424 10.71 -10.90 -20.20
C LEU B 424 11.48 -10.50 -21.45
N ALA B 425 12.22 -9.39 -21.38
CA ALA B 425 13.02 -8.96 -22.52
C ALA B 425 14.13 -9.96 -22.82
N ALA B 426 14.76 -10.51 -21.79
CA ALA B 426 15.78 -11.53 -22.01
C ALA B 426 15.18 -12.78 -22.64
N ILE B 427 14.01 -13.20 -22.17
CA ILE B 427 13.33 -14.34 -22.76
C ILE B 427 13.03 -14.06 -24.23
N ALA B 428 12.54 -12.86 -24.53
CA ALA B 428 12.21 -12.51 -25.91
C ALA B 428 13.44 -12.51 -26.80
N VAL B 429 14.57 -11.98 -26.29
CA VAL B 429 15.80 -11.93 -27.08
C VAL B 429 16.28 -13.35 -27.38
N VAL B 430 16.29 -14.21 -26.36
CA VAL B 430 16.72 -15.59 -26.57
C VAL B 430 15.81 -16.30 -27.56
N CYS B 431 14.50 -16.12 -27.41
CA CYS B 431 13.55 -16.73 -28.33
C CYS B 431 13.77 -16.25 -29.76
N ALA B 432 13.96 -14.94 -29.93
CA ALA B 432 14.16 -14.40 -31.28
C ALA B 432 15.41 -14.95 -31.91
N ILE B 433 16.52 -14.98 -31.17
CA ILE B 433 17.78 -15.46 -31.73
C ILE B 433 17.67 -16.93 -32.13
N VAL B 434 17.18 -17.77 -31.20
CA VAL B 434 17.13 -19.20 -31.46
C VAL B 434 16.14 -19.50 -32.58
N ASP B 435 14.98 -18.82 -32.57
CA ASP B 435 13.99 -19.05 -33.61
C ASP B 435 14.51 -18.61 -34.96
N HIS B 436 15.24 -17.50 -35.03
CA HIS B 436 15.80 -17.06 -36.30
C HIS B 436 16.81 -18.07 -36.83
N VAL B 437 17.70 -18.56 -35.97
CA VAL B 437 18.71 -19.53 -36.42
C VAL B 437 18.02 -20.81 -36.90
N ASN B 438 17.05 -21.29 -36.12
CA ASN B 438 16.33 -22.51 -36.48
C ASN B 438 15.57 -22.33 -37.78
N GLU B 439 14.95 -21.17 -37.98
CA GLU B 439 14.15 -20.95 -39.18
C GLU B 439 15.04 -20.81 -40.41
N VAL B 440 16.21 -20.18 -40.27
CA VAL B 440 17.13 -20.15 -41.40
C VAL B 440 17.57 -21.55 -41.76
N GLU B 441 17.91 -22.38 -40.76
CA GLU B 441 18.32 -23.74 -41.04
C GLU B 441 17.18 -24.54 -41.68
N TRP B 442 15.96 -24.40 -41.17
CA TRP B 442 14.80 -25.12 -41.67
C TRP B 442 14.27 -24.56 -42.99
N ASP B 443 14.74 -23.39 -43.42
CA ASP B 443 14.43 -22.88 -44.74
C ASP B 443 15.48 -23.27 -45.76
N ARG B 444 16.73 -23.42 -45.34
CA ARG B 444 17.74 -23.96 -46.25
C ARG B 444 17.37 -25.38 -46.67
N GLN B 445 16.96 -26.23 -45.72
CA GLN B 445 16.46 -27.57 -45.98
C GLN B 445 14.96 -27.52 -45.71
N GLN B 446 14.16 -27.76 -46.75
CA GLN B 446 12.77 -27.33 -46.70
C GLN B 446 11.96 -28.22 -45.77
N ALA B 447 11.80 -27.78 -44.52
CA ALA B 447 10.95 -28.48 -43.58
C ALA B 447 9.48 -28.14 -43.85
N TYR B 448 8.60 -29.00 -43.35
CA TYR B 448 7.18 -28.85 -43.61
C TYR B 448 6.54 -27.72 -42.82
N TRP B 449 7.16 -27.30 -41.72
CA TRP B 449 6.65 -26.17 -40.93
C TRP B 449 7.27 -24.85 -41.34
N MET B 450 8.18 -24.85 -42.32
CA MET B 450 8.81 -23.63 -42.81
C MET B 450 8.60 -23.44 -44.30
N LEU B 451 7.62 -24.13 -44.88
CA LEU B 451 7.31 -23.95 -46.29
C LEU B 451 6.69 -22.57 -46.52
N PHE B 452 6.96 -22.01 -47.69
CA PHE B 452 6.45 -20.69 -48.09
C PHE B 452 6.88 -19.61 -47.09
N ALA B 453 8.19 -19.41 -46.99
CA ALA B 453 8.79 -18.40 -46.14
C ALA B 453 9.60 -17.41 -46.95
N ASP B 454 9.04 -16.96 -48.09
CA ASP B 454 9.74 -16.05 -48.99
C ASP B 454 9.06 -14.70 -49.11
N THR B 455 7.89 -14.51 -48.48
CA THR B 455 7.21 -13.23 -48.55
C THR B 455 7.86 -12.22 -47.61
N SER B 456 7.42 -10.97 -47.72
CA SER B 456 7.98 -9.89 -46.91
C SER B 456 7.58 -9.96 -45.46
N GLY B 457 6.63 -10.83 -45.09
CA GLY B 457 6.18 -10.90 -43.71
C GLY B 457 6.31 -12.28 -43.09
N ASP B 458 6.75 -13.27 -43.86
CA ASP B 458 6.88 -14.63 -43.37
C ASP B 458 8.29 -15.18 -43.44
N ASN B 459 9.23 -14.46 -44.06
CA ASN B 459 10.61 -14.93 -44.12
C ASN B 459 11.28 -14.76 -42.76
N PRO B 460 12.41 -15.46 -42.54
CA PRO B 460 13.19 -15.19 -41.33
C PRO B 460 13.69 -13.75 -41.26
N ASN B 461 14.41 -13.40 -40.20
CA ASN B 461 14.75 -12.02 -39.85
C ASN B 461 13.47 -11.29 -39.44
N ILE B 462 12.56 -11.09 -40.40
CA ILE B 462 11.24 -10.60 -40.05
C ILE B 462 10.55 -11.58 -39.11
N ASN B 463 10.76 -12.89 -39.32
CA ASN B 463 10.21 -13.87 -38.40
C ASN B 463 10.90 -13.82 -37.05
N GLY B 464 12.18 -13.45 -37.00
CA GLY B 464 12.82 -13.25 -35.71
C GLY B 464 12.21 -12.08 -34.94
N LEU B 465 11.96 -10.97 -35.64
CA LEU B 465 11.28 -9.85 -35.00
C LEU B 465 9.86 -10.23 -34.56
N VAL B 466 9.16 -11.00 -35.38
CA VAL B 466 7.81 -11.44 -35.03
C VAL B 466 7.85 -12.35 -33.81
N THR B 467 8.88 -13.20 -33.71
CA THR B 467 9.05 -14.03 -32.53
C THR B 467 9.35 -13.19 -31.30
N PHE B 468 10.15 -12.14 -31.46
CA PHE B 468 10.39 -11.20 -30.36
C PHE B 468 9.07 -10.61 -29.85
N ALA B 469 8.24 -10.11 -30.77
CA ALA B 469 6.96 -9.52 -30.38
C ALA B 469 6.03 -10.55 -29.77
N ASN B 470 5.97 -11.76 -30.36
CA ASN B 470 5.10 -12.80 -29.84
C ASN B 470 5.58 -13.32 -28.50
N ALA B 471 6.89 -13.24 -28.23
CA ALA B 471 7.39 -13.58 -26.90
C ALA B 471 6.96 -12.53 -25.88
N PHE B 472 7.00 -11.26 -26.27
CA PHE B 472 6.50 -10.22 -25.36
C PHE B 472 5.01 -10.39 -25.11
N ILE B 473 4.26 -10.87 -26.12
CA ILE B 473 2.82 -11.04 -25.95
C ILE B 473 2.51 -12.28 -25.12
N THR B 474 3.19 -13.39 -25.39
CA THR B 474 2.86 -14.66 -24.73
C THR B 474 3.11 -14.59 -23.23
N PHE B 475 4.25 -14.02 -22.83
CA PHE B 475 4.61 -13.94 -21.42
C PHE B 475 4.26 -12.58 -20.81
N GLN B 476 3.16 -11.97 -21.26
CA GLN B 476 2.75 -10.69 -20.70
C GLN B 476 2.26 -10.81 -19.28
N ASN B 477 1.92 -12.02 -18.81
CA ASN B 477 1.45 -12.19 -17.44
C ASN B 477 2.58 -12.13 -16.43
N ILE B 478 3.84 -12.07 -16.86
CA ILE B 478 4.93 -11.88 -15.91
C ILE B 478 4.77 -10.56 -15.18
N VAL B 479 4.08 -9.60 -15.78
CA VAL B 479 3.58 -8.41 -15.09
C VAL B 479 2.08 -8.36 -15.33
N PRO B 480 1.27 -9.01 -14.48
CA PRO B 480 -0.17 -9.09 -14.75
C PRO B 480 -0.85 -7.74 -14.62
N ILE B 481 -1.91 -7.57 -15.40
CA ILE B 481 -2.71 -6.36 -15.31
C ILE B 481 -3.77 -6.47 -14.21
N SER B 482 -4.21 -7.68 -13.88
CA SER B 482 -5.15 -7.89 -12.79
C SER B 482 -4.56 -7.60 -11.42
N LEU B 483 -3.23 -7.49 -11.34
CA LEU B 483 -2.60 -7.20 -10.05
C LEU B 483 -3.04 -5.86 -9.50
N TYR B 484 -3.05 -4.83 -10.35
CA TYR B 484 -3.33 -3.48 -9.87
C TYR B 484 -4.81 -3.28 -9.55
N ILE B 485 -5.70 -3.91 -10.32
CA ILE B 485 -7.12 -3.84 -9.99
C ILE B 485 -7.37 -4.46 -8.63
N SER B 486 -6.79 -5.64 -8.38
CA SER B 486 -6.96 -6.31 -7.10
C SER B 486 -6.38 -5.48 -5.97
N ILE B 487 -5.20 -4.89 -6.20
CA ILE B 487 -4.57 -4.05 -5.18
C ILE B 487 -5.47 -2.86 -4.84
N GLU B 488 -6.01 -2.19 -5.86
CA GLU B 488 -6.85 -1.03 -5.62
C GLU B 488 -8.12 -1.42 -4.85
N ALA B 489 -8.75 -2.51 -5.26
CA ALA B 489 -9.96 -2.96 -4.57
C ALA B 489 -9.67 -3.33 -3.12
N VAL B 490 -8.56 -4.03 -2.88
CA VAL B 490 -8.21 -4.43 -1.53
C VAL B 490 -7.92 -3.21 -0.66
N ARG B 491 -7.22 -2.22 -1.21
CA ARG B 491 -6.92 -1.02 -0.44
C ARG B 491 -8.20 -0.23 -0.14
N THR B 492 -9.13 -0.17 -1.09
CA THR B 492 -10.40 0.49 -0.84
C THR B 492 -11.18 -0.21 0.27
N ILE B 493 -11.20 -1.54 0.25
CA ILE B 493 -11.91 -2.26 1.29
C ILE B 493 -11.20 -2.14 2.64
N GLN B 494 -9.88 -2.02 2.63
CA GLN B 494 -9.16 -1.76 3.88
C GLN B 494 -9.51 -0.38 4.45
N ALA B 495 -9.64 0.62 3.57
CA ALA B 495 -10.11 1.92 4.02
C ALA B 495 -11.51 1.83 4.60
N ALA B 496 -12.37 1.01 3.97
CA ALA B 496 -13.71 0.80 4.52
C ALA B 496 -13.66 0.14 5.89
N PHE B 497 -12.76 -0.82 6.07
CA PHE B 497 -12.57 -1.44 7.38
C PHE B 497 -12.15 -0.41 8.42
N ILE B 498 -11.24 0.50 8.04
CA ILE B 498 -10.86 1.59 8.93
C ILE B 498 -12.08 2.44 9.28
N TYR B 499 -12.93 2.70 8.28
CA TYR B 499 -14.13 3.51 8.53
C TYR B 499 -15.11 2.80 9.44
N TRP B 500 -15.26 1.48 9.28
CA TRP B 500 -16.29 0.73 9.99
C TRP B 500 -15.83 0.25 11.37
N ASP B 501 -14.58 0.52 11.76
CA ASP B 501 -14.11 0.09 13.07
C ASP B 501 -14.79 0.91 14.16
N ARG B 502 -15.43 0.21 15.10
CA ARG B 502 -16.17 0.86 16.17
C ARG B 502 -15.30 1.25 17.35
N ASP B 503 -14.05 0.79 17.40
CA ASP B 503 -13.12 1.17 18.45
C ASP B 503 -12.40 2.48 18.17
N ILE B 504 -12.51 3.01 16.95
CA ILE B 504 -11.94 4.30 16.61
C ILE B 504 -13.06 5.22 16.18
N LYS B 505 -14.23 5.04 16.78
CA LYS B 505 -15.40 5.87 16.54
C LYS B 505 -15.71 6.66 17.80
N TYR B 506 -15.86 7.98 17.65
CA TYR B 506 -16.04 8.89 18.78
C TYR B 506 -17.47 9.40 18.81
N LYS B 507 -18.06 9.42 20.00
CA LYS B 507 -19.44 9.84 20.20
C LYS B 507 -19.51 10.69 21.47
N LYS B 508 -19.54 12.01 21.31
CA LYS B 508 -19.65 12.94 22.43
C LYS B 508 -20.73 13.96 22.12
N ASP B 509 -21.58 14.23 23.11
CA ASP B 509 -22.63 15.25 23.00
C ASP B 509 -23.57 14.99 21.83
N GLY B 510 -23.83 13.72 21.53
CA GLY B 510 -24.83 13.37 20.53
C GLY B 510 -24.38 13.40 19.09
N VAL B 511 -23.09 13.65 18.82
CA VAL B 511 -22.57 13.64 17.47
C VAL B 511 -21.49 12.56 17.39
N THR B 512 -21.55 11.77 16.32
CA THR B 512 -20.65 10.64 16.12
C THR B 512 -19.68 10.95 15.00
N THR B 513 -18.39 10.72 15.26
CA THR B 513 -17.32 11.04 14.32
C THR B 513 -16.50 9.78 14.06
N ARG B 514 -16.81 9.08 12.96
CA ARG B 514 -16.05 7.91 12.57
C ARG B 514 -14.69 8.32 12.00
N THR B 515 -13.76 7.38 12.02
CA THR B 515 -12.45 7.61 11.44
C THR B 515 -12.54 7.41 9.93
N THR B 516 -12.32 8.48 9.18
CA THR B 516 -12.50 8.47 7.74
C THR B 516 -11.15 8.50 7.04
N ALA B 517 -10.99 7.62 6.05
CA ALA B 517 -9.78 7.54 5.25
C ALA B 517 -9.95 8.43 4.03
N ARG B 518 -9.37 9.63 4.09
CA ARG B 518 -9.45 10.55 2.96
C ARG B 518 -8.74 9.99 1.73
N SER B 519 -7.60 9.35 1.94
CA SER B 519 -6.86 8.70 0.86
C SER B 519 -7.09 7.20 0.97
N TRP B 520 -7.68 6.61 -0.07
CA TRP B 520 -8.05 5.21 -0.03
C TRP B 520 -6.86 4.27 -0.21
N ASN B 521 -5.75 4.78 -0.72
CA ASN B 521 -4.48 4.06 -0.63
C ASN B 521 -3.84 4.40 0.71
N LEU B 522 -2.52 4.17 0.84
CA LEU B 522 -1.73 4.50 2.01
C LEU B 522 -2.14 3.73 3.25
N SER B 523 -3.01 2.72 3.12
CA SER B 523 -3.37 1.91 4.27
C SER B 523 -2.18 1.12 4.79
N ASP B 524 -1.41 0.52 3.88
CA ASP B 524 -0.20 -0.20 4.25
C ASP B 524 0.90 0.73 4.73
N ASP B 525 0.82 2.02 4.40
CA ASP B 525 1.81 2.98 4.88
C ASP B 525 1.73 3.17 6.38
N LEU B 526 0.55 3.01 6.98
CA LEU B 526 0.39 3.16 8.41
C LEU B 526 1.19 2.14 9.20
N GLY B 527 1.58 1.03 8.58
CA GLY B 527 2.32 -0.01 9.25
C GLY B 527 3.82 0.13 9.22
N GLN B 528 4.35 1.24 8.71
CA GLN B 528 5.79 1.43 8.59
C GLN B 528 6.25 2.75 9.20
N ILE B 529 5.48 3.27 10.16
CA ILE B 529 5.77 4.59 10.70
C ILE B 529 6.94 4.50 11.68
N GLU B 530 7.94 5.35 11.48
CA GLU B 530 9.07 5.45 12.39
C GLU B 530 9.15 6.78 13.12
N TYR B 531 8.57 7.84 12.57
CA TYR B 531 8.54 9.15 13.20
C TYR B 531 7.13 9.70 13.17
N ILE B 532 6.68 10.25 14.30
CA ILE B 532 5.38 10.91 14.40
C ILE B 532 5.63 12.35 14.84
N PHE B 533 5.16 13.30 14.03
CA PHE B 533 5.24 14.71 14.35
C PHE B 533 3.85 15.18 14.74
N SER B 534 3.70 15.66 15.97
CA SER B 534 2.40 15.97 16.54
C SER B 534 2.34 17.44 16.96
N ASP B 535 1.23 18.09 16.61
CA ASP B 535 0.93 19.39 17.18
C ASP B 535 0.52 19.23 18.65
N LYS B 536 0.66 20.30 19.41
CA LYS B 536 0.34 20.26 20.83
C LYS B 536 -1.10 20.73 21.10
N THR B 537 -1.40 21.97 20.72
CA THR B 537 -2.70 22.54 21.04
C THR B 537 -3.78 21.96 20.14
N GLY B 538 -4.79 21.36 20.76
CA GLY B 538 -5.88 20.76 20.02
C GLY B 538 -5.66 19.33 19.60
N THR B 539 -4.42 18.85 19.65
CA THR B 539 -4.07 17.47 19.33
C THR B 539 -3.74 16.65 20.57
N LEU B 540 -2.79 17.13 21.38
CA LEU B 540 -2.51 16.52 22.67
C LEU B 540 -3.26 17.18 23.82
N THR B 541 -3.99 18.27 23.56
CA THR B 541 -4.70 19.00 24.60
C THR B 541 -6.15 19.21 24.19
N GLN B 542 -7.00 19.37 25.20
CA GLN B 542 -8.42 19.65 25.01
C GLN B 542 -8.74 21.13 25.05
N ASN B 543 -7.74 21.99 25.26
CA ASN B 543 -7.94 23.43 25.41
C ASN B 543 -8.91 23.74 26.54
N ALA B 544 -8.70 23.11 27.69
CA ALA B 544 -9.53 23.31 28.86
C ALA B 544 -8.65 23.38 30.09
N MET B 545 -8.67 24.51 30.79
CA MET B 545 -7.94 24.70 32.03
C MET B 545 -8.88 24.51 33.21
N ILE B 546 -8.54 23.58 34.09
CA ILE B 546 -9.37 23.27 35.25
C ILE B 546 -8.52 23.42 36.51
N PHE B 547 -9.01 24.21 37.45
CA PHE B 547 -8.35 24.36 38.74
C PHE B 547 -8.47 23.07 39.54
N ARG B 548 -7.33 22.59 40.06
CA ARG B 548 -7.30 21.31 40.76
C ARG B 548 -7.01 21.47 42.25
N GLN B 549 -5.92 22.13 42.62
CA GLN B 549 -5.51 22.24 44.01
C GLN B 549 -5.05 23.66 44.32
N CYS B 550 -5.25 24.06 45.57
CA CYS B 550 -4.84 25.38 46.05
C CYS B 550 -4.12 25.22 47.38
N SER B 551 -3.01 25.93 47.55
CA SER B 551 -2.27 25.95 48.80
C SER B 551 -2.41 27.33 49.44
N VAL B 552 -2.82 27.37 50.69
CA VAL B 552 -3.03 28.62 51.41
C VAL B 552 -2.07 28.61 52.59
N GLY B 553 -0.87 29.14 52.37
CA GLY B 553 0.11 29.27 53.43
C GLY B 553 0.85 27.98 53.70
N GLY B 554 0.20 27.05 54.41
CA GLY B 554 0.82 25.78 54.71
C GLY B 554 -0.03 24.57 54.33
N LYS B 555 -1.34 24.75 54.29
CA LYS B 555 -2.28 23.65 54.14
C LYS B 555 -2.68 23.49 52.68
N ILE B 556 -2.65 22.25 52.20
CA ILE B 556 -3.09 21.92 50.85
C ILE B 556 -4.58 21.65 50.88
N TYR B 557 -5.22 21.82 49.73
CA TYR B 557 -6.64 21.55 49.57
C TYR B 557 -6.87 20.82 48.25
N THR B 558 -7.92 20.00 48.23
CA THR B 558 -8.22 19.21 47.05
C THR B 558 -9.70 18.86 46.99
N LEU B 628 -14.35 21.80 53.07
CA LEU B 628 -13.36 21.99 54.12
C LEU B 628 -13.10 23.47 54.33
N ASP B 629 -13.15 24.24 53.23
CA ASP B 629 -12.93 25.68 53.34
C ASP B 629 -13.99 26.35 54.20
N LYS B 630 -15.25 25.94 54.04
CA LYS B 630 -16.31 26.50 54.88
C LYS B 630 -16.09 26.15 56.34
N ASP B 631 -15.69 24.90 56.62
CA ASP B 631 -15.36 24.52 57.99
C ASP B 631 -14.13 25.29 58.49
N LEU B 632 -13.13 25.48 57.61
CA LEU B 632 -11.94 26.21 58.01
C LEU B 632 -12.24 27.66 58.35
N GLU B 633 -13.12 28.30 57.58
CA GLU B 633 -13.40 29.73 57.74
C GLU B 633 -14.21 29.93 59.02
N ALA B 634 -13.50 30.08 60.12
CA ALA B 634 -14.10 30.38 61.42
C ALA B 634 -14.11 31.87 61.73
N HIS B 635 -13.62 32.70 60.82
CA HIS B 635 -13.57 34.16 60.96
C HIS B 635 -12.71 34.61 62.12
N ASP B 636 -11.97 33.70 62.76
CA ASP B 636 -11.12 34.07 63.88
C ASP B 636 -9.72 33.47 63.69
N SER B 637 -9.64 32.37 62.96
CA SER B 637 -8.35 31.73 62.73
C SER B 637 -7.51 32.57 61.77
N GLU B 638 -6.20 32.62 62.04
CA GLU B 638 -5.30 33.32 61.13
C GLU B 638 -5.27 32.65 59.76
N GLN B 639 -5.42 31.33 59.72
CA GLN B 639 -5.53 30.63 58.45
C GLN B 639 -6.74 31.11 57.66
N SER B 640 -7.84 31.40 58.36
CA SER B 640 -9.02 31.95 57.69
C SER B 640 -8.73 33.32 57.08
N ARG B 641 -7.98 34.15 57.81
CA ARG B 641 -7.60 35.46 57.28
C ARG B 641 -6.72 35.31 56.04
N ILE B 642 -5.78 34.37 56.09
CA ILE B 642 -4.92 34.14 54.92
C ILE B 642 -5.73 33.62 53.74
N LEU B 643 -6.72 32.78 54.02
CA LEU B 643 -7.60 32.30 52.95
C LEU B 643 -8.39 33.45 52.33
N HIS B 644 -8.91 34.34 53.18
CA HIS B 644 -9.62 35.52 52.67
C HIS B 644 -8.72 36.35 51.77
N GLY B 645 -7.50 36.61 52.22
CA GLY B 645 -6.57 37.39 51.41
C GLY B 645 -6.21 36.69 50.10
N PHE B 646 -6.00 35.38 50.17
CA PHE B 646 -5.66 34.61 48.98
C PHE B 646 -6.76 34.69 47.94
N PHE B 647 -8.01 34.46 48.37
CA PHE B 647 -9.11 34.49 47.41
C PHE B 647 -9.38 35.91 46.91
N ALA B 648 -9.16 36.92 47.75
CA ALA B 648 -9.30 38.29 47.28
C ALA B 648 -8.26 38.59 46.19
N VAL B 649 -7.02 38.16 46.39
CA VAL B 649 -6.00 38.37 45.37
C VAL B 649 -6.36 37.62 44.10
N LEU B 650 -6.87 36.39 44.23
CA LEU B 650 -7.23 35.61 43.06
C LEU B 650 -8.36 36.27 42.28
N GLY B 651 -9.35 36.83 42.99
CA GLY B 651 -10.51 37.41 42.33
C GLY B 651 -10.40 38.86 41.94
N LEU B 652 -9.38 39.57 42.41
CA LEU B 652 -9.24 40.99 42.09
C LEU B 652 -8.07 41.31 41.18
N CYS B 653 -6.97 40.56 41.26
CA CYS B 653 -5.81 40.77 40.40
C CYS B 653 -6.05 40.03 39.09
N HIS B 654 -6.93 40.59 38.26
CA HIS B 654 -7.30 39.96 37.01
C HIS B 654 -7.81 41.02 36.03
N THR B 655 -7.45 40.86 34.76
CA THR B 655 -7.99 41.70 33.70
C THR B 655 -9.11 40.96 32.97
N VAL B 656 -10.19 40.71 33.72
CA VAL B 656 -11.32 39.93 33.25
C VAL B 656 -12.57 40.77 33.36
N LEU B 657 -13.41 40.74 32.32
CA LEU B 657 -14.68 41.44 32.30
C LEU B 657 -15.81 40.49 32.65
N ALA B 658 -16.71 40.94 33.52
CA ALA B 658 -17.86 40.15 33.95
C ALA B 658 -19.13 40.69 33.31
N ALA B 659 -19.92 39.80 32.72
CA ALA B 659 -21.15 40.18 32.03
C ALA B 659 -22.35 39.83 32.90
N GLU B 660 -23.29 40.77 33.02
CA GLU B 660 -24.50 40.59 33.81
C GLU B 660 -25.70 40.23 32.95
N THR B 661 -25.49 39.47 31.87
CA THR B 661 -26.60 39.09 30.99
C THR B 661 -27.60 38.21 31.74
N GLU B 662 -27.11 37.27 32.55
CA GLU B 662 -27.96 36.39 33.33
C GLU B 662 -27.57 36.51 34.79
N PRO B 663 -28.49 36.89 35.68
CA PRO B 663 -28.14 37.01 37.09
C PRO B 663 -27.70 35.66 37.66
N GLY B 664 -26.70 35.73 38.55
CA GLY B 664 -26.15 34.53 39.17
C GLY B 664 -25.03 33.85 38.40
N VAL B 665 -25.19 33.76 37.07
CA VAL B 665 -24.13 33.17 36.21
C VAL B 665 -22.88 34.04 36.27
N ILE B 666 -23.04 35.36 36.10
CA ILE B 666 -21.88 36.30 36.12
C ILE B 666 -20.85 35.83 35.09
N GLU B 667 -21.27 35.69 33.83
CA GLU B 667 -20.35 35.23 32.75
C GLU B 667 -19.00 35.95 32.87
N TYR B 668 -17.90 35.20 32.86
CA TYR B 668 -16.58 35.82 32.91
C TYR B 668 -15.90 35.67 31.56
N LYS B 669 -15.65 36.79 30.89
CA LYS B 669 -14.98 36.81 29.60
C LYS B 669 -13.53 37.22 29.83
N ALA B 670 -12.67 36.24 29.90
CA ALA B 670 -11.27 36.48 30.19
C ALA B 670 -10.42 36.32 28.94
N GLN B 671 -9.30 37.04 28.92
CA GLN B 671 -8.36 36.98 27.80
C GLN B 671 -7.43 35.79 27.86
N SER B 672 -7.36 35.11 29.01
CA SER B 672 -6.50 33.94 29.18
C SER B 672 -7.28 32.82 29.85
N PRO B 673 -7.07 31.57 29.42
CA PRO B 673 -7.76 30.45 30.08
C PRO B 673 -7.42 30.33 31.55
N ASP B 674 -6.18 30.63 31.93
CA ASP B 674 -5.78 30.53 33.33
C ASP B 674 -6.58 31.50 34.19
N GLU B 675 -6.71 32.75 33.75
CA GLU B 675 -7.45 33.74 34.51
C GLU B 675 -8.92 33.37 34.60
N ALA B 676 -9.50 32.89 33.50
CA ALA B 676 -10.90 32.49 33.52
C ALA B 676 -11.13 31.35 34.51
N ALA B 677 -10.26 30.35 34.48
CA ALA B 677 -10.40 29.23 35.41
C ALA B 677 -10.25 29.69 36.85
N LEU B 678 -9.26 30.56 37.12
CA LEU B 678 -9.03 31.02 38.48
C LEU B 678 -10.21 31.82 39.00
N VAL B 679 -10.75 32.72 38.18
CA VAL B 679 -11.89 33.54 38.62
C VAL B 679 -13.12 32.68 38.82
N GLN B 680 -13.37 31.73 37.92
CA GLN B 680 -14.52 30.84 38.09
C GLN B 680 -14.39 30.00 39.34
N SER B 681 -13.18 29.50 39.63
CA SER B 681 -12.98 28.72 40.84
C SER B 681 -13.18 29.58 42.09
N ALA B 682 -12.66 30.81 42.07
CA ALA B 682 -12.85 31.69 43.21
C ALA B 682 -14.32 31.99 43.44
N ALA B 683 -15.08 32.21 42.37
CA ALA B 683 -16.51 32.45 42.51
C ALA B 683 -17.23 31.21 43.04
N ASP B 684 -16.85 30.03 42.57
CA ASP B 684 -17.55 28.82 42.97
C ASP B 684 -17.22 28.41 44.39
N VAL B 685 -16.04 28.76 44.89
CA VAL B 685 -15.60 28.33 46.21
C VAL B 685 -15.48 29.55 47.12
N GLY B 686 -16.36 30.52 46.92
CA GLY B 686 -16.35 31.69 47.79
C GLY B 686 -16.50 33.01 47.08
N PHE B 687 -15.47 33.85 47.19
CA PHE B 687 -15.53 35.23 46.69
C PHE B 687 -15.87 35.26 45.21
N VAL B 688 -17.05 35.78 44.89
CA VAL B 688 -17.54 35.91 43.52
C VAL B 688 -17.19 37.31 43.04
N PHE B 689 -16.71 37.41 41.80
CA PHE B 689 -16.41 38.71 41.20
C PHE B 689 -17.67 39.29 40.59
N ARG B 690 -18.03 40.51 41.00
CA ARG B 690 -19.23 41.14 40.50
C ARG B 690 -19.03 41.67 39.08
N GLY B 691 -18.08 42.58 38.90
CA GLY B 691 -17.82 43.13 37.60
C GLY B 691 -17.12 44.48 37.71
N ARG B 692 -17.00 45.13 36.55
CA ARG B 692 -16.40 46.44 36.42
C ARG B 692 -17.36 47.40 35.71
N ASP B 693 -18.58 47.49 36.23
CA ASP B 693 -19.58 48.38 35.64
C ASP B 693 -19.10 49.83 35.62
N HIS B 694 -18.22 50.19 36.53
CA HIS B 694 -17.61 51.53 36.53
C HIS B 694 -16.12 51.39 36.76
N ASN B 695 -15.45 52.49 37.09
CA ASN B 695 -14.02 52.43 37.38
C ASN B 695 -13.72 51.83 38.77
N ILE B 696 -14.74 51.38 39.52
CA ILE B 696 -14.56 50.81 40.85
C ILE B 696 -14.99 49.36 40.80
N LEU B 697 -14.10 48.46 41.22
CA LEU B 697 -14.38 47.04 41.21
C LEU B 697 -15.30 46.66 42.36
N ARG B 698 -15.94 45.49 42.21
CA ARG B 698 -16.83 44.96 43.24
C ARG B 698 -16.56 43.48 43.41
N MET B 699 -16.82 42.99 44.63
CA MET B 699 -16.60 41.59 44.96
C MET B 699 -17.79 41.07 45.74
N SER B 700 -18.02 39.76 45.68
CA SER B 700 -19.16 39.12 46.33
C SER B 700 -18.67 38.01 47.25
N THR B 701 -18.29 38.38 48.46
CA THR B 701 -18.00 37.39 49.48
C THR B 701 -19.30 36.82 50.02
N PRO B 702 -19.31 35.54 50.46
CA PRO B 702 -20.55 34.92 50.94
C PRO B 702 -20.98 35.41 52.32
N PHE B 703 -20.82 36.71 52.57
CA PHE B 703 -21.30 37.34 53.78
C PHE B 703 -22.20 38.51 53.45
N SER B 704 -21.89 39.24 52.38
CA SER B 704 -22.66 40.42 51.96
C SER B 704 -22.14 40.83 50.59
N ASP B 705 -22.54 42.01 50.13
CA ASP B 705 -22.10 42.57 48.86
C ASP B 705 -21.08 43.66 49.17
N VAL B 706 -19.80 43.29 49.19
CA VAL B 706 -18.72 44.22 49.48
C VAL B 706 -18.26 44.91 48.20
N SER B 707 -17.45 45.95 48.34
CA SER B 707 -16.90 46.66 47.20
C SER B 707 -15.65 47.41 47.64
N ASP B 708 -14.70 47.54 46.72
CA ASP B 708 -13.45 48.23 46.99
C ASP B 708 -13.05 49.05 45.78
N GLU B 709 -12.35 50.15 46.04
CA GLU B 709 -11.93 51.05 44.96
C GLU B 709 -10.84 50.41 44.12
N TYR B 710 -10.76 50.84 42.86
CA TYR B 710 -9.77 50.34 41.92
C TYR B 710 -8.78 51.46 41.62
N GLU B 711 -7.51 51.23 41.94
CA GLU B 711 -6.45 52.19 41.70
C GLU B 711 -5.77 51.87 40.37
N LEU B 712 -4.65 52.53 40.11
CA LEU B 712 -3.98 52.37 38.83
C LEU B 712 -3.46 50.95 38.66
N LEU B 713 -3.66 50.39 37.47
CA LEU B 713 -3.16 49.06 37.16
C LEU B 713 -1.65 49.08 37.07
N HIS B 714 -1.04 47.94 37.37
CA HIS B 714 0.42 47.80 37.34
C HIS B 714 0.80 46.47 36.70
N VAL B 715 0.08 46.12 35.64
CA VAL B 715 0.25 44.80 35.03
C VAL B 715 1.58 44.76 34.29
N LEU B 716 2.39 43.74 34.61
CA LEU B 716 3.62 43.52 33.88
C LEU B 716 3.42 42.69 32.62
N GLU B 717 2.23 42.10 32.45
CA GLU B 717 1.84 41.38 31.24
C GLU B 717 2.75 40.21 30.93
N PHE B 718 3.46 39.69 31.94
CA PHE B 718 4.39 38.57 31.76
C PHE B 718 5.43 38.89 30.69
N ASN B 719 5.84 40.16 30.60
CA ASN B 719 6.72 40.63 29.55
C ASN B 719 7.99 41.22 30.16
N SER B 720 9.03 41.29 29.32
CA SER B 720 10.33 41.83 29.72
C SER B 720 10.90 41.07 30.93
N ALA B 721 10.74 39.74 30.90
CA ALA B 721 11.21 38.84 31.96
C ALA B 721 10.58 39.15 33.31
N ARG B 722 9.46 39.88 33.31
CA ARG B 722 8.73 40.19 34.54
C ARG B 722 7.62 39.15 34.69
N LYS B 723 7.97 38.01 35.28
CA LYS B 723 7.03 36.91 35.47
C LYS B 723 6.13 37.22 36.67
N ARG B 724 5.34 38.28 36.52
CA ARG B 724 4.51 38.77 37.61
C ARG B 724 3.42 39.65 37.05
N MET B 725 2.45 39.97 37.92
CA MET B 725 1.36 40.88 37.58
C MET B 725 0.79 41.42 38.88
N SER B 726 0.72 42.74 38.99
CA SER B 726 0.29 43.39 40.23
C SER B 726 -0.80 44.41 39.94
N VAL B 727 -1.69 44.60 40.91
CA VAL B 727 -2.82 45.53 40.80
C VAL B 727 -2.88 46.33 42.09
N ILE B 728 -2.51 47.62 42.02
CA ILE B 728 -2.71 48.51 43.15
C ILE B 728 -4.20 48.80 43.31
N LEU B 729 -4.69 48.74 44.54
CA LEU B 729 -6.12 48.91 44.80
C LEU B 729 -6.31 49.80 46.02
N ARG B 730 -7.58 50.00 46.37
CA ARG B 730 -7.97 50.82 47.52
C ARG B 730 -9.28 50.27 48.06
N LYS B 731 -9.55 50.55 49.34
CA LYS B 731 -10.77 50.10 49.99
C LYS B 731 -11.74 51.26 50.11
N LEU B 732 -12.99 51.03 49.72
CA LEU B 732 -14.02 52.06 49.79
C LEU B 732 -14.46 52.37 51.22
N ASP B 733 -14.11 51.52 52.19
CA ASP B 733 -14.54 51.74 53.57
C ASP B 733 -13.75 52.90 54.18
N GLU B 734 -14.11 53.24 55.41
CA GLU B 734 -13.45 54.35 56.11
C GLU B 734 -11.99 54.05 56.41
N ASP B 735 -11.58 52.78 56.40
CA ASP B 735 -10.19 52.44 56.65
C ASP B 735 -9.28 53.03 55.58
N GLY B 736 -9.67 52.90 54.31
CA GLY B 736 -8.88 53.46 53.23
C GLY B 736 -7.48 52.89 53.12
N ARG B 737 -7.35 51.59 53.31
CA ARG B 737 -6.04 50.95 53.27
C ARG B 737 -5.63 50.65 51.83
N ILE B 738 -4.44 51.09 51.44
CA ILE B 738 -3.91 50.82 50.12
C ILE B 738 -3.17 49.49 50.16
N PHE B 739 -3.67 48.50 49.41
CA PHE B 739 -3.08 47.18 49.38
C PHE B 739 -2.72 46.80 47.95
N LEU B 740 -1.54 46.23 47.79
CA LEU B 740 -1.05 45.77 46.49
C LEU B 740 -1.23 44.26 46.40
N LEU B 741 -1.92 43.80 45.37
CA LEU B 741 -2.13 42.38 45.13
C LEU B 741 -1.31 41.97 43.91
N CYS B 742 -0.41 41.01 44.10
CA CYS B 742 0.51 40.59 43.05
C CYS B 742 0.48 39.07 42.90
N LYS B 743 0.54 38.61 41.65
CA LYS B 743 0.64 37.21 41.31
C LYS B 743 1.75 37.03 40.28
N GLY B 744 2.36 35.86 40.26
CA GLY B 744 3.43 35.62 39.32
C GLY B 744 4.03 34.25 39.49
N ALA B 745 5.25 34.10 39.00
CA ALA B 745 5.94 32.82 39.00
C ALA B 745 6.43 32.48 40.41
N ASP B 746 7.14 31.36 40.51
CA ASP B 746 7.64 30.91 41.79
C ASP B 746 8.92 31.65 42.19
N ASN B 747 9.93 31.61 41.32
CA ASN B 747 11.22 32.19 41.67
C ASN B 747 11.11 33.69 41.90
N VAL B 748 10.41 34.40 41.01
CA VAL B 748 10.33 35.86 41.11
C VAL B 748 9.64 36.27 42.39
N ILE B 749 8.46 35.70 42.66
CA ILE B 749 7.72 36.07 43.86
C ILE B 749 8.47 35.67 45.11
N PHE B 750 9.06 34.47 45.13
CA PHE B 750 9.77 34.03 46.33
C PHE B 750 10.97 34.91 46.63
N GLU B 751 11.75 35.26 45.61
CA GLU B 751 12.85 36.20 45.81
C GLU B 751 12.34 37.60 46.13
N ARG B 752 11.08 37.88 45.81
CA ARG B 752 10.48 39.20 46.00
C ARG B 752 9.65 39.29 47.28
N LEU B 753 10.09 38.64 48.35
CA LEU B 753 9.39 38.70 49.63
C LEU B 753 10.28 39.31 50.70
N THR B 754 9.68 39.58 51.86
CA THR B 754 10.39 40.08 53.04
C THR B 754 10.48 38.94 54.04
N LYS B 755 11.59 38.21 54.00
CA LYS B 755 11.75 36.98 54.77
C LYS B 755 12.74 37.23 55.91
N ASP B 756 12.23 37.36 57.13
CA ASP B 756 13.12 37.46 58.27
C ASP B 756 13.33 36.11 58.94
N SER B 757 12.29 35.55 59.56
CA SER B 757 12.30 34.15 59.95
C SER B 757 10.98 33.46 59.62
N ASN B 758 9.88 34.16 59.90
CA ASN B 758 8.56 33.57 59.73
C ASN B 758 8.21 33.44 58.25
N GLN B 759 8.51 34.47 57.47
CA GLN B 759 8.33 34.35 56.03
C GLN B 759 9.29 33.34 55.43
N ARG B 760 10.46 33.13 56.06
CA ARG B 760 11.34 32.07 55.60
C ARG B 760 10.71 30.70 55.80
N GLU B 761 10.11 30.46 56.97
CA GLU B 761 9.41 29.20 57.21
C GLU B 761 8.24 29.03 56.25
N MET B 762 7.47 30.10 56.05
CA MET B 762 6.35 30.03 55.13
C MET B 762 6.83 29.75 53.71
N ARG B 763 7.95 30.34 53.31
CA ARG B 763 8.49 30.13 51.98
C ARG B 763 8.97 28.70 51.80
N GLU B 764 9.62 28.12 52.80
CA GLU B 764 10.07 26.74 52.66
C GLU B 764 8.88 25.77 52.59
N LYS B 765 7.85 26.03 53.40
CA LYS B 765 6.66 25.19 53.34
C LYS B 765 5.98 25.31 51.97
N THR B 766 5.86 26.54 51.46
CA THR B 766 5.23 26.73 50.16
C THR B 766 6.07 26.17 49.04
N ASP B 767 7.40 26.18 49.18
CA ASP B 767 8.27 25.56 48.19
C ASP B 767 8.08 24.06 48.15
N GLN B 768 7.97 23.43 49.32
CA GLN B 768 7.65 22.00 49.35
C GLN B 768 6.29 21.73 48.72
N ASP B 769 5.30 22.58 49.01
CA ASP B 769 3.97 22.42 48.43
C ASP B 769 4.02 22.56 46.91
N LEU B 770 4.81 23.51 46.40
CA LEU B 770 4.88 23.72 44.96
C LEU B 770 5.64 22.61 44.27
N GLN B 771 6.65 22.04 44.94
CA GLN B 771 7.31 20.85 44.42
C GLN B 771 6.33 19.69 44.32
N TYR B 772 5.47 19.54 45.34
CA TYR B 772 4.42 18.53 45.26
C TYR B 772 3.48 18.80 44.09
N PHE B 773 3.10 20.06 43.89
CA PHE B 773 2.21 20.42 42.79
C PHE B 773 2.83 20.06 41.44
N ALA B 774 4.11 20.39 41.27
CA ALA B 774 4.78 20.11 40.00
C ALA B 774 5.02 18.61 39.82
N SER B 775 5.17 17.87 40.92
CA SER B 775 5.40 16.43 40.81
C SER B 775 4.22 15.73 40.15
N GLU B 776 3.00 16.08 40.55
CA GLU B 776 1.81 15.50 39.92
C GLU B 776 1.61 16.07 38.52
N GLY B 777 2.08 17.29 38.28
CA GLY B 777 1.97 17.93 36.98
C GLY B 777 0.85 18.94 36.95
N LEU B 778 1.19 20.21 37.15
CA LEU B 778 0.20 21.28 37.27
C LEU B 778 0.90 22.60 36.96
N ARG B 779 0.10 23.60 36.61
CA ARG B 779 0.61 24.95 36.37
C ARG B 779 0.30 25.81 37.59
N THR B 780 1.34 26.41 38.17
CA THR B 780 1.26 27.04 39.47
C THR B 780 1.54 28.53 39.39
N LEU B 781 0.70 29.31 40.07
CA LEU B 781 0.91 30.75 40.24
C LEU B 781 1.01 31.07 41.73
N CYS B 782 1.98 31.90 42.09
CA CYS B 782 2.20 32.27 43.49
C CYS B 782 1.59 33.65 43.74
N LEU B 783 0.60 33.70 44.62
CA LEU B 783 -0.02 34.97 44.98
C LEU B 783 0.79 35.67 46.05
N ALA B 784 0.59 36.99 46.16
CA ALA B 784 1.34 37.81 47.09
C ALA B 784 0.40 38.84 47.72
N TYR B 785 0.95 39.61 48.67
CA TYR B 785 0.18 40.61 49.40
C TYR B 785 1.14 41.71 49.84
N ARG B 786 0.56 42.88 50.11
CA ARG B 786 1.29 44.05 50.61
C ARG B 786 0.28 45.10 51.02
N ILE B 787 0.59 45.81 52.11
CA ILE B 787 -0.21 46.94 52.57
C ILE B 787 0.62 48.20 52.40
N LEU B 788 0.14 49.10 51.56
CA LEU B 788 0.87 50.32 51.21
C LEU B 788 0.42 51.47 52.10
N ASP B 789 1.38 52.16 52.70
CA ASP B 789 1.07 53.35 53.47
C ASP B 789 0.76 54.52 52.53
N PRO B 790 -0.11 55.44 52.94
CA PRO B 790 -0.53 56.51 52.01
C PRO B 790 0.61 57.37 51.51
N GLN B 791 1.63 57.63 52.34
CA GLN B 791 2.74 58.48 51.91
C GLN B 791 3.53 57.83 50.79
N VAL B 792 3.94 56.58 50.99
CA VAL B 792 4.68 55.86 49.95
C VAL B 792 3.79 55.63 48.74
N TYR B 793 2.48 55.40 48.98
CA TYR B 793 1.54 55.25 47.86
C TYR B 793 1.53 56.49 46.98
N GLU B 794 1.40 57.67 47.59
CA GLU B 794 1.39 58.90 46.82
C GLU B 794 2.74 59.15 46.13
N GLN B 795 3.84 58.88 46.83
CA GLN B 795 5.15 59.08 46.23
C GLN B 795 5.34 58.19 45.00
N TRP B 796 4.97 56.91 45.12
CA TRP B 796 5.12 56.01 43.99
C TRP B 796 4.13 56.33 42.88
N ALA B 797 2.94 56.83 43.21
CA ALA B 797 2.02 57.27 42.18
C ALA B 797 2.60 58.43 41.39
N LYS B 798 3.22 59.39 42.08
CA LYS B 798 3.89 60.48 41.39
C LYS B 798 5.03 59.97 40.52
N GLU B 799 5.82 59.03 41.03
CA GLU B 799 6.93 58.48 40.25
C GLU B 799 6.41 57.75 39.01
N TYR B 800 5.33 56.99 39.15
CA TYR B 800 4.75 56.28 38.02
C TYR B 800 4.20 57.25 36.98
N HIS B 801 3.54 58.32 37.44
CA HIS B 801 3.03 59.32 36.51
C HIS B 801 4.17 59.99 35.75
N ASN B 802 5.27 60.29 36.44
CA ASN B 802 6.42 60.88 35.78
C ASN B 802 7.03 59.92 34.77
N ALA B 803 7.16 58.64 35.13
CA ALA B 803 7.74 57.67 34.23
C ALA B 803 6.80 57.26 33.11
N THR B 804 5.52 57.63 33.19
CA THR B 804 4.59 57.32 32.11
C THR B 804 5.01 57.98 30.81
N VAL B 805 5.43 59.24 30.88
CA VAL B 805 5.92 59.95 29.70
C VAL B 805 7.43 60.12 29.85
N ALA B 806 8.20 59.18 29.30
CA ALA B 806 9.65 59.19 29.41
C ALA B 806 10.36 59.11 28.07
N LEU B 807 9.62 58.94 26.97
CA LEU B 807 10.20 58.86 25.63
C LEU B 807 11.21 57.73 25.53
N GLN B 808 12.49 58.05 25.71
CA GLN B 808 13.55 57.05 25.57
C GLN B 808 13.51 56.06 26.72
N ASP B 809 13.63 54.77 26.38
CA ASP B 809 13.71 53.69 27.35
C ASP B 809 12.52 53.70 28.32
N ARG B 810 11.32 53.86 27.74
CA ARG B 810 10.11 53.84 28.56
C ARG B 810 9.93 52.49 29.24
N GLU B 811 10.25 51.40 28.54
CA GLU B 811 10.18 50.09 29.15
C GLU B 811 11.15 49.96 30.32
N GLU B 812 12.36 50.51 30.17
CA GLU B 812 13.31 50.50 31.28
C GLU B 812 12.78 51.30 32.46
N ARG B 813 12.16 52.45 32.19
CA ARG B 813 11.62 53.28 33.27
C ARG B 813 10.51 52.57 34.00
N ILE B 814 9.60 51.91 33.26
CA ILE B 814 8.51 51.22 33.93
C ILE B 814 9.02 49.98 34.67
N GLU B 815 10.08 49.34 34.16
CA GLU B 815 10.69 48.23 34.88
C GLU B 815 11.29 48.71 36.21
N SER B 816 11.99 49.85 36.18
CA SER B 816 12.52 50.41 37.41
C SER B 816 11.41 50.79 38.38
N VAL B 817 10.32 51.34 37.87
CA VAL B 817 9.18 51.69 38.71
C VAL B 817 8.58 50.44 39.35
N SER B 818 8.44 49.37 38.57
CA SER B 818 7.92 48.12 39.10
C SER B 818 8.82 47.54 40.16
N SER B 819 10.14 47.60 39.93
CA SER B 819 11.08 47.14 40.96
C SER B 819 10.97 47.98 42.22
N SER B 820 10.75 49.29 42.07
CA SER B 820 10.65 50.18 43.22
C SER B 820 9.41 49.86 44.05
N ILE B 821 8.25 49.71 43.40
CA ILE B 821 7.04 49.41 44.17
C ILE B 821 7.10 48.02 44.76
N GLU B 822 7.68 47.07 44.02
CA GLU B 822 7.85 45.71 44.52
C GLU B 822 9.18 45.62 45.26
N ARG B 823 9.16 46.03 46.52
CA ARG B 823 10.32 45.95 47.39
C ARG B 823 10.19 44.91 48.49
N ASP B 824 8.98 44.61 48.94
CA ASP B 824 8.74 43.62 49.98
C ASP B 824 7.30 43.15 49.86
N LEU B 825 7.10 41.83 49.85
CA LEU B 825 5.76 41.26 49.79
C LEU B 825 5.63 40.16 50.83
N ILE B 826 4.39 39.94 51.29
CA ILE B 826 4.06 38.87 52.22
C ILE B 826 3.33 37.79 51.45
N LEU B 827 3.81 36.55 51.57
CA LEU B 827 3.27 35.45 50.82
C LEU B 827 1.89 35.06 51.33
N LEU B 828 1.02 34.66 50.41
CA LEU B 828 -0.32 34.18 50.74
C LEU B 828 -0.54 32.72 50.39
N GLY B 829 0.10 32.21 49.35
CA GLY B 829 -0.09 30.82 48.96
C GLY B 829 0.25 30.62 47.50
N ALA B 830 -0.35 29.60 46.90
CA ALA B 830 -0.10 29.27 45.50
C ALA B 830 -1.29 28.51 44.95
N THR B 831 -1.38 28.48 43.63
CA THR B 831 -2.43 27.78 42.91
C THR B 831 -1.84 26.63 42.11
N ALA B 832 -2.72 25.88 41.43
CA ALA B 832 -2.29 24.73 40.63
C ALA B 832 -3.37 24.47 39.58
N ILE B 833 -3.09 24.84 38.34
CA ILE B 833 -4.03 24.70 37.24
C ILE B 833 -3.57 23.56 36.34
N GLU B 834 -4.50 22.72 35.92
CA GLU B 834 -4.22 21.58 35.05
C GLU B 834 -4.66 21.89 33.63
N ASP B 835 -3.76 21.72 32.68
CA ASP B 835 -4.08 21.83 31.26
C ASP B 835 -4.51 20.44 30.81
N LYS B 836 -5.83 20.24 30.65
CA LYS B 836 -6.37 18.91 30.47
C LYS B 836 -6.04 18.38 29.08
N LEU B 837 -5.30 17.28 29.04
CA LEU B 837 -5.00 16.59 27.80
C LEU B 837 -6.19 15.75 27.36
N GLN B 838 -6.15 15.32 26.10
CA GLN B 838 -7.16 14.39 25.62
C GLN B 838 -6.99 13.04 26.33
N ASP B 839 -8.11 12.36 26.53
CA ASP B 839 -8.08 11.10 27.26
C ASP B 839 -7.22 10.08 26.54
N GLY B 840 -6.35 9.40 27.29
CA GLY B 840 -5.52 8.35 26.75
C GLY B 840 -4.24 8.80 26.08
N VAL B 841 -3.93 10.10 26.08
CA VAL B 841 -2.72 10.57 25.43
C VAL B 841 -1.45 10.01 26.06
N PRO B 842 -1.27 10.05 27.39
CA PRO B 842 -0.03 9.47 27.96
C PRO B 842 0.12 7.98 27.69
N ASP B 843 -0.97 7.22 27.81
CA ASP B 843 -0.90 5.79 27.52
C ASP B 843 -0.60 5.55 26.05
N THR B 844 -1.21 6.33 25.17
CA THR B 844 -0.96 6.21 23.74
C THR B 844 0.50 6.49 23.41
N ILE B 845 1.06 7.53 24.01
CA ILE B 845 2.46 7.87 23.74
C ILE B 845 3.38 6.80 24.29
N SER B 846 3.06 6.25 25.46
CA SER B 846 3.86 5.15 26.01
C SER B 846 3.83 3.95 25.07
N ASP B 847 2.64 3.61 24.56
CA ASP B 847 2.52 2.48 23.64
C ASP B 847 3.27 2.74 22.34
N LEU B 848 3.21 3.97 21.82
CA LEU B 848 3.93 4.30 20.60
C LEU B 848 5.44 4.21 20.81
N LYS B 849 5.93 4.69 21.95
CA LYS B 849 7.37 4.58 22.23
C LYS B 849 7.79 3.14 22.43
N ARG B 850 6.90 2.30 22.99
CA ARG B 850 7.20 0.88 23.08
C ARG B 850 7.29 0.25 21.69
N ALA B 851 6.44 0.70 20.76
CA ALA B 851 6.46 0.19 19.40
C ALA B 851 7.70 0.62 18.62
N GLY B 852 8.49 1.54 19.16
CA GLY B 852 9.68 2.01 18.47
C GLY B 852 9.50 3.24 17.64
N ILE B 853 8.39 3.94 17.78
CA ILE B 853 8.13 5.14 17.00
C ILE B 853 8.60 6.35 17.79
N LYS B 854 9.39 7.20 17.15
CA LYS B 854 9.93 8.40 17.79
C LYS B 854 8.93 9.54 17.58
N VAL B 855 8.38 10.05 18.67
CA VAL B 855 7.33 11.06 18.63
C VAL B 855 7.95 12.42 18.90
N TRP B 856 7.74 13.36 17.99
CA TRP B 856 8.16 14.74 18.15
C TRP B 856 6.94 15.64 18.32
N VAL B 857 7.19 16.82 18.87
CA VAL B 857 6.15 17.84 19.03
C VAL B 857 6.61 19.08 18.28
N ALA B 858 5.78 19.54 17.36
CA ALA B 858 6.01 20.77 16.61
C ALA B 858 4.81 21.67 16.85
N THR B 859 4.98 22.68 17.69
CA THR B 859 3.89 23.55 18.11
C THR B 859 4.29 25.01 17.98
N GLY B 860 3.29 25.87 17.72
CA GLY B 860 3.48 27.29 17.69
C GLY B 860 3.39 27.98 19.03
N ASP B 861 3.13 27.23 20.11
CA ASP B 861 3.03 27.80 21.44
C ASP B 861 4.43 28.01 22.02
N LYS B 862 4.48 28.66 23.18
CA LYS B 862 5.74 29.04 23.79
C LYS B 862 6.47 27.82 24.35
N LEU B 863 7.73 28.03 24.75
CA LEU B 863 8.57 26.93 25.20
C LEU B 863 8.07 26.34 26.51
N GLU B 864 7.64 27.19 27.45
CA GLU B 864 7.24 26.69 28.77
C GLU B 864 6.04 25.76 28.68
N THR B 865 5.02 26.17 27.92
CA THR B 865 3.85 25.31 27.77
C THR B 865 4.20 24.00 27.09
N ALA B 866 5.04 24.05 26.06
CA ALA B 866 5.43 22.85 25.34
C ALA B 866 6.17 21.87 26.24
N VAL B 867 7.13 22.38 27.02
CA VAL B 867 7.91 21.49 27.88
C VAL B 867 7.04 20.93 29.01
N ALA B 868 6.12 21.75 29.54
CA ALA B 868 5.20 21.25 30.56
C ALA B 868 4.32 20.13 30.02
N ILE B 869 3.78 20.31 28.80
CA ILE B 869 2.94 19.28 28.20
C ILE B 869 3.76 18.03 27.93
N GLY B 870 5.00 18.19 27.45
CA GLY B 870 5.86 17.04 27.23
C GLY B 870 6.11 16.26 28.50
N TYR B 871 6.27 16.97 29.62
CA TYR B 871 6.38 16.29 30.91
C TYR B 871 5.10 15.57 31.27
N THR B 872 3.95 16.19 31.04
CA THR B 872 2.68 15.57 31.43
C THR B 872 2.23 14.45 30.50
N THR B 873 2.76 14.39 29.28
CA THR B 873 2.38 13.38 28.31
C THR B 873 3.31 12.18 28.29
N ASN B 874 4.26 12.11 29.22
CA ASN B 874 5.30 11.10 29.32
C ASN B 874 6.26 11.12 28.13
N LEU B 875 6.16 12.12 27.26
CA LEU B 875 7.16 12.30 26.21
C LEU B 875 8.51 12.62 26.83
N LEU B 876 8.53 13.47 27.84
CA LEU B 876 9.73 13.85 28.57
C LEU B 876 9.63 13.23 29.96
N THR B 877 10.26 12.09 30.15
CA THR B 877 10.22 11.44 31.45
C THR B 877 11.10 12.20 32.44
N LYS B 878 10.92 11.88 33.73
CA LYS B 878 11.66 12.54 34.78
C LYS B 878 13.15 12.24 34.74
N ASP B 879 13.57 11.24 33.97
CA ASP B 879 14.97 10.84 33.87
C ASP B 879 15.61 11.30 32.56
N THR B 880 15.20 12.46 32.04
CA THR B 880 15.73 12.99 30.80
C THR B 880 16.39 14.34 31.06
N ASN B 881 17.47 14.61 30.33
CA ASN B 881 18.18 15.87 30.41
C ASN B 881 17.82 16.71 29.20
N LEU B 882 17.37 17.94 29.45
CA LEU B 882 16.87 18.81 28.40
C LEU B 882 18.01 19.62 27.80
N ILE B 883 18.12 19.59 26.48
CA ILE B 883 19.02 20.47 25.74
C ILE B 883 18.15 21.55 25.13
N VAL B 884 18.16 22.74 25.72
CA VAL B 884 17.33 23.85 25.27
C VAL B 884 18.16 24.73 24.37
N VAL B 885 17.76 24.80 23.09
CA VAL B 885 18.46 25.62 22.09
C VAL B 885 17.53 26.76 21.70
N ARG B 886 17.98 27.99 21.93
CA ARG B 886 17.21 29.16 21.55
C ARG B 886 18.18 30.26 21.13
N GLU B 887 17.67 31.18 20.32
CA GLU B 887 18.50 32.28 19.84
C GLU B 887 18.88 33.19 21.00
N GLY B 888 20.16 33.57 21.06
CA GLY B 888 20.64 34.42 22.12
C GLY B 888 22.07 34.10 22.51
N ARG B 889 22.88 35.15 22.71
CA ARG B 889 24.28 35.00 23.08
C ARG B 889 25.02 34.15 22.05
N HIS B 890 25.27 32.89 22.37
CA HIS B 890 26.00 32.01 21.47
C HIS B 890 25.16 31.65 20.25
N SER B 891 25.85 31.33 19.16
CA SER B 891 25.18 31.00 17.91
C SER B 891 24.51 29.63 18.00
N ILE B 892 23.50 29.43 17.15
CA ILE B 892 22.72 28.20 17.20
C ILE B 892 23.57 27.00 16.81
N GLY B 893 24.36 27.13 15.73
CA GLY B 893 25.23 26.05 15.34
C GLY B 893 26.27 25.74 16.39
N ASP B 894 26.84 26.77 17.02
CA ASP B 894 27.78 26.56 18.10
C ASP B 894 27.11 25.86 19.27
N GLN B 895 25.86 26.23 19.58
CA GLN B 895 25.14 25.57 20.66
C GLN B 895 24.94 24.08 20.36
N LEU B 896 24.53 23.76 19.14
CA LEU B 896 24.34 22.35 18.78
C LEU B 896 25.66 21.58 18.84
N ARG B 897 26.74 22.18 18.33
CA ARG B 897 28.03 21.50 18.34
C ARG B 897 28.52 21.28 19.76
N GLU B 898 28.38 22.28 20.62
CA GLU B 898 28.79 22.13 22.02
C GLU B 898 27.95 21.07 22.73
N ALA B 899 26.64 21.05 22.46
CA ALA B 899 25.78 20.04 23.07
C ALA B 899 26.21 18.64 22.63
N LEU B 900 26.48 18.46 21.34
CA LEU B 900 26.94 17.16 20.85
C LEU B 900 28.25 16.76 21.51
N GLU B 901 29.21 17.68 21.58
CA GLU B 901 30.51 17.36 22.15
C GLU B 901 30.41 17.02 23.63
N GLU B 902 29.55 17.74 24.36
CA GLU B 902 29.49 17.58 25.81
C GLU B 902 28.53 16.49 26.28
N PHE B 903 27.64 16.01 25.41
CA PHE B 903 26.67 15.01 25.83
C PHE B 903 26.74 13.70 25.05
N PHE B 904 27.34 13.68 23.86
CA PHE B 904 27.45 12.46 23.08
C PHE B 904 28.89 12.26 22.58
N GLY B 905 29.87 12.83 23.28
CA GLY B 905 31.24 12.76 22.82
C GLY B 905 31.78 11.34 22.74
N GLU B 906 31.37 10.49 23.68
CA GLU B 906 31.82 9.09 23.71
C GLU B 906 31.03 8.22 22.74
N ASP B 907 30.95 8.66 21.49
CA ASP B 907 30.26 7.93 20.44
C ASP B 907 31.20 7.74 19.26
N ALA B 908 31.37 6.48 18.85
CA ALA B 908 32.25 6.19 17.72
C ALA B 908 31.71 6.77 16.42
N GLY B 909 30.41 6.68 16.21
CA GLY B 909 29.81 7.17 14.98
C GLY B 909 29.64 8.67 14.90
N LEU B 910 29.82 9.39 16.02
CA LEU B 910 29.68 10.84 16.00
C LEU B 910 30.78 11.49 15.16
N ARG B 911 32.00 10.96 15.23
CA ARG B 911 33.12 11.55 14.50
C ARG B 911 32.88 11.55 13.00
N THR B 912 32.09 10.60 12.50
CA THR B 912 31.74 10.60 11.08
C THR B 912 30.95 11.86 10.71
N THR B 913 30.02 12.27 11.57
CA THR B 913 29.24 13.47 11.33
C THR B 913 29.98 14.74 11.72
N LEU B 914 31.08 14.63 12.46
CA LEU B 914 31.84 15.81 12.87
C LEU B 914 32.82 16.29 11.81
N SER B 915 32.95 15.58 10.70
CA SER B 915 33.84 15.99 9.63
C SER B 915 33.25 17.17 8.87
N ARG B 916 33.63 18.39 9.26
CA ARG B 916 33.11 19.60 8.65
C ARG B 916 34.27 20.46 8.16
N ASP B 943 22.72 24.09 28.76
CA ASP B 943 22.67 23.73 30.17
C ASP B 943 21.29 23.24 30.58
N ASN B 944 21.08 23.08 31.90
CA ASN B 944 19.83 22.65 32.51
C ASN B 944 19.55 21.17 32.29
N GLY B 945 19.03 20.51 33.32
CA GLY B 945 18.75 19.09 33.28
C GLY B 945 18.36 18.60 34.65
N THR B 946 17.94 17.33 34.69
CA THR B 946 17.46 16.73 35.93
C THR B 946 18.38 15.62 36.42
N ARG B 947 18.62 14.59 35.61
CA ARG B 947 19.47 13.47 36.01
C ARG B 947 19.86 12.65 34.78
N PRO B 948 21.06 12.07 34.76
CA PRO B 948 21.48 11.30 33.58
C PRO B 948 20.64 10.06 33.37
N GLY B 949 20.51 9.66 32.11
CA GLY B 949 19.71 8.52 31.74
C GLY B 949 19.01 8.68 30.40
N GLY B 950 19.08 9.89 29.85
CA GLY B 950 18.50 10.17 28.55
C GLY B 950 18.59 11.65 28.20
N PHE B 951 18.45 11.99 26.92
CA PHE B 951 18.52 13.38 26.49
C PHE B 951 17.35 13.71 25.60
N SER B 952 16.80 14.91 25.78
CA SER B 952 15.72 15.41 24.96
C SER B 952 16.07 16.82 24.49
N LEU B 953 15.58 17.18 23.31
CA LEU B 953 15.93 18.44 22.67
C LEU B 953 14.71 19.34 22.62
N VAL B 954 14.87 20.58 23.08
CA VAL B 954 13.86 21.61 22.95
C VAL B 954 14.46 22.76 22.15
N ILE B 955 13.87 23.06 21.00
CA ILE B 955 14.42 24.07 20.09
C ILE B 955 13.29 24.99 19.65
N GLU B 956 13.61 26.28 19.55
CA GLU B 956 12.65 27.30 19.17
C GLU B 956 12.65 27.49 17.64
N GLY B 957 11.72 28.34 17.19
CA GLY B 957 11.57 28.56 15.76
C GLY B 957 12.73 29.29 15.12
N HIS B 958 13.26 30.31 15.79
CA HIS B 958 14.37 31.07 15.23
C HIS B 958 15.62 30.20 15.07
N ALA B 959 15.90 29.36 16.07
CA ALA B 959 17.03 28.44 15.95
C ALA B 959 16.83 27.48 14.78
N LEU B 960 15.60 27.00 14.58
CA LEU B 960 15.31 26.14 13.45
C LEU B 960 15.52 26.88 12.12
N ALA B 961 15.13 28.16 12.07
CA ALA B 961 15.34 28.93 10.86
C ALA B 961 16.83 29.07 10.55
N HIS B 962 17.63 29.36 11.58
CA HIS B 962 19.07 29.46 11.37
C HIS B 962 19.67 28.13 10.96
N CYS B 963 19.13 27.03 11.50
CA CYS B 963 19.60 25.70 11.11
C CYS B 963 19.30 25.42 9.64
N PHE B 964 18.07 25.70 9.21
CA PHE B 964 17.66 25.42 7.84
C PHE B 964 18.27 26.38 6.82
N ASP B 965 18.73 27.56 7.25
CA ASP B 965 19.33 28.50 6.31
C ASP B 965 20.59 27.91 5.68
N ASP B 966 21.44 27.26 6.47
CA ASP B 966 22.69 26.68 6.00
C ASP B 966 22.61 25.16 6.08
N GLU B 967 23.73 24.51 5.79
CA GLU B 967 23.79 23.05 5.71
C GLU B 967 24.55 22.41 6.86
N GLU B 968 25.65 23.01 7.31
CA GLU B 968 26.40 22.45 8.43
C GLU B 968 25.55 22.44 9.70
N THR B 969 24.85 23.54 9.98
CA THR B 969 23.98 23.58 11.14
C THR B 969 22.82 22.59 10.99
N GLU B 970 22.33 22.40 9.76
CA GLU B 970 21.29 21.42 9.54
C GLU B 970 21.77 20.00 9.83
N ALA B 971 22.99 19.68 9.42
CA ALA B 971 23.55 18.37 9.71
C ALA B 971 23.74 18.17 11.21
N LEU B 972 24.23 19.20 11.90
CA LEU B 972 24.38 19.11 13.35
C LEU B 972 23.02 18.90 14.03
N LEU B 973 22.00 19.64 13.57
CA LEU B 973 20.66 19.47 14.12
C LEU B 973 20.13 18.07 13.87
N LEU B 974 20.35 17.54 12.68
CA LEU B 974 19.90 16.18 12.38
C LEU B 974 20.59 15.16 13.29
N ALA B 975 21.89 15.29 13.46
CA ALA B 975 22.62 14.37 14.33
C ALA B 975 22.11 14.43 15.76
N LEU B 976 21.95 15.64 16.29
CA LEU B 976 21.48 15.78 17.67
C LEU B 976 20.05 15.26 17.84
N SER B 977 19.18 15.53 16.86
CA SER B 977 17.79 15.09 16.96
C SER B 977 17.67 13.58 16.85
N THR B 978 18.46 12.97 15.96
CA THR B 978 18.43 11.51 15.84
C THR B 978 19.03 10.85 17.07
N ARG B 979 20.01 11.48 17.70
CA ARG B 979 20.64 10.90 18.89
C ARG B 979 19.85 11.17 20.17
N CYS B 980 18.76 11.93 20.10
CA CYS B 980 17.95 12.24 21.27
C CYS B 980 16.66 11.42 21.27
N ASN B 981 16.06 11.32 22.44
CA ASN B 981 14.82 10.56 22.61
C ASN B 981 13.66 11.23 21.88
N THR B 982 13.35 12.45 22.28
CA THR B 982 12.27 13.22 21.66
C THR B 982 12.72 14.66 21.47
N VAL B 983 12.15 15.31 20.45
CA VAL B 983 12.46 16.69 20.12
C VAL B 983 11.17 17.50 20.22
N ILE B 984 11.21 18.58 20.99
CA ILE B 984 10.08 19.50 21.12
C ILE B 984 10.44 20.78 20.41
N CYS B 985 9.67 21.12 19.38
CA CYS B 985 9.87 22.34 18.62
C CYS B 985 8.76 23.32 18.98
N CYS B 986 9.13 24.48 19.50
CA CYS B 986 8.20 25.46 20.01
C CYS B 986 8.28 26.75 19.20
N ARG B 987 7.14 27.38 19.01
CA ARG B 987 7.02 28.62 18.23
C ARG B 987 7.54 28.43 16.80
N VAL B 988 6.88 27.54 16.07
CA VAL B 988 7.27 27.18 14.71
C VAL B 988 6.13 27.56 13.77
N SER B 989 6.50 28.15 12.63
CA SER B 989 5.54 28.44 11.58
C SER B 989 5.17 27.18 10.83
N PRO B 990 4.05 27.19 10.10
CA PRO B 990 3.69 26.01 9.28
C PRO B 990 4.82 25.55 8.37
N LEU B 991 5.49 26.50 7.71
CA LEU B 991 6.59 26.15 6.83
C LEU B 991 7.72 25.48 7.59
N GLN B 992 7.93 25.88 8.85
CA GLN B 992 8.98 25.24 9.65
C GLN B 992 8.60 23.82 10.03
N LYS B 993 7.31 23.57 10.28
CA LYS B 993 6.87 22.19 10.51
C LYS B 993 7.11 21.33 9.27
N ALA B 994 6.75 21.86 8.10
CA ALA B 994 7.02 21.14 6.85
C ALA B 994 8.51 20.92 6.67
N GLN B 995 9.32 21.90 7.04
CA GLN B 995 10.77 21.77 6.91
C GLN B 995 11.33 20.70 7.83
N ILE B 996 10.80 20.60 9.05
CA ILE B 996 11.23 19.53 9.97
C ILE B 996 10.88 18.17 9.39
N VAL B 997 9.64 18.02 8.92
CA VAL B 997 9.21 16.75 8.35
C VAL B 997 10.08 16.39 7.14
N HIS B 998 10.33 17.35 6.27
CA HIS B 998 11.16 17.09 5.09
C HIS B 998 12.60 16.78 5.48
N LEU B 999 13.13 17.45 6.50
CA LEU B 999 14.47 17.15 6.98
C LEU B 999 14.60 15.70 7.36
N ILE B 1000 13.69 15.21 8.22
CA ILE B 1000 13.76 13.81 8.62
C ILE B 1000 13.56 12.89 7.42
N LYS B 1001 12.50 13.13 6.65
CA LYS B 1001 12.13 12.23 5.57
C LYS B 1001 13.17 12.17 4.46
N ASP B 1002 13.96 13.22 4.27
CA ASP B 1002 14.97 13.24 3.23
C ASP B 1002 16.34 12.79 3.71
N ASN B 1003 16.80 13.28 4.88
CA ASN B 1003 18.12 12.89 5.34
C ASN B 1003 18.13 11.44 5.84
N LEU B 1004 17.09 11.01 6.53
CA LEU B 1004 17.03 9.65 7.04
C LEU B 1004 16.36 8.67 6.09
N GLY B 1005 15.46 9.16 5.24
CA GLY B 1005 14.74 8.27 4.35
C GLY B 1005 13.68 7.43 5.02
N VAL B 1006 13.32 7.74 6.25
CA VAL B 1006 12.36 6.94 6.99
C VAL B 1006 10.94 7.44 6.73
N MET B 1007 9.97 6.59 7.02
CA MET B 1007 8.56 6.97 6.89
C MET B 1007 8.16 7.90 8.02
N CYS B 1008 7.27 8.83 7.73
CA CYS B 1008 6.86 9.85 8.68
C CYS B 1008 5.35 9.99 8.71
N LEU B 1009 4.84 10.31 9.90
CA LEU B 1009 3.42 10.59 10.10
C LEU B 1009 3.28 11.94 10.80
N ALA B 1010 2.32 12.75 10.34
CA ALA B 1010 2.08 14.07 10.91
C ALA B 1010 0.62 14.15 11.33
N ILE B 1011 0.38 14.61 12.56
CA ILE B 1011 -0.96 14.69 13.12
C ILE B 1011 -1.16 16.08 13.70
N GLY B 1012 -2.31 16.68 13.42
CA GLY B 1012 -2.61 18.02 13.91
C GLY B 1012 -4.00 18.44 13.50
N ASP B 1013 -4.36 19.65 13.93
CA ASP B 1013 -5.71 20.18 13.73
C ASP B 1013 -5.68 21.67 13.39
N GLY B 1014 -4.84 22.07 12.44
CA GLY B 1014 -4.81 23.46 12.06
C GLY B 1014 -4.15 23.66 10.71
N ALA B 1015 -4.08 24.92 10.28
CA ALA B 1015 -3.44 25.25 9.01
C ALA B 1015 -1.94 24.94 9.03
N ASN B 1016 -1.26 25.26 10.14
CA ASN B 1016 0.11 24.82 10.30
C ASN B 1016 0.19 23.30 10.21
N ASP B 1017 -0.75 22.63 10.87
CA ASP B 1017 -0.87 21.20 10.72
C ASP B 1017 -1.24 20.81 9.31
N VAL B 1018 -1.92 21.68 8.57
CA VAL B 1018 -2.23 21.38 7.16
C VAL B 1018 -0.95 21.25 6.36
N SER B 1019 -0.06 22.24 6.48
CA SER B 1019 1.20 22.17 5.76
C SER B 1019 2.04 20.99 6.21
N MET B 1020 2.11 20.76 7.54
CA MET B 1020 2.88 19.63 8.05
C MET B 1020 2.33 18.30 7.55
N ILE B 1021 1.00 18.18 7.49
CA ILE B 1021 0.36 16.97 7.02
C ILE B 1021 0.67 16.73 5.55
N GLN B 1022 0.58 17.78 4.73
CA GLN B 1022 0.89 17.62 3.31
C GLN B 1022 2.36 17.29 3.11
N ALA B 1023 3.24 17.73 4.00
CA ALA B 1023 4.67 17.49 3.84
C ALA B 1023 5.10 16.08 4.26
N ALA B 1024 4.21 15.28 4.83
CA ALA B 1024 4.56 13.98 5.40
C ALA B 1024 4.05 12.84 4.53
N ASP B 1025 4.48 11.62 4.87
CA ASP B 1025 4.06 10.44 4.13
C ASP B 1025 2.59 10.12 4.41
N VAL B 1026 2.20 10.13 5.67
CA VAL B 1026 0.80 9.98 6.07
C VAL B 1026 0.43 11.16 6.94
N GLY B 1027 -0.64 11.85 6.55
CA GLY B 1027 -1.13 12.96 7.35
C GLY B 1027 -2.44 12.64 8.02
N VAL B 1028 -2.51 12.89 9.32
CA VAL B 1028 -3.70 12.59 10.12
C VAL B 1028 -4.23 13.91 10.69
N GLY B 1029 -5.52 14.14 10.51
CA GLY B 1029 -6.17 15.34 11.03
C GLY B 1029 -7.11 14.99 12.16
N ILE B 1030 -7.25 15.91 13.11
CA ILE B 1030 -8.11 15.72 14.27
C ILE B 1030 -9.32 16.63 14.11
N SER B 1031 -10.50 16.06 14.20
CA SER B 1031 -11.75 16.80 14.07
C SER B 1031 -12.10 17.42 15.41
N GLY B 1032 -12.04 18.74 15.50
CA GLY B 1032 -12.35 19.44 16.73
C GLY B 1032 -13.17 20.70 16.53
N GLU B 1033 -13.97 20.72 15.46
CA GLU B 1033 -14.81 21.87 15.12
C GLU B 1033 -13.96 23.13 14.98
N GLU B 1034 -12.79 22.99 14.36
CA GLU B 1034 -11.82 24.06 14.23
C GLU B 1034 -11.59 24.43 12.76
N GLY B 1035 -12.67 24.50 11.98
CA GLY B 1035 -12.58 24.80 10.57
C GLY B 1035 -12.33 23.61 9.67
N LEU B 1036 -11.98 22.45 10.23
CA LEU B 1036 -11.84 21.19 9.51
C LEU B 1036 -10.77 21.24 8.43
N GLN B 1037 -9.83 22.19 8.51
CA GLN B 1037 -8.84 22.34 7.46
C GLN B 1037 -7.83 21.21 7.48
N ALA B 1038 -7.33 20.86 8.66
CA ALA B 1038 -6.43 19.72 8.77
C ALA B 1038 -7.12 18.44 8.35
N VAL B 1039 -8.41 18.30 8.69
CA VAL B 1039 -9.18 17.15 8.27
C VAL B 1039 -9.29 17.11 6.75
N ASN B 1040 -9.53 18.27 6.13
CA ASN B 1040 -9.69 18.32 4.68
C ASN B 1040 -8.39 18.02 3.95
N SER B 1041 -7.25 18.43 4.53
CA SER B 1041 -5.96 18.25 3.88
C SER B 1041 -5.25 16.97 4.28
N SER B 1042 -5.88 16.11 5.08
CA SER B 1042 -5.24 14.93 5.60
C SER B 1042 -5.58 13.71 4.77
N ASP B 1043 -4.95 12.59 5.11
CA ASP B 1043 -5.26 11.28 4.55
C ASP B 1043 -6.17 10.46 5.45
N TYR B 1044 -6.11 10.70 6.75
CA TYR B 1044 -6.98 10.07 7.73
C TYR B 1044 -7.48 11.12 8.70
N ALA B 1045 -8.75 11.01 9.08
CA ALA B 1045 -9.38 11.95 10.00
C ALA B 1045 -9.83 11.19 11.24
N ILE B 1046 -9.15 11.42 12.35
CA ILE B 1046 -9.49 10.83 13.62
C ILE B 1046 -10.00 11.91 14.56
N ALA B 1047 -10.57 11.49 15.68
CA ALA B 1047 -11.03 12.42 16.70
C ALA B 1047 -10.23 12.36 17.99
N GLN B 1048 -9.42 11.32 18.19
CA GLN B 1048 -8.64 11.16 19.41
C GLN B 1048 -7.26 10.60 19.06
N PHE B 1049 -6.31 10.84 19.96
CA PHE B 1049 -4.95 10.31 19.79
C PHE B 1049 -4.91 8.79 19.96
N ARG B 1050 -5.68 8.27 20.93
CA ARG B 1050 -5.73 6.82 21.12
C ARG B 1050 -6.26 6.12 19.88
N TYR B 1051 -7.12 6.79 19.12
CA TYR B 1051 -7.55 6.25 17.84
C TYR B 1051 -6.37 6.11 16.90
N LEU B 1052 -5.44 7.06 16.94
CA LEU B 1052 -4.20 6.91 16.17
C LEU B 1052 -3.41 5.70 16.65
N LYS B 1053 -3.33 5.50 17.96
CA LYS B 1053 -2.60 4.35 18.49
C LYS B 1053 -3.15 3.05 17.92
N ARG B 1054 -4.46 2.85 18.04
CA ARG B 1054 -5.05 1.62 17.50
C ARG B 1054 -4.90 1.57 15.98
N LEU B 1055 -5.22 2.67 15.30
CA LEU B 1055 -5.09 2.74 13.85
C LEU B 1055 -3.75 2.19 13.40
N LEU B 1056 -2.67 2.79 13.86
CA LEU B 1056 -1.35 2.27 13.53
C LEU B 1056 -1.24 0.81 13.91
N LEU B 1057 -1.30 0.51 15.22
CA LEU B 1057 -0.84 -0.79 15.72
C LEU B 1057 -1.57 -1.95 15.05
N VAL B 1058 -2.88 -1.84 14.84
CA VAL B 1058 -3.59 -2.96 14.22
C VAL B 1058 -3.79 -2.75 12.72
N HIS B 1059 -4.37 -1.61 12.30
CA HIS B 1059 -4.73 -1.47 10.89
C HIS B 1059 -3.49 -1.39 10.01
N GLY B 1060 -2.48 -0.61 10.40
CA GLY B 1060 -1.32 -0.49 9.55
C GLY B 1060 -0.55 -1.80 9.44
N HIS B 1061 -0.37 -2.49 10.56
CA HIS B 1061 0.32 -3.77 10.55
C HIS B 1061 -0.42 -4.79 9.70
N TRP B 1062 -1.73 -4.89 9.89
CA TRP B 1062 -2.52 -5.84 9.11
C TRP B 1062 -2.51 -5.49 7.64
N SER B 1063 -2.65 -4.20 7.30
CA SER B 1063 -2.68 -3.80 5.91
C SER B 1063 -1.34 -4.05 5.23
N TYR B 1064 -0.23 -3.75 5.92
CA TYR B 1064 1.09 -4.03 5.36
C TYR B 1064 1.29 -5.52 5.13
N PHE B 1065 0.93 -6.33 6.12
CA PHE B 1065 1.06 -7.79 5.98
C PHE B 1065 0.23 -8.30 4.82
N ARG B 1066 -1.04 -7.91 4.76
CA ARG B 1066 -1.94 -8.39 3.72
C ARG B 1066 -1.48 -7.96 2.34
N ASN B 1067 -1.09 -6.69 2.19
CA ASN B 1067 -0.67 -6.21 0.88
C ASN B 1067 0.60 -6.90 0.42
N SER B 1068 1.58 -7.06 1.31
CA SER B 1068 2.81 -7.75 0.94
C SER B 1068 2.53 -9.18 0.50
N SER B 1069 1.74 -9.91 1.29
CA SER B 1069 1.45 -11.30 0.96
C SER B 1069 0.68 -11.39 -0.35
N MET B 1070 -0.29 -10.50 -0.56
CA MET B 1070 -1.11 -10.54 -1.77
C MET B 1070 -0.27 -10.27 -3.00
N ILE B 1071 0.61 -9.26 -2.96
CA ILE B 1071 1.43 -8.95 -4.12
C ILE B 1071 2.38 -10.10 -4.41
N LEU B 1072 3.01 -10.65 -3.37
CA LEU B 1072 3.93 -11.77 -3.58
C LEU B 1072 3.22 -12.98 -4.17
N ASN B 1073 2.01 -13.28 -3.70
CA ASN B 1073 1.28 -14.42 -4.23
C ASN B 1073 0.82 -14.19 -5.66
N PHE B 1074 0.43 -12.94 -5.99
CA PHE B 1074 0.07 -12.62 -7.36
C PHE B 1074 1.24 -12.86 -8.30
N PHE B 1075 2.41 -12.32 -7.93
CA PHE B 1075 3.61 -12.55 -8.73
C PHE B 1075 3.91 -14.04 -8.84
N TYR B 1076 3.75 -14.78 -7.74
CA TYR B 1076 4.05 -16.20 -7.74
C TYR B 1076 3.16 -16.97 -8.72
N LYS B 1077 1.86 -16.72 -8.69
CA LYS B 1077 0.96 -17.49 -9.54
C LYS B 1077 1.16 -17.14 -11.01
N ASN B 1078 1.36 -15.85 -11.31
CA ASN B 1078 1.63 -15.50 -12.69
C ASN B 1078 2.95 -16.08 -13.17
N ILE B 1079 3.94 -16.14 -12.28
CA ILE B 1079 5.20 -16.79 -12.62
C ILE B 1079 5.01 -18.28 -12.85
N ILE B 1080 4.09 -18.91 -12.11
CA ILE B 1080 3.80 -20.33 -12.34
C ILE B 1080 3.32 -20.53 -13.77
N GLY B 1081 2.32 -19.75 -14.18
CA GLY B 1081 1.81 -19.89 -15.54
C GLY B 1081 2.86 -19.60 -16.60
N ILE B 1082 3.55 -18.48 -16.46
CA ILE B 1082 4.57 -18.09 -17.43
C ILE B 1082 5.69 -19.11 -17.46
N GLY B 1083 6.03 -19.70 -16.31
CA GLY B 1083 7.11 -20.67 -16.26
C GLY B 1083 6.74 -21.96 -16.96
N VAL B 1084 5.50 -22.43 -16.80
CA VAL B 1084 5.09 -23.61 -17.56
C VAL B 1084 5.18 -23.32 -19.05
N LEU B 1085 4.71 -22.14 -19.48
CA LEU B 1085 4.84 -21.77 -20.88
C LEU B 1085 6.30 -21.77 -21.33
N PHE B 1086 7.19 -21.21 -20.51
CA PHE B 1086 8.60 -21.10 -20.89
C PHE B 1086 9.27 -22.46 -20.97
N TRP B 1087 9.01 -23.32 -19.98
CA TRP B 1087 9.59 -24.65 -20.01
C TRP B 1087 9.10 -25.45 -21.21
N PHE B 1088 7.87 -25.20 -21.66
CA PHE B 1088 7.49 -25.78 -22.94
C PHE B 1088 8.26 -25.14 -24.09
N MET B 1089 8.49 -23.82 -24.01
CA MET B 1089 9.23 -23.13 -25.05
C MET B 1089 10.63 -23.70 -25.22
N ILE B 1090 11.15 -24.38 -24.19
CA ILE B 1090 12.42 -25.09 -24.36
C ILE B 1090 12.29 -26.18 -25.43
N TYR B 1091 11.14 -26.88 -25.45
CA TYR B 1091 10.97 -28.05 -26.31
C TYR B 1091 10.33 -27.73 -27.66
N CYS B 1092 9.94 -26.49 -27.92
CA CYS B 1092 9.23 -26.15 -29.14
C CYS B 1092 10.11 -25.46 -30.18
N GLY B 1093 11.41 -25.36 -29.93
CA GLY B 1093 12.25 -24.57 -30.80
C GLY B 1093 12.25 -23.09 -30.50
N TRP B 1094 11.74 -22.69 -29.33
CA TRP B 1094 11.69 -21.29 -28.92
C TRP B 1094 10.87 -20.45 -29.91
N SER B 1095 9.72 -20.98 -30.31
CA SER B 1095 8.86 -20.34 -31.28
C SER B 1095 7.72 -19.55 -30.65
N THR B 1096 7.68 -19.45 -29.33
CA THR B 1096 6.67 -18.68 -28.60
C THR B 1096 5.26 -19.18 -28.90
N THR B 1097 5.05 -20.47 -28.66
CA THR B 1097 3.78 -21.13 -28.88
C THR B 1097 3.14 -21.50 -27.55
N TYR B 1098 1.83 -21.33 -27.46
CA TYR B 1098 1.11 -21.64 -26.23
C TYR B 1098 0.97 -23.15 -26.10
N VAL B 1099 1.56 -23.72 -25.06
CA VAL B 1099 1.33 -25.13 -24.77
C VAL B 1099 -0.13 -25.35 -24.37
N PHE B 1100 -0.64 -24.51 -23.48
CA PHE B 1100 -2.02 -24.59 -23.05
C PHE B 1100 -2.95 -24.18 -24.18
N ALA B 1101 -4.18 -24.69 -24.13
CA ALA B 1101 -5.26 -24.07 -24.89
C ALA B 1101 -5.46 -22.66 -24.36
N TYR B 1102 -5.73 -21.72 -25.28
CA TYR B 1102 -5.71 -20.31 -24.91
C TYR B 1102 -6.77 -19.97 -23.87
N VAL B 1103 -7.81 -20.78 -23.73
CA VAL B 1103 -8.83 -20.52 -22.71
C VAL B 1103 -8.25 -20.68 -21.32
N TYR B 1104 -7.34 -21.64 -21.14
CA TYR B 1104 -6.76 -21.89 -19.82
C TYR B 1104 -5.82 -20.78 -19.37
N LEU B 1105 -5.18 -20.08 -20.31
CA LEU B 1105 -4.33 -18.95 -19.97
C LEU B 1105 -5.10 -17.65 -19.93
N LEU B 1106 -6.20 -17.55 -20.69
CA LEU B 1106 -7.02 -16.35 -20.67
C LEU B 1106 -7.71 -16.16 -19.33
N PHE B 1107 -8.14 -17.26 -18.71
CA PHE B 1107 -8.87 -17.22 -17.44
C PHE B 1107 -7.97 -17.52 -16.24
N TRP B 1108 -6.66 -17.35 -16.38
CA TRP B 1108 -5.75 -17.69 -15.29
C TRP B 1108 -5.97 -16.78 -14.09
N ASN B 1109 -6.16 -15.48 -14.32
CA ASN B 1109 -6.38 -14.54 -13.23
C ASN B 1109 -7.85 -14.21 -13.02
N VAL B 1110 -8.68 -14.34 -14.05
CA VAL B 1110 -10.10 -14.03 -13.91
C VAL B 1110 -10.79 -15.06 -13.01
N PHE B 1111 -10.52 -16.35 -13.26
CA PHE B 1111 -11.26 -17.41 -12.60
C PHE B 1111 -10.39 -18.32 -11.75
N TRP B 1112 -9.30 -18.86 -12.30
CA TRP B 1112 -8.58 -19.93 -11.62
C TRP B 1112 -7.94 -19.45 -10.32
N THR B 1113 -7.22 -18.33 -10.37
CA THR B 1113 -6.49 -17.82 -9.20
C THR B 1113 -6.84 -16.34 -9.00
N LEU B 1114 -7.96 -16.06 -8.35
CA LEU B 1114 -8.28 -14.72 -7.91
C LEU B 1114 -8.70 -14.66 -6.44
N VAL B 1115 -9.46 -15.66 -5.98
CA VAL B 1115 -10.08 -15.62 -4.66
C VAL B 1115 -9.08 -15.87 -3.55
N PRO B 1116 -8.10 -16.79 -3.69
CA PRO B 1116 -7.07 -16.88 -2.65
C PRO B 1116 -6.31 -15.57 -2.43
N VAL B 1117 -5.98 -14.87 -3.52
CA VAL B 1117 -5.29 -13.60 -3.38
C VAL B 1117 -6.17 -12.56 -2.72
N ILE B 1118 -7.45 -12.50 -3.12
CA ILE B 1118 -8.35 -11.53 -2.51
C ILE B 1118 -8.53 -11.83 -1.02
N ALA B 1119 -8.66 -13.12 -0.67
CA ALA B 1119 -8.82 -13.51 0.72
C ALA B 1119 -7.58 -13.16 1.54
N ILE B 1120 -6.39 -13.38 0.98
CA ILE B 1120 -5.16 -12.98 1.67
C ILE B 1120 -5.13 -11.48 1.89
N GLY B 1121 -5.50 -10.71 0.86
CA GLY B 1121 -5.42 -9.27 0.96
C GLY B 1121 -6.46 -8.66 1.88
N LEU B 1122 -7.58 -9.35 2.10
CA LEU B 1122 -8.66 -8.78 2.88
C LEU B 1122 -8.77 -9.36 4.29
N PHE B 1123 -8.68 -10.68 4.45
CA PHE B 1123 -9.04 -11.34 5.70
C PHE B 1123 -7.87 -11.97 6.43
N ASP B 1124 -6.67 -12.01 5.85
CA ASP B 1124 -5.56 -12.68 6.49
C ASP B 1124 -5.06 -11.88 7.69
N ARG B 1125 -4.88 -12.57 8.82
CA ARG B 1125 -4.41 -11.95 10.06
C ARG B 1125 -3.24 -12.76 10.57
N ASN B 1126 -2.10 -12.08 10.78
CA ASN B 1126 -0.93 -12.76 11.34
C ASN B 1126 -1.08 -13.01 12.83
N ILE B 1127 -1.75 -12.11 13.54
CA ILE B 1127 -1.99 -12.26 14.97
C ILE B 1127 -3.21 -11.42 15.31
N ASP B 1128 -3.94 -11.83 16.34
CA ASP B 1128 -5.19 -11.17 16.70
C ASP B 1128 -4.93 -9.75 17.20
N ASP B 1129 -5.94 -8.89 17.06
CA ASP B 1129 -5.79 -7.48 17.38
C ASP B 1129 -5.59 -7.25 18.88
N GLU B 1130 -6.12 -8.14 19.72
CA GLU B 1130 -5.91 -8.00 21.17
C GLU B 1130 -4.43 -8.07 21.51
N THR B 1131 -3.69 -8.98 20.88
CA THR B 1131 -2.26 -9.09 21.15
C THR B 1131 -1.51 -7.87 20.64
N LEU B 1132 -1.88 -7.36 19.47
CA LEU B 1132 -1.22 -6.18 18.92
C LEU B 1132 -1.44 -4.96 19.80
N MET B 1133 -2.67 -4.79 20.29
CA MET B 1133 -2.94 -3.68 21.21
C MET B 1133 -2.22 -3.89 22.54
N ALA B 1134 -2.17 -5.13 23.03
CA ALA B 1134 -1.54 -5.42 24.31
C ALA B 1134 -0.03 -5.40 24.24
N LEU B 1135 0.56 -5.79 23.12
CA LEU B 1135 2.01 -5.86 22.94
C LEU B 1135 2.41 -5.02 21.76
N PRO B 1136 2.65 -3.72 21.96
CA PRO B 1136 3.11 -2.87 20.85
C PRO B 1136 4.46 -3.26 20.29
N GLU B 1137 5.25 -4.04 21.04
CA GLU B 1137 6.57 -4.44 20.55
C GLU B 1137 6.50 -5.33 19.32
N LEU B 1138 5.32 -5.90 19.02
CA LEU B 1138 5.16 -6.71 17.82
C LEU B 1138 5.18 -5.88 16.54
N TYR B 1139 5.14 -4.56 16.66
CA TYR B 1139 5.15 -3.64 15.53
C TYR B 1139 6.51 -3.54 14.86
N ARG B 1140 7.56 -4.17 15.42
CA ARG B 1140 8.89 -4.06 14.84
C ARG B 1140 8.94 -4.63 13.42
N ALA B 1141 8.32 -5.79 13.21
CA ALA B 1141 8.38 -6.43 11.91
C ALA B 1141 7.77 -5.57 10.83
N SER B 1142 6.64 -4.93 11.14
CA SER B 1142 6.01 -4.04 10.17
C SER B 1142 6.78 -2.74 10.01
N ARG B 1143 7.34 -2.23 11.11
CA ARG B 1143 8.05 -0.95 11.07
C ARG B 1143 9.39 -1.07 10.37
N GLU B 1144 10.08 -2.21 10.51
CA GLU B 1144 11.38 -2.41 9.90
C GLU B 1144 11.29 -2.91 8.47
N GLY B 1145 10.10 -3.06 7.92
CA GLY B 1145 9.92 -3.46 6.54
C GLY B 1145 10.39 -4.87 6.24
N LYS B 1146 10.05 -5.81 7.11
CA LYS B 1146 10.44 -7.19 6.94
C LYS B 1146 9.39 -8.03 6.24
N TYR B 1147 8.30 -7.42 5.78
CA TYR B 1147 7.25 -8.13 5.07
C TYR B 1147 7.30 -7.95 3.57
N PHE B 1148 7.85 -6.83 3.08
CA PHE B 1148 7.93 -6.55 1.66
C PHE B 1148 9.34 -6.11 1.31
N GLY B 1149 9.89 -6.64 0.24
CA GLY B 1149 11.24 -6.30 -0.16
C GLY B 1149 11.66 -7.14 -1.35
N LEU B 1150 12.91 -6.93 -1.76
CA LEU B 1150 13.44 -7.66 -2.91
C LEU B 1150 13.74 -9.11 -2.60
N MET B 1151 14.15 -9.42 -1.38
CA MET B 1151 14.49 -10.80 -1.03
C MET B 1151 13.26 -11.70 -1.02
N ARG B 1152 12.16 -11.23 -0.43
CA ARG B 1152 10.91 -11.98 -0.46
C ARG B 1152 10.40 -12.12 -1.89
N PHE B 1153 10.51 -11.05 -2.68
CA PHE B 1153 10.11 -11.11 -4.07
C PHE B 1153 10.90 -12.16 -4.84
N ALA B 1154 12.22 -12.21 -4.62
CA ALA B 1154 13.05 -13.19 -5.28
C ALA B 1154 12.71 -14.60 -4.82
N TYR B 1155 12.43 -14.78 -3.53
CA TYR B 1155 12.05 -16.10 -3.04
C TYR B 1155 10.77 -16.59 -3.69
N TYR B 1156 9.77 -15.71 -3.79
CA TYR B 1156 8.52 -16.13 -4.42
C TYR B 1156 8.68 -16.39 -5.90
N ILE B 1157 9.47 -15.57 -6.59
CA ILE B 1157 9.71 -15.78 -8.02
C ILE B 1157 10.40 -17.11 -8.25
N PHE B 1158 11.42 -17.43 -7.45
CA PHE B 1158 12.17 -18.66 -7.66
C PHE B 1158 11.36 -19.88 -7.21
N GLU B 1159 10.51 -19.73 -6.21
CA GLU B 1159 9.56 -20.80 -5.88
C GLU B 1159 8.64 -21.09 -7.05
N GLY B 1160 8.10 -20.04 -7.67
CA GLY B 1160 7.27 -20.24 -8.85
C GLY B 1160 8.01 -20.90 -9.99
N VAL B 1161 9.26 -20.49 -10.22
CA VAL B 1161 10.07 -21.09 -11.29
C VAL B 1161 10.29 -22.58 -11.02
N TYR B 1162 10.68 -22.92 -9.80
CA TYR B 1162 10.91 -24.31 -9.45
C TYR B 1162 9.64 -25.15 -9.59
N GLN B 1163 8.52 -24.63 -9.10
CA GLN B 1163 7.28 -25.40 -9.14
C GLN B 1163 6.81 -25.58 -10.58
N SER B 1164 6.91 -24.55 -11.41
CA SER B 1164 6.54 -24.69 -12.80
C SER B 1164 7.44 -25.70 -13.51
N ALA B 1165 8.74 -25.68 -13.19
CA ALA B 1165 9.65 -26.67 -13.77
C ALA B 1165 9.23 -28.09 -13.38
N VAL B 1166 8.91 -28.29 -12.10
CA VAL B 1166 8.48 -29.61 -11.66
C VAL B 1166 7.24 -30.05 -12.42
N ILE B 1167 6.22 -29.19 -12.47
CA ILE B 1167 4.98 -29.50 -13.18
C ILE B 1167 5.29 -29.93 -14.60
N TYR B 1168 5.88 -29.02 -15.38
CA TYR B 1168 6.05 -29.26 -16.80
C TYR B 1168 6.91 -30.48 -17.05
N PHE B 1169 8.09 -30.56 -16.42
CA PHE B 1169 9.03 -31.62 -16.77
C PHE B 1169 8.49 -32.99 -16.37
N PHE B 1170 7.93 -33.12 -15.17
CA PHE B 1170 7.42 -34.43 -14.78
C PHE B 1170 6.25 -34.86 -15.66
N LEU B 1171 5.31 -33.96 -15.94
CA LEU B 1171 4.19 -34.36 -16.77
C LEU B 1171 4.60 -34.62 -18.22
N ASN B 1172 5.61 -33.88 -18.71
CA ASN B 1172 6.12 -34.12 -20.05
C ASN B 1172 6.73 -35.50 -20.18
N TYR B 1173 7.66 -35.84 -19.28
CA TYR B 1173 8.26 -37.16 -19.34
C TYR B 1173 7.26 -38.26 -19.02
N THR B 1174 6.17 -37.93 -18.33
CA THR B 1174 5.07 -38.89 -18.18
C THR B 1174 4.36 -39.14 -19.51
N TYR B 1175 4.09 -38.07 -20.25
CA TYR B 1175 3.36 -38.18 -21.51
C TYR B 1175 4.24 -38.53 -22.70
N VAL B 1176 5.54 -38.71 -22.50
CA VAL B 1176 6.37 -39.23 -23.59
C VAL B 1176 6.10 -40.73 -23.68
N THR B 1177 5.09 -41.09 -24.46
CA THR B 1177 4.65 -42.46 -24.57
C THR B 1177 3.87 -42.60 -25.88
N THR B 1178 3.18 -43.73 -26.06
CA THR B 1178 2.42 -43.99 -27.26
C THR B 1178 0.96 -43.60 -27.13
N THR B 1179 0.30 -44.00 -26.04
CA THR B 1179 -1.14 -43.80 -25.97
C THR B 1179 -1.62 -43.12 -24.70
N ALA B 1180 -1.02 -43.42 -23.54
CA ALA B 1180 -1.41 -42.95 -22.23
C ALA B 1180 -2.76 -43.50 -21.76
N ARG B 1181 -3.43 -44.32 -22.56
CA ARG B 1181 -4.63 -45.03 -22.14
C ARG B 1181 -4.66 -46.38 -22.83
N GLY B 1182 -5.64 -47.19 -22.46
CA GLY B 1182 -5.80 -48.49 -23.07
C GLY B 1182 -6.50 -48.49 -24.42
N ASP B 1183 -6.98 -47.34 -24.88
CA ASP B 1183 -7.66 -47.22 -26.16
C ASP B 1183 -6.70 -47.02 -27.33
N GLY B 1184 -5.44 -46.73 -27.06
CA GLY B 1184 -4.45 -46.61 -28.12
C GLY B 1184 -4.35 -45.26 -28.78
N TYR B 1185 -5.21 -44.31 -28.42
CA TYR B 1185 -5.19 -43.01 -29.07
C TYR B 1185 -3.94 -42.24 -28.70
N ASP B 1186 -3.43 -41.48 -29.66
CA ASP B 1186 -2.15 -40.81 -29.51
C ASP B 1186 -2.24 -39.67 -28.50
N VAL B 1187 -1.08 -39.27 -28.01
CA VAL B 1187 -0.95 -38.16 -27.06
C VAL B 1187 -0.67 -36.90 -27.85
N TYR B 1188 -1.67 -36.04 -27.97
CA TYR B 1188 -1.49 -34.74 -28.61
C TYR B 1188 -1.23 -33.68 -27.54
N MET B 1189 -0.94 -32.47 -28.01
CA MET B 1189 -0.38 -31.45 -27.13
C MET B 1189 -1.33 -31.08 -26.00
N TYR B 1190 -2.62 -31.00 -26.30
CA TYR B 1190 -3.56 -30.44 -25.33
C TYR B 1190 -3.89 -31.38 -24.18
N GLU B 1191 -3.71 -32.69 -24.33
CA GLU B 1191 -3.83 -33.58 -23.17
C GLU B 1191 -2.82 -33.22 -22.09
N MET B 1192 -1.54 -33.19 -22.47
CA MET B 1192 -0.49 -32.81 -21.55
C MET B 1192 -0.68 -31.38 -21.07
N SER B 1193 -1.12 -30.50 -21.98
CA SER B 1193 -1.32 -29.11 -21.62
C SER B 1193 -2.38 -28.97 -20.54
N THR B 1194 -3.51 -29.68 -20.68
CA THR B 1194 -4.59 -29.56 -19.71
C THR B 1194 -4.20 -30.20 -18.38
N THR B 1195 -3.48 -31.32 -18.43
CA THR B 1195 -2.99 -31.91 -17.19
C THR B 1195 -2.06 -30.94 -16.45
N GLN B 1196 -1.15 -30.31 -17.20
CA GLN B 1196 -0.24 -29.34 -16.59
C GLN B 1196 -0.98 -28.12 -16.07
N ALA B 1197 -2.00 -27.66 -16.80
CA ALA B 1197 -2.77 -26.50 -16.35
C ALA B 1197 -3.52 -26.80 -15.06
N ILE B 1198 -4.16 -27.96 -14.98
CA ILE B 1198 -4.87 -28.33 -13.75
C ILE B 1198 -3.89 -28.48 -12.59
N GLY B 1199 -2.74 -29.11 -12.84
CA GLY B 1199 -1.73 -29.21 -11.80
C GLY B 1199 -1.24 -27.86 -11.34
N ALA B 1200 -1.01 -26.94 -12.27
CA ALA B 1200 -0.53 -25.61 -11.93
C ALA B 1200 -1.57 -24.83 -11.11
N VAL B 1201 -2.85 -24.92 -11.50
CA VAL B 1201 -3.90 -24.24 -10.74
C VAL B 1201 -3.98 -24.80 -9.32
N MET B 1202 -3.94 -26.13 -9.19
CA MET B 1202 -3.95 -26.75 -7.87
C MET B 1202 -2.76 -26.29 -7.04
N VAL B 1203 -1.57 -26.30 -7.64
CA VAL B 1203 -0.35 -25.93 -6.91
C VAL B 1203 -0.42 -24.48 -6.46
N ALA B 1204 -0.85 -23.58 -7.35
CA ALA B 1204 -0.90 -22.16 -6.99
C ALA B 1204 -1.91 -21.91 -5.87
N ASN B 1205 -3.10 -22.51 -5.98
CA ASN B 1205 -4.11 -22.29 -4.95
C ASN B 1205 -3.68 -22.87 -3.61
N LEU B 1206 -3.08 -24.06 -3.61
CA LEU B 1206 -2.65 -24.65 -2.35
C LEU B 1206 -1.45 -23.93 -1.77
N PHE B 1207 -0.58 -23.36 -2.61
CA PHE B 1207 0.51 -22.52 -2.11
C PHE B 1207 -0.05 -21.29 -1.42
N SER B 1208 -1.03 -20.62 -2.05
CA SER B 1208 -1.66 -19.47 -1.41
C SER B 1208 -2.33 -19.88 -0.10
N GLY B 1209 -2.96 -21.06 -0.07
CA GLY B 1209 -3.57 -21.52 1.16
C GLY B 1209 -2.56 -21.77 2.26
N LEU B 1210 -1.42 -22.36 1.91
CA LEU B 1210 -0.35 -22.55 2.89
C LEU B 1210 0.18 -21.21 3.39
N ASN B 1211 0.13 -20.18 2.55
CA ASN B 1211 0.62 -18.86 2.94
C ASN B 1211 -0.39 -18.04 3.72
N ILE B 1212 -1.40 -18.66 4.34
CA ILE B 1212 -2.39 -17.95 5.15
C ILE B 1212 -2.23 -18.42 6.59
N ASP B 1213 -2.00 -17.47 7.50
CA ASP B 1213 -1.87 -17.82 8.91
C ASP B 1213 -3.21 -18.20 9.52
N ALA B 1214 -4.25 -17.41 9.25
CA ALA B 1214 -5.58 -17.71 9.76
C ALA B 1214 -6.27 -18.75 8.90
N TRP B 1215 -7.27 -19.42 9.48
CA TRP B 1215 -8.01 -20.43 8.75
C TRP B 1215 -9.46 -20.47 9.20
N THR B 1216 -10.36 -20.62 8.24
CA THR B 1216 -11.79 -20.75 8.50
C THR B 1216 -12.41 -21.44 7.30
N GLY B 1217 -13.75 -21.45 7.22
CA GLY B 1217 -14.42 -22.06 6.09
C GLY B 1217 -14.20 -21.31 4.79
N TRP B 1218 -14.12 -19.98 4.86
CA TRP B 1218 -13.97 -19.18 3.65
C TRP B 1218 -12.65 -19.45 2.95
N VAL B 1219 -11.59 -19.74 3.72
CA VAL B 1219 -10.29 -20.04 3.11
C VAL B 1219 -10.39 -21.33 2.29
N TRP B 1220 -11.01 -22.37 2.87
CA TRP B 1220 -11.25 -23.59 2.11
C TRP B 1220 -12.09 -23.29 0.87
N PHE B 1221 -13.11 -22.45 1.03
CA PHE B 1221 -13.99 -22.10 -0.09
C PHE B 1221 -13.19 -21.54 -1.25
N ALA B 1222 -12.32 -20.56 -0.98
CA ALA B 1222 -11.54 -19.96 -2.06
C ALA B 1222 -10.55 -20.96 -2.66
N ILE B 1223 -9.77 -21.62 -1.80
CA ILE B 1223 -8.68 -22.47 -2.25
C ILE B 1223 -9.22 -23.62 -3.09
N TRP B 1224 -10.42 -24.10 -2.80
CA TRP B 1224 -11.01 -25.18 -3.58
C TRP B 1224 -12.10 -24.69 -4.53
N PHE B 1225 -12.32 -23.37 -4.59
CA PHE B 1225 -13.18 -22.78 -5.61
C PHE B 1225 -12.44 -22.52 -6.89
N GLY B 1226 -11.16 -22.19 -6.80
CA GLY B 1226 -10.35 -22.10 -7.99
C GLY B 1226 -10.30 -23.39 -8.78
N PRO B 1227 -9.70 -24.43 -8.17
CA PRO B 1227 -9.64 -25.74 -8.82
C PRO B 1227 -11.00 -26.34 -9.17
N PHE B 1228 -12.04 -26.09 -8.37
CA PHE B 1228 -13.36 -26.56 -8.76
C PHE B 1228 -13.79 -25.94 -10.08
N LEU B 1229 -13.54 -24.64 -10.24
CA LEU B 1229 -13.87 -23.98 -11.50
C LEU B 1229 -13.09 -24.59 -12.66
N ILE B 1230 -11.79 -24.85 -12.48
CA ILE B 1230 -11.03 -25.37 -13.62
C ILE B 1230 -11.46 -26.79 -13.95
N TRP B 1231 -11.78 -27.60 -12.93
CA TRP B 1231 -12.22 -28.97 -13.19
C TRP B 1231 -13.56 -28.98 -13.91
N VAL B 1232 -14.51 -28.16 -13.46
CA VAL B 1232 -15.82 -28.14 -14.12
C VAL B 1232 -15.68 -27.59 -15.53
N PHE B 1233 -14.82 -26.59 -15.73
CA PHE B 1233 -14.61 -26.05 -17.07
C PHE B 1233 -14.00 -27.08 -18.00
N THR B 1234 -13.03 -27.87 -17.50
CA THR B 1234 -12.47 -28.94 -18.33
C THR B 1234 -13.52 -29.99 -18.63
N ALA B 1235 -14.40 -30.28 -17.67
CA ALA B 1235 -15.42 -31.31 -17.88
C ALA B 1235 -16.46 -30.86 -18.91
N VAL B 1236 -16.87 -29.59 -18.87
CA VAL B 1236 -17.96 -29.14 -19.73
C VAL B 1236 -17.46 -28.63 -21.07
N TYR B 1237 -16.37 -27.87 -21.08
CA TYR B 1237 -15.81 -27.29 -22.30
C TYR B 1237 -15.36 -28.36 -23.30
N SER B 1238 -15.02 -29.55 -22.82
CA SER B 1238 -14.55 -30.63 -23.68
C SER B 1238 -15.68 -31.46 -24.26
N VAL B 1239 -16.93 -31.14 -23.93
CA VAL B 1239 -18.09 -31.82 -24.54
C VAL B 1239 -18.86 -30.91 -25.47
N ILE B 1240 -18.47 -29.65 -25.62
CA ILE B 1240 -19.12 -28.74 -26.56
C ILE B 1240 -18.88 -29.26 -27.96
N PRO B 1241 -19.93 -29.55 -28.73
CA PRO B 1241 -19.74 -30.12 -30.06
C PRO B 1241 -19.03 -29.14 -30.97
N PRO B 1242 -18.27 -29.62 -31.95
CA PRO B 1242 -17.58 -28.70 -32.86
C PRO B 1242 -18.53 -27.80 -33.64
N SER B 1243 -19.77 -28.26 -33.89
CA SER B 1243 -20.74 -27.43 -34.58
C SER B 1243 -21.04 -26.15 -33.81
N SER B 1244 -21.21 -26.27 -32.49
CA SER B 1244 -21.52 -25.10 -31.68
C SER B 1244 -20.31 -24.18 -31.54
N PHE B 1245 -19.13 -24.76 -31.32
CA PHE B 1245 -17.92 -23.99 -31.08
C PHE B 1245 -16.74 -24.92 -31.26
N TYR B 1246 -15.67 -24.42 -31.89
CA TYR B 1246 -14.53 -25.28 -32.21
C TYR B 1246 -13.90 -25.85 -30.95
N THR B 1247 -13.53 -24.96 -30.01
CA THR B 1247 -13.17 -25.28 -28.63
C THR B 1247 -11.82 -25.98 -28.53
N GLY B 1248 -11.28 -26.47 -29.65
CA GLY B 1248 -9.91 -26.94 -29.71
C GLY B 1248 -9.57 -28.19 -28.93
N VAL B 1249 -10.37 -28.52 -27.92
CA VAL B 1249 -10.01 -29.55 -26.95
C VAL B 1249 -11.12 -30.58 -26.82
N TYR B 1250 -11.88 -30.80 -27.89
CA TYR B 1250 -12.98 -31.75 -27.86
C TYR B 1250 -12.48 -33.14 -27.52
N GLY B 1251 -13.07 -33.74 -26.49
CA GLY B 1251 -12.73 -35.10 -26.09
C GLY B 1251 -11.74 -35.23 -24.96
N ASN B 1252 -11.29 -34.12 -24.36
CA ASN B 1252 -10.36 -34.21 -23.25
C ASN B 1252 -10.98 -34.84 -22.01
N ASP B 1253 -12.31 -34.79 -21.88
CA ASP B 1253 -12.96 -35.48 -20.77
C ASP B 1253 -12.79 -36.99 -20.87
N VAL B 1254 -12.54 -37.50 -22.08
CA VAL B 1254 -12.25 -38.91 -22.25
C VAL B 1254 -10.75 -39.18 -22.18
N PHE B 1255 -9.92 -38.27 -22.67
CA PHE B 1255 -8.48 -38.48 -22.73
C PHE B 1255 -7.78 -38.21 -21.40
N LEU B 1256 -8.44 -37.52 -20.46
CA LEU B 1256 -7.81 -37.15 -19.21
C LEU B 1256 -8.44 -37.86 -18.01
N PHE B 1257 -9.76 -37.83 -17.90
CA PHE B 1257 -10.43 -38.42 -16.74
C PHE B 1257 -10.41 -39.94 -16.77
N ARG B 1258 -9.98 -40.56 -17.87
CA ARG B 1258 -9.85 -42.00 -17.98
C ARG B 1258 -8.40 -42.43 -18.14
N SER B 1259 -7.45 -41.58 -17.80
CA SER B 1259 -6.03 -41.83 -17.99
C SER B 1259 -5.33 -41.93 -16.64
N ALA B 1260 -4.50 -42.95 -16.48
CA ALA B 1260 -3.69 -43.06 -15.26
C ALA B 1260 -2.66 -41.94 -15.18
N ALA B 1261 -2.19 -41.47 -16.34
CA ALA B 1261 -1.19 -40.40 -16.35
C ALA B 1261 -1.71 -39.15 -15.68
N TYR B 1262 -2.94 -38.74 -16.02
CA TYR B 1262 -3.54 -37.55 -15.41
C TYR B 1262 -3.72 -37.72 -13.90
N TRP B 1263 -4.36 -38.82 -13.50
CA TRP B 1263 -4.74 -39.04 -12.11
C TRP B 1263 -3.55 -39.33 -11.21
N PHE B 1264 -2.41 -39.74 -11.78
CA PHE B 1264 -1.21 -39.94 -10.99
C PHE B 1264 -0.15 -38.88 -11.25
N GLY B 1265 -0.41 -37.94 -12.15
CA GLY B 1265 0.53 -36.88 -12.41
C GLY B 1265 0.16 -35.59 -11.72
N TRP B 1266 -1.10 -35.18 -11.81
CA TRP B 1266 -1.47 -33.95 -11.10
C TRP B 1266 -1.27 -34.05 -9.59
N PRO B 1267 -1.62 -35.15 -8.89
CA PRO B 1267 -1.34 -35.19 -7.46
C PRO B 1267 0.14 -35.25 -7.14
N PHE B 1268 0.91 -36.04 -7.89
CA PHE B 1268 2.35 -36.09 -7.66
C PHE B 1268 3.00 -34.74 -7.92
N VAL B 1269 2.58 -34.07 -8.99
CA VAL B 1269 3.11 -32.74 -9.28
C VAL B 1269 2.78 -31.78 -8.15
N THR B 1270 1.55 -31.84 -7.65
CA THR B 1270 1.14 -30.95 -6.55
C THR B 1270 1.99 -31.20 -5.31
N ILE B 1271 2.14 -32.45 -4.93
CA ILE B 1271 2.87 -32.78 -3.71
C ILE B 1271 4.34 -32.39 -3.83
N ILE B 1272 4.96 -32.70 -4.97
CA ILE B 1272 6.38 -32.40 -5.13
C ILE B 1272 6.61 -30.90 -5.20
N ALA B 1273 5.69 -30.17 -5.85
CA ALA B 1273 5.84 -28.72 -5.91
C ALA B 1273 5.68 -28.07 -4.54
N LEU B 1274 4.76 -28.57 -3.73
CA LEU B 1274 4.46 -27.92 -2.47
C LEU B 1274 5.25 -28.46 -1.28
N LEU B 1275 5.99 -29.55 -1.46
CA LEU B 1275 6.76 -30.09 -0.33
C LEU B 1275 7.84 -29.13 0.16
N PRO B 1276 8.68 -28.54 -0.69
CA PRO B 1276 9.69 -27.60 -0.16
C PRO B 1276 9.08 -26.43 0.60
N ARG B 1277 7.95 -25.88 0.13
CA ARG B 1277 7.32 -24.78 0.84
C ARG B 1277 6.82 -25.21 2.20
N TYR B 1278 6.19 -26.39 2.28
CA TYR B 1278 5.70 -26.90 3.56
C TYR B 1278 6.84 -27.10 4.54
N LEU B 1279 7.93 -27.73 4.09
CA LEU B 1279 9.06 -27.98 4.98
C LEU B 1279 9.73 -26.68 5.40
N ILE B 1280 9.88 -25.74 4.46
CA ILE B 1280 10.50 -24.46 4.78
C ILE B 1280 9.68 -23.71 5.81
N LYS B 1281 8.36 -23.68 5.63
CA LYS B 1281 7.49 -22.97 6.57
C LYS B 1281 7.57 -23.60 7.95
N THR B 1282 7.49 -24.94 8.02
CA THR B 1282 7.55 -25.61 9.31
C THR B 1282 8.88 -25.35 10.02
N PHE B 1283 9.99 -25.51 9.29
CA PHE B 1283 11.30 -25.35 9.93
C PHE B 1283 11.59 -23.89 10.27
N ARG B 1284 11.09 -22.94 9.48
CA ARG B 1284 11.26 -21.53 9.84
C ARG B 1284 10.46 -21.20 11.09
N GLN B 1285 9.24 -21.74 11.22
CA GLN B 1285 8.44 -21.47 12.39
C GLN B 1285 8.95 -22.17 13.63
N ASN B 1286 9.65 -23.30 13.48
CA ASN B 1286 10.11 -24.07 14.63
C ASN B 1286 11.59 -23.89 14.96
N ILE B 1287 12.37 -23.20 14.12
CA ILE B 1287 13.80 -23.03 14.33
C ILE B 1287 14.18 -21.56 14.39
N PHE B 1288 13.73 -20.76 13.43
CA PHE B 1288 14.01 -19.33 13.36
C PHE B 1288 12.70 -18.57 13.48
N PRO B 1289 12.10 -18.53 14.67
CA PRO B 1289 10.75 -17.95 14.81
C PRO B 1289 10.78 -16.46 15.12
N ASN B 1290 9.80 -15.77 14.55
CA ASN B 1290 9.59 -14.35 14.80
C ASN B 1290 8.81 -14.16 16.10
N ASP B 1291 8.71 -12.91 16.52
CA ASP B 1291 7.89 -12.60 17.68
C ASP B 1291 6.42 -12.88 17.41
N VAL B 1292 5.95 -12.56 16.20
CA VAL B 1292 4.54 -12.77 15.86
C VAL B 1292 4.21 -14.26 15.85
N ASP B 1293 5.08 -15.08 15.26
CA ASP B 1293 4.82 -16.51 15.22
C ASP B 1293 4.84 -17.12 16.62
N THR B 1294 5.81 -16.72 17.44
CA THR B 1294 5.86 -17.22 18.81
C THR B 1294 4.63 -16.83 19.60
N MET B 1295 4.18 -15.57 19.45
CA MET B 1295 3.00 -15.13 20.15
C MET B 1295 1.74 -15.83 19.64
N ARG B 1296 1.68 -16.13 18.35
CA ARG B 1296 0.55 -16.89 17.82
C ARG B 1296 0.51 -18.28 18.44
N LEU B 1297 1.66 -18.93 18.54
CA LEU B 1297 1.70 -20.23 19.21
C LEU B 1297 1.30 -20.13 20.67
N VAL B 1298 1.77 -19.09 21.36
CA VAL B 1298 1.45 -18.92 22.78
C VAL B 1298 -0.05 -18.73 22.96
N ARG B 1299 -0.67 -17.88 22.13
CA ARG B 1299 -2.10 -17.66 22.23
C ARG B 1299 -2.90 -18.90 21.87
N LYS B 1300 -2.43 -19.67 20.89
CA LYS B 1300 -3.17 -20.86 20.49
C LYS B 1300 -3.11 -21.95 21.55
N TYR B 1301 -1.94 -22.15 22.17
CA TYR B 1301 -1.76 -23.25 23.10
C TYR B 1301 -1.90 -22.85 24.56
N HIS B 1302 -1.69 -21.58 24.90
CA HIS B 1302 -1.79 -21.10 26.27
C HIS B 1302 -2.68 -19.86 26.32
N PRO B 1303 -3.99 -20.04 26.12
CA PRO B 1303 -4.89 -18.88 26.19
C PRO B 1303 -4.99 -18.27 27.56
N GLU B 1304 -4.61 -19.00 28.62
CA GLU B 1304 -4.73 -18.49 29.97
C GLU B 1304 -3.67 -17.44 30.32
N VAL B 1305 -2.65 -17.27 29.47
CA VAL B 1305 -1.61 -16.30 29.76
C VAL B 1305 -2.18 -14.90 29.62
N ASP B 1306 -1.96 -14.07 30.64
CA ASP B 1306 -2.42 -12.69 30.62
C ASP B 1306 -1.34 -11.81 30.01
N LEU B 1307 -1.67 -11.18 28.87
CA LEU B 1307 -0.69 -10.40 28.14
C LEU B 1307 -0.23 -9.19 28.93
N TYR B 1308 -1.15 -8.55 29.67
CA TYR B 1308 -0.83 -7.27 30.29
C TYR B 1308 0.06 -7.44 31.52
N ASN B 1309 -0.16 -8.48 32.30
CA ASN B 1309 0.61 -8.72 33.52
C ASN B 1309 1.10 -10.16 33.53
N HIS B 1310 2.26 -10.39 32.91
CA HIS B 1310 2.92 -11.69 32.91
C HIS B 1310 4.40 -11.41 33.10
N PRO B 1311 5.12 -12.26 33.84
CA PRO B 1311 6.54 -11.96 34.11
C PRO B 1311 7.39 -11.79 32.86
N MET B 1312 7.10 -12.55 31.80
CA MET B 1312 7.88 -12.48 30.57
C MET B 1312 7.15 -11.76 29.43
N LEU B 1313 5.88 -11.40 29.62
CA LEU B 1313 5.10 -10.77 28.56
C LEU B 1313 4.66 -9.37 28.91
N GLY B 1314 4.05 -9.16 30.07
CA GLY B 1314 3.55 -7.84 30.43
C GLY B 1314 4.21 -7.22 31.64
N GLY B 1315 4.59 -8.05 32.61
CA GLY B 1315 5.25 -7.53 33.79
C GLY B 1315 6.61 -6.96 33.50
N LYS B 1316 7.22 -7.36 32.39
CA LYS B 1316 8.47 -6.79 31.93
C LYS B 1316 8.25 -5.50 31.14
N LEU B 1317 6.99 -5.16 30.85
CA LEU B 1317 6.63 -3.97 30.07
C LEU B 1317 7.37 -3.95 28.74
N ALA B 1318 7.46 -5.12 28.12
CA ALA B 1318 8.14 -5.27 26.84
C ALA B 1318 7.55 -6.39 26.02
N GLY B 1412 7.41 23.83 39.00
CA GLY B 1412 6.87 24.15 37.69
C GLY B 1412 6.02 25.39 37.75
N PHE B 1413 5.92 26.08 36.60
CA PHE B 1413 5.17 27.32 36.52
C PHE B 1413 4.67 27.52 35.10
N GLY B 1414 3.47 28.06 34.97
CA GLY B 1414 2.90 28.36 33.67
C GLY B 1414 1.83 29.43 33.71
N PHE B 1415 1.95 30.43 32.84
CA PHE B 1415 0.97 31.50 32.78
C PHE B 1415 0.92 32.04 31.35
N THR B 1416 -0.27 32.45 30.94
CA THR B 1416 -0.50 32.98 29.59
C THR B 1416 -1.03 34.40 29.71
N MET B 1417 -0.48 35.29 28.89
CA MET B 1417 -0.90 36.69 28.88
C MET B 1417 -0.74 37.26 27.48
N GLU B 1418 -1.50 38.31 27.19
CA GLU B 1418 -1.50 38.90 25.86
C GLU B 1418 -0.21 39.63 25.52
N GLU B 1419 0.65 39.92 26.52
CA GLU B 1419 1.96 40.54 26.30
C GLU B 1419 1.82 41.91 25.63
N GLY B 1420 1.09 42.79 26.30
CA GLY B 1420 0.94 44.16 25.84
C GLY B 1420 -0.24 44.34 24.90
N GLY B 1421 -0.66 45.60 24.76
CA GLY B 1421 -1.77 45.94 23.90
C GLY B 1421 -2.91 46.62 24.62
N VAL B 1422 -4.04 45.91 24.74
CA VAL B 1422 -5.19 46.46 25.46
C VAL B 1422 -4.82 46.72 26.91
N ALA B 1423 -3.99 45.85 27.50
CA ALA B 1423 -3.49 46.09 28.84
C ALA B 1423 -2.68 47.38 28.90
N ILE B 1424 -1.87 47.64 27.86
CA ILE B 1424 -1.20 48.93 27.75
C ILE B 1424 -2.22 50.03 27.55
N GLN B 1425 -3.21 49.79 26.68
CA GLN B 1425 -4.29 50.77 26.49
C GLN B 1425 -5.17 50.89 27.72
N ARG B 1426 -5.21 49.86 28.58
CA ARG B 1426 -5.88 49.99 29.86
C ARG B 1426 -5.19 51.01 30.74
N MET B 1427 -3.86 51.09 30.66
CA MET B 1427 -3.12 52.07 31.45
C MET B 1427 -3.51 53.49 31.05
N GLN B 1428 -3.62 53.76 29.75
CA GLN B 1428 -3.97 55.10 29.29
C GLN B 1428 -5.38 55.48 29.73
N SER B 1429 -6.32 54.53 29.66
CA SER B 1429 -7.68 54.81 30.08
C SER B 1429 -7.75 55.13 31.57
N ARG B 1430 -7.01 54.38 32.37
CA ARG B 1430 -7.01 54.56 33.82
C ARG B 1430 -5.98 55.57 34.31
N LEU B 1431 -5.24 56.20 33.40
CA LEU B 1431 -4.25 57.19 33.77
C LEU B 1431 -4.91 58.46 34.29
C1 NAG C . 12.59 -43.90 -56.40
C2 NAG C . 13.09 -42.84 -55.42
C3 NAG C . 12.68 -41.45 -55.91
C4 NAG C . 13.14 -41.23 -57.34
C5 NAG C . 12.65 -42.36 -58.23
C6 NAG C . 13.16 -42.28 -59.65
C7 NAG C . 13.32 -43.07 -52.99
C8 NAG C . 14.78 -42.80 -53.19
N2 NAG C . 12.56 -43.08 -54.09
O3 NAG C . 13.25 -40.47 -55.06
O4 NAG C . 12.64 -39.99 -57.82
O5 NAG C . 13.09 -43.62 -57.71
O6 NAG C . 13.74 -43.52 -60.07
O7 NAG C . 12.85 -43.28 -51.87
C1 NAG C . 13.73 -39.13 -58.20
C2 NAG C . 13.13 -37.94 -58.95
C3 NAG C . 14.24 -36.95 -59.35
C4 NAG C . 15.07 -36.57 -58.14
C5 NAG C . 15.56 -37.81 -57.41
C6 NAG C . 16.30 -37.49 -56.12
C7 NAG C . 12.89 -39.04 -61.16
C8 NAG C . 11.93 -39.38 -62.26
N2 NAG C . 12.38 -38.36 -60.12
O3 NAG C . 13.67 -35.80 -59.94
O4 NAG C . 16.18 -35.77 -58.53
O5 NAG C . 14.46 -38.65 -57.06
O6 NAG C . 17.67 -37.23 -56.35
O7 NAG C . 14.07 -39.37 -61.21
C1 NAG D . 4.01 -37.40 -50.10
C2 NAG D . 3.95 -37.12 -51.60
C3 NAG D . 5.17 -36.32 -52.03
C4 NAG D . 5.32 -35.07 -51.19
C5 NAG D . 5.32 -35.43 -49.71
C6 NAG D . 5.33 -34.22 -48.80
C7 NAG D . 2.70 -39.00 -52.57
C8 NAG D . 2.80 -40.27 -53.36
N2 NAG D . 3.86 -38.37 -52.35
O3 NAG D . 5.05 -35.97 -53.41
O4 NAG D . 6.55 -34.40 -51.52
O5 NAG D . 4.13 -36.16 -49.39
O6 NAG D . 4.18 -34.19 -47.97
O7 NAG D . 1.64 -38.58 -52.14
C1 NAG D . 6.27 -33.09 -52.05
C2 NAG D . 7.60 -32.34 -52.18
C3 NAG D . 7.36 -30.95 -52.77
C4 NAG D . 6.57 -31.05 -54.07
C5 NAG D . 5.31 -31.88 -53.87
C6 NAG D . 4.55 -32.14 -55.16
C7 NAG D . 9.20 -33.10 -50.49
C8 NAG D . 9.79 -32.83 -49.13
N2 NAG D . 8.26 -32.24 -50.89
O3 NAG D . 8.62 -30.33 -53.01
O4 NAG D . 6.20 -29.73 -54.47
O5 NAG D . 5.63 -33.17 -53.33
O6 NAG D . 5.37 -32.81 -56.10
O7 NAG D . 9.57 -34.04 -51.19
C1 BMA D . 6.68 -29.40 -55.80
C2 BMA D . 5.76 -28.26 -56.33
C3 BMA D . 6.27 -27.71 -57.66
C4 BMA D . 7.78 -27.41 -57.59
C5 BMA D . 8.54 -28.65 -57.12
C6 BMA D . 10.03 -28.44 -57.03
O2 BMA D . 5.73 -27.18 -55.41
O3 BMA D . 5.58 -26.53 -58.04
O4 BMA D . 8.26 -27.03 -58.87
O5 BMA D . 8.05 -28.99 -55.80
O6 BMA D . 10.39 -28.13 -55.70
C1 MAN D . 11.09 -26.87 -55.66
C2 MAN D . 11.18 -26.50 -54.16
C3 MAN D . 11.47 -25.01 -53.93
C4 MAN D . 10.68 -24.08 -54.90
C5 MAN D . 10.83 -24.54 -56.36
C6 MAN D . 12.22 -24.41 -56.94
O2 MAN D . 12.26 -27.18 -53.52
O3 MAN D . 12.87 -24.71 -53.95
O4 MAN D . 9.28 -24.09 -54.59
O5 MAN D . 10.42 -25.92 -56.47
O6 MAN D . 12.15 -24.73 -58.33
C1 MAN D . 8.88 -23.31 -53.42
C2 MAN D . 9.66 -21.96 -53.39
C3 MAN D . 10.00 -21.60 -51.95
C4 MAN D . 8.83 -21.95 -51.01
C5 MAN D . 8.61 -23.47 -51.01
C6 MAN D . 7.16 -23.87 -50.87
O2 MAN D . 8.87 -20.88 -53.87
O3 MAN D . 10.35 -20.23 -51.81
O4 MAN D . 9.14 -21.53 -49.70
O5 MAN D . 9.09 -24.06 -52.24
O6 MAN D . 6.99 -25.13 -51.52
C1 MAN D . 4.49 -26.86 -58.93
C2 MAN D . 4.30 -25.66 -59.88
C3 MAN D . 3.76 -24.47 -59.11
C4 MAN D . 2.51 -24.85 -58.31
C5 MAN D . 2.81 -26.02 -57.40
C6 MAN D . 1.60 -26.52 -56.64
O2 MAN D . 3.31 -25.96 -60.87
O3 MAN D . 3.49 -23.36 -59.97
O4 MAN D . 2.06 -23.74 -57.54
O5 MAN D . 3.32 -27.13 -58.18
O6 MAN D . 0.98 -25.40 -56.02
C1 NAG E . -6.58 -62.36 -40.68
C2 NAG E . -6.32 -63.59 -39.82
C3 NAG E . -6.15 -64.81 -40.71
C4 NAG E . -7.32 -64.96 -41.67
C5 NAG E . -7.61 -63.64 -42.40
C6 NAG E . -8.88 -63.69 -43.21
C7 NAG E . -5.17 -63.57 -37.66
C8 NAG E . -3.88 -63.32 -36.94
N2 NAG E . -5.15 -63.39 -38.98
O3 NAG E . -6.03 -65.98 -39.89
O4 NAG E . -7.01 -65.95 -42.64
O5 NAG E . -7.75 -62.57 -41.46
O6 NAG E . -10.02 -63.54 -42.38
O7 NAG E . -6.19 -63.90 -37.06
C1 NAG E . -7.77 -67.15 -42.38
C2 NAG E . -7.80 -67.97 -43.66
C3 NAG E . -8.54 -69.29 -43.43
C4 NAG E . -7.96 -70.03 -42.24
C5 NAG E . -7.92 -69.13 -41.02
C6 NAG E . -7.23 -69.77 -39.83
C7 NAG E . -7.69 -66.74 -45.78
C8 NAG E . -8.47 -65.98 -46.81
N2 NAG E . -8.40 -67.23 -44.75
O3 NAG E . -8.47 -70.08 -44.60
O4 NAG E . -8.75 -71.18 -41.96
O5 NAG E . -7.19 -67.93 -41.32
O6 NAG E . -6.27 -70.73 -40.25
O7 NAG E . -6.48 -66.90 -45.87
C1 NAG F . 1.61 -65.32 -48.74
C2 NAG F . 2.50 -64.45 -49.63
C3 NAG F . 1.85 -64.27 -51.00
C4 NAG F . 1.51 -65.62 -51.61
C5 NAG F . 0.67 -66.44 -50.65
C6 NAG F . 0.40 -67.85 -51.13
C7 NAG F . 3.96 -62.80 -48.54
C8 NAG F . 5.06 -63.82 -48.69
N2 NAG F . 2.75 -63.16 -49.01
O3 NAG F . 2.74 -63.56 -51.86
O4 NAG F . 0.78 -65.44 -52.82
O5 NAG F . 1.36 -66.57 -49.39
O6 NAG F . 1.34 -68.77 -50.61
O7 NAG F . 4.15 -61.71 -48.02
BE BEF G . -0.10 23.78 17.33
F1 BEF G . 1.12 24.70 17.43
F2 BEF G . -1.21 24.37 16.40
F3 BEF G . -0.74 23.59 18.74
MG MG H . -3.52 22.53 16.90
C01 A1BD6 I . -13.76 -6.34 -5.11
C02 A1BD6 I . -13.05 -7.54 -4.47
C03 A1BD6 I . -11.98 -7.04 -3.47
C04 A1BD6 I . -14.07 -8.42 -3.74
C05 A1BD6 I . -12.31 -8.36 -5.55
C06 A1BD6 I . -11.21 -7.61 -6.23
C07 A1BD6 I . -10.77 -7.85 -7.46
C08 A1BD6 I . -11.33 -7.24 -8.64
C09 A1BD6 I . -12.35 -6.38 -8.61
C10 A1BD6 I . -12.30 -4.93 -8.95
C11 A1BD6 I . -13.64 -4.17 -8.82
C12 A1BD6 I . -14.40 -4.39 -10.13
C13 A1BD6 I . -13.43 -5.05 -11.12
C14 A1BD6 I . -13.53 -5.15 -12.42
C15 A1BD6 I . -12.54 -5.80 -13.23
C16 A1BD6 I . -12.90 -7.03 -13.55
C17 A1BD6 I . -12.04 -8.00 -14.41
C18 A1BD6 I . -12.86 -8.96 -15.28
C19 A1BD6 I . -14.18 -8.31 -15.67
C20 A1BD6 I . -12.06 -9.23 -16.54
C22 A1BD6 I . -10.64 -8.69 -16.48
C24 A1BD6 I . -9.72 -9.91 -16.41
C26 A1BD6 I . -8.83 -10.15 -17.64
C28 A1BD6 I . -7.52 -9.35 -17.62
O30 A1BD6 I . -5.32 -10.37 -17.24
O33 A1BD6 I . -3.46 -9.56 -19.91
O35 A1BD6 I . -6.66 -10.04 -20.57
O36 A1BD6 I . -3.29 -11.17 -17.47
O37 A1BD6 I . -7.18 -8.94 -16.33
O21 A1BD6 I . -12.73 -8.68 -17.63
O23 A1BD6 I . -10.40 -7.92 -17.61
O25 A1BD6 I . -8.95 -9.82 -15.24
O27 A1BD6 I . -9.53 -9.81 -18.79
C29 A1BD6 I . -6.46 -10.27 -18.15
C31 A1BD6 I . -4.27 -10.71 -17.96
C32 A1BD6 I . -4.48 -10.41 -19.43
C34 A1BD6 I . -5.85 -9.68 -19.41
#